data_2MFO
# 
_entry.id   2MFO 
# 
_audit_conform.dict_name       mmcif_pdbx.dic 
_audit_conform.dict_version    5.371 
_audit_conform.dict_location   http://mmcif.pdb.org/dictionaries/ascii/mmcif_pdbx.dic 
# 
loop_
_database_2.database_id 
_database_2.database_code 
_database_2.pdbx_database_accession 
_database_2.pdbx_DOI 
PDB   2MFO         pdb_00002mfo 10.2210/pdb2mfo/pdb 
RCSB  RCSB103571   ?            ?                   
BMRB  19556        ?            ?                   
WWPDB D_1000103571 ?            ?                   
# 
loop_
_pdbx_database_related.db_id 
_pdbx_database_related.db_name 
_pdbx_database_related.content_type 
_pdbx_database_related.details 
19556 BMRB unspecified . 
2MFM  PDB  unspecified . 
# 
_pdbx_database_status.deposit_site                    BMRB 
_pdbx_database_status.entry_id                        2MFO 
_pdbx_database_status.process_site                    RCSB 
_pdbx_database_status.recvd_initial_deposition_date   2013-10-14 
_pdbx_database_status.SG_entry                        ? 
_pdbx_database_status.status_code                     REL 
_pdbx_database_status.status_code_mr                  REL 
_pdbx_database_status.status_code_sf                  ? 
_pdbx_database_status.status_code_cs                  REL 
_pdbx_database_status.methods_development_category    ? 
_pdbx_database_status.pdb_format_compatible           Y 
_pdbx_database_status.status_code_nmr_data            REL 
# 
loop_
_audit_author.name 
_audit_author.pdbx_ordinal 
'Bobay, B.G.'   1 
'DiGennaro, P.' 2 
'Bird, D.M.'    3 
# 
_citation.id                        primary 
_citation.title                     'Solution NMR studies of the plant peptide hormone CEP inform function.' 
_citation.journal_abbrev            'Febs Lett.' 
_citation.journal_volume            587 
_citation.page_first                3979 
_citation.page_last                 3985 
_citation.year                      2013 
_citation.journal_id_ASTM           FEBLAL 
_citation.country                   NE 
_citation.journal_id_ISSN           0014-5793 
_citation.journal_id_CSD            0165 
_citation.book_publisher            ? 
_citation.pdbx_database_id_PubMed   24211833 
_citation.pdbx_database_id_DOI      10.1016/j.febslet.2013.10.033 
# 
loop_
_citation_author.citation_id 
_citation_author.name 
_citation_author.ordinal 
_citation_author.identifier_ORCID 
primary 'Bobay, B.G.'      1 ? 
primary 'Digennaro, P.'    2 ? 
primary 'Scholl, E.'       3 ? 
primary 'Imin, N.'         4 ? 
primary 'Djordjevic, M.A.' 5 ? 
primary 'McK Bird, D.'     6 ? 
# 
_entity.id                         1 
_entity.type                       polymer 
_entity.src_method                 syn 
_entity.pdbx_description           CEP1 
_entity.formula_weight             1499.561 
_entity.pdbx_number_of_molecules   1 
_entity.pdbx_ec                    ? 
_entity.pdbx_mutation              ? 
_entity.pdbx_fragment              ? 
_entity.details                    ? 
# 
_entity_poly.entity_id                      1 
_entity_poly.type                           'polypeptide(L)' 
_entity_poly.nstd_linkage                   no 
_entity_poly.nstd_monomer                   yes 
_entity_poly.pdbx_seq_one_letter_code       'AFQ(HZP)TTPGNS(HZP)GVGH' 
_entity_poly.pdbx_seq_one_letter_code_can   AFQPTTPGNSPGVGH 
_entity_poly.pdbx_strand_id                 A 
_entity_poly.pdbx_target_identifier         ? 
# 
loop_
_entity_poly_seq.entity_id 
_entity_poly_seq.num 
_entity_poly_seq.mon_id 
_entity_poly_seq.hetero 
1 1  ALA n 
1 2  PHE n 
1 3  GLN n 
1 4  HZP n 
1 5  THR n 
1 6  THR n 
1 7  PRO n 
1 8  GLY n 
1 9  ASN n 
1 10 SER n 
1 11 HZP n 
1 12 GLY n 
1 13 VAL n 
1 14 GLY n 
1 15 HIS n 
# 
_pdbx_entity_src_syn.entity_id              1 
_pdbx_entity_src_syn.pdbx_src_id            1 
_pdbx_entity_src_syn.pdbx_alt_source_flag   sample 
_pdbx_entity_src_syn.pdbx_beg_seq_num       ? 
_pdbx_entity_src_syn.pdbx_end_seq_num       ? 
_pdbx_entity_src_syn.organism_scientific    'Medicago truncatula' 
_pdbx_entity_src_syn.organism_common_name   ? 
_pdbx_entity_src_syn.ncbi_taxonomy_id       3880 
_pdbx_entity_src_syn.details                'Synthetic peptide with modification of hydroxy-proline at positions 4 and 11' 
# 
_struct_ref.id                         1 
_struct_ref.db_name                    PDB 
_struct_ref.db_code                    2MFO 
_struct_ref.pdbx_db_accession          2MFO 
_struct_ref.entity_id                  1 
_struct_ref.pdbx_align_begin           ? 
_struct_ref.pdbx_seq_one_letter_code   ? 
_struct_ref.pdbx_db_isoform            ? 
# 
_struct_ref_seq.align_id                      1 
_struct_ref_seq.ref_id                        1 
_struct_ref_seq.pdbx_PDB_id_code              2MFO 
_struct_ref_seq.pdbx_strand_id                A 
_struct_ref_seq.seq_align_beg                 1 
_struct_ref_seq.pdbx_seq_align_beg_ins_code   ? 
_struct_ref_seq.seq_align_end                 15 
_struct_ref_seq.pdbx_seq_align_end_ins_code   ? 
_struct_ref_seq.pdbx_db_accession             2MFO 
_struct_ref_seq.db_align_beg                  1 
_struct_ref_seq.pdbx_db_align_beg_ins_code    ? 
_struct_ref_seq.db_align_end                  15 
_struct_ref_seq.pdbx_db_align_end_ins_code    ? 
_struct_ref_seq.pdbx_auth_seq_align_beg       1 
_struct_ref_seq.pdbx_auth_seq_align_end       15 
# 
loop_
_chem_comp.id 
_chem_comp.type 
_chem_comp.mon_nstd_flag 
_chem_comp.name 
_chem_comp.pdbx_synonyms 
_chem_comp.formula 
_chem_comp.formula_weight 
ALA 'L-peptide linking' y ALANINE                    ? 'C3 H7 N O2'     89.093  
ASN 'L-peptide linking' y ASPARAGINE                 ? 'C4 H8 N2 O3'    132.118 
GLN 'L-peptide linking' y GLUTAMINE                  ? 'C5 H10 N2 O3'   146.144 
GLY 'peptide linking'   y GLYCINE                    ? 'C2 H5 N O2'     75.067  
HIS 'L-peptide linking' y HISTIDINE                  ? 'C6 H10 N3 O2 1' 156.162 
HZP 'L-peptide linking' n '(4S)-4-hydroxy-L-proline' ? 'C5 H9 N O3'     131.130 
PHE 'L-peptide linking' y PHENYLALANINE              ? 'C9 H11 N O2'    165.189 
PRO 'L-peptide linking' y PROLINE                    ? 'C5 H9 N O2'     115.130 
SER 'L-peptide linking' y SERINE                     ? 'C3 H7 N O3'     105.093 
THR 'L-peptide linking' y THREONINE                  ? 'C4 H9 N O3'     119.119 
VAL 'L-peptide linking' y VALINE                     ? 'C5 H11 N O2'    117.146 
# 
loop_
_pdbx_nmr_exptl.conditions_id 
_pdbx_nmr_exptl.experiment_id 
_pdbx_nmr_exptl.solution_id 
_pdbx_nmr_exptl.type 
1 1 1 '2D 1H-15N HSQC' 
1 2 1 '2D 1H-13C HSQC' 
1 3 1 '2D 1H-1H TOCSY' 
1 4 1 '2D 1H-1H NOESY' 
# 
_pdbx_nmr_exptl_sample_conditions.conditions_id       1 
_pdbx_nmr_exptl_sample_conditions.ionic_strength      0 
_pdbx_nmr_exptl_sample_conditions.pH                  7.0 
_pdbx_nmr_exptl_sample_conditions.pressure            ambient 
_pdbx_nmr_exptl_sample_conditions.pressure_units      ? 
_pdbx_nmr_exptl_sample_conditions.temperature         298 
_pdbx_nmr_exptl_sample_conditions.temperature_units   K 
# 
_pdbx_nmr_sample_details.contents         '4 mg/mL protein, 10 uM DSS, 90% H2O/10% D2O' 
_pdbx_nmr_sample_details.solution_id      1 
_pdbx_nmr_sample_details.solvent_system   '90% H2O/10% D2O' 
# 
_pdbx_nmr_spectrometer.field_strength    700 
_pdbx_nmr_spectrometer.manufacturer      Bruker 
_pdbx_nmr_spectrometer.model             AVANCE 
_pdbx_nmr_spectrometer.spectrometer_id   1 
_pdbx_nmr_spectrometer.type              'Bruker Avance' 
# 
_pdbx_nmr_refine.entry_id           2MFO 
_pdbx_nmr_refine.method             'simulated annealing' 
_pdbx_nmr_refine.details            ? 
_pdbx_nmr_refine.software_ordinal   1 
# 
_pdbx_nmr_details.entry_id   2MFO 
_pdbx_nmr_details.text       'NOESY collected at 50 and 300 ms ; TOCSY collected at 30 and 80 ms' 
# 
_pdbx_nmr_ensemble.average_constraint_violations_per_residue     ? 
_pdbx_nmr_ensemble.average_constraints_per_residue               ? 
_pdbx_nmr_ensemble.average_distance_constraint_violation         ? 
_pdbx_nmr_ensemble.average_torsion_angle_constraint_violation    ? 
_pdbx_nmr_ensemble.conformer_selection_criteria                  'structures with the lowest energy' 
_pdbx_nmr_ensemble.conformers_calculated_total_number            10 
_pdbx_nmr_ensemble.conformers_submitted_total_number             10 
_pdbx_nmr_ensemble.distance_constraint_violation_method          ? 
_pdbx_nmr_ensemble.entry_id                                      2MFO 
_pdbx_nmr_ensemble.maximum_distance_constraint_violation         ? 
_pdbx_nmr_ensemble.maximum_lower_distance_constraint_violation   ? 
_pdbx_nmr_ensemble.maximum_torsion_angle_constraint_violation    ? 
_pdbx_nmr_ensemble.maximum_upper_distance_constraint_violation   ? 
_pdbx_nmr_ensemble.torsion_angle_constraint_violation_method     ? 
# 
_pdbx_nmr_representative.conformer_id         1 
_pdbx_nmr_representative.entry_id             2MFO 
_pdbx_nmr_representative.selection_criteria   'lowest energy' 
# 
loop_
_pdbx_nmr_software.authors 
_pdbx_nmr_software.classification 
_pdbx_nmr_software.name 
_pdbx_nmr_software.version 
_pdbx_nmr_software.ordinal 
'Delaglio, Grzesiek, Vuister, Zhu, Pfeifer and Bax' processing                  NMRPipe ? 1 
'Johnson, One Moon Scientific'                      'data analysis'             NMRView ? 2 
'Johnson, One Moon Scientific'                      'chemical shift assignment' NMRView ? 3 
'Johnson, One Moon Scientific'                      'peak picking'              NMRView ? 4 
;Linge, O'Donoghue and Nilges
;
'structure solution'        ARIA    ? 5 
;Linge, O'Donoghue and Nilges
;
refinement                  ARIA    ? 6 
# 
_exptl.absorpt_coefficient_mu     ? 
_exptl.absorpt_correction_T_max   ? 
_exptl.absorpt_correction_T_min   ? 
_exptl.absorpt_correction_type    ? 
_exptl.absorpt_process_details    ? 
_exptl.crystals_number            ? 
_exptl.details                    ? 
_exptl.entry_id                   2MFO 
_exptl.method                     'SOLUTION NMR' 
_exptl.method_details             ? 
# 
_struct.entry_id                  2MFO 
_struct.title                     
'Solution structure of the C-terminally encoded peptide of the model plant host Medicago truncatula - CEP1' 
_struct.pdbx_model_details        'lowest energy, model1' 
_struct.pdbx_CASP_flag            ? 
_struct.pdbx_model_type_details   ? 
# 
_struct_keywords.entry_id        2MFO 
_struct_keywords.pdbx_keywords   'PLANT PROTEIN' 
_struct_keywords.text            'CEP, Medicago, root-knot nematode, CLE, Plant Protein' 
# 
_struct_asym.id                            A 
_struct_asym.pdbx_blank_PDB_chainid_flag   N 
_struct_asym.pdbx_modified                 N 
_struct_asym.entity_id                     1 
_struct_asym.details                       ? 
# 
_struct_biol.id        1 
_struct_biol.details   ? 
# 
loop_
_struct_conn.id 
_struct_conn.conn_type_id 
_struct_conn.pdbx_leaving_atom_flag 
_struct_conn.pdbx_PDB_id 
_struct_conn.ptnr1_label_asym_id 
_struct_conn.ptnr1_label_comp_id 
_struct_conn.ptnr1_label_seq_id 
_struct_conn.ptnr1_label_atom_id 
_struct_conn.pdbx_ptnr1_label_alt_id 
_struct_conn.pdbx_ptnr1_PDB_ins_code 
_struct_conn.pdbx_ptnr1_standard_comp_id 
_struct_conn.ptnr1_symmetry 
_struct_conn.ptnr2_label_asym_id 
_struct_conn.ptnr2_label_comp_id 
_struct_conn.ptnr2_label_seq_id 
_struct_conn.ptnr2_label_atom_id 
_struct_conn.pdbx_ptnr2_label_alt_id 
_struct_conn.pdbx_ptnr2_PDB_ins_code 
_struct_conn.ptnr1_auth_asym_id 
_struct_conn.ptnr1_auth_comp_id 
_struct_conn.ptnr1_auth_seq_id 
_struct_conn.ptnr2_auth_asym_id 
_struct_conn.ptnr2_auth_comp_id 
_struct_conn.ptnr2_auth_seq_id 
_struct_conn.ptnr2_symmetry 
_struct_conn.pdbx_ptnr3_label_atom_id 
_struct_conn.pdbx_ptnr3_label_seq_id 
_struct_conn.pdbx_ptnr3_label_comp_id 
_struct_conn.pdbx_ptnr3_label_asym_id 
_struct_conn.pdbx_ptnr3_label_alt_id 
_struct_conn.pdbx_ptnr3_PDB_ins_code 
_struct_conn.details 
_struct_conn.pdbx_dist_value 
_struct_conn.pdbx_value_order 
_struct_conn.pdbx_role 
covale1 covale both ? A GLN 3  C ? ? ? 1_555 A HZP 4  N ? ? A GLN 3  A HZP 4  1_555 ? ? ? ? ? ? ? 1.344 ? ? 
covale2 covale both ? A HZP 4  C ? ? ? 1_555 A THR 5  N ? ? A HZP 4  A THR 5  1_555 ? ? ? ? ? ? ? 1.326 ? ? 
covale3 covale both ? A SER 10 C ? ? ? 1_555 A HZP 11 N ? ? A SER 10 A HZP 11 1_555 ? ? ? ? ? ? ? 1.356 ? ? 
covale4 covale both ? A HZP 11 C ? ? ? 1_555 A GLY 12 N ? ? A HZP 11 A GLY 12 1_555 ? ? ? ? ? ? ? 1.327 ? ? 
# 
_struct_conn_type.id          covale 
_struct_conn_type.criteria    ? 
_struct_conn_type.reference   ? 
# 
_atom_sites.entry_id                    2MFO 
_atom_sites.fract_transf_matrix[1][1]   1.000000 
_atom_sites.fract_transf_matrix[1][2]   0.000000 
_atom_sites.fract_transf_matrix[1][3]   0.000000 
_atom_sites.fract_transf_matrix[2][1]   0.000000 
_atom_sites.fract_transf_matrix[2][2]   1.000000 
_atom_sites.fract_transf_matrix[2][3]   0.000000 
_atom_sites.fract_transf_matrix[3][1]   0.000000 
_atom_sites.fract_transf_matrix[3][2]   0.000000 
_atom_sites.fract_transf_matrix[3][3]   1.000000 
_atom_sites.fract_transf_vector[1]      0.00000 
_atom_sites.fract_transf_vector[2]      0.00000 
_atom_sites.fract_transf_vector[3]      0.00000 
# 
loop_
_atom_type.symbol 
C 
H 
N 
O 
# 
loop_
_atom_site.group_PDB 
_atom_site.id 
_atom_site.type_symbol 
_atom_site.label_atom_id 
_atom_site.label_alt_id 
_atom_site.label_comp_id 
_atom_site.label_asym_id 
_atom_site.label_entity_id 
_atom_site.label_seq_id 
_atom_site.pdbx_PDB_ins_code 
_atom_site.Cartn_x 
_atom_site.Cartn_y 
_atom_site.Cartn_z 
_atom_site.occupancy 
_atom_site.B_iso_or_equiv 
_atom_site.pdbx_formal_charge 
_atom_site.auth_seq_id 
_atom_site.auth_comp_id 
_atom_site.auth_asym_id 
_atom_site.auth_atom_id 
_atom_site.pdbx_PDB_model_num 
ATOM   1    N N    . ALA A 1 1  ? 9.376   0.368  0.868  1.00 1.56 ? 1  ALA A N    1  
ATOM   2    C CA   . ALA A 1 1  ? 9.616   0.602  2.309  1.00 1.52 ? 1  ALA A CA   1  
ATOM   3    C C    . ALA A 1 1  ? 8.354   1.108  2.996  1.00 1.41 ? 1  ALA A C    1  
ATOM   4    O O    . ALA A 1 1  ? 7.799   0.437  3.865  1.00 1.82 ? 1  ALA A O    1  
ATOM   5    C CB   . ALA A 1 1  ? 10.757  1.589  2.504  1.00 1.85 ? 1  ALA A CB   1  
ATOM   6    H H1   . ALA A 1 1  ? 10.252  0.061  0.403  1.00 2.02 ? 1  ALA A H1   1  
ATOM   7    H H2   . ALA A 1 1  ? 9.040   1.240  0.409  1.00 2.14 ? 1  ALA A H2   1  
ATOM   8    H H3   . ALA A 1 1  ? 8.657   -0.371 0.743  1.00 1.23 ? 1  ALA A H3   1  
ATOM   9    H HA   . ALA A 1 1  ? 9.906   -0.335 2.759  1.00 1.79 ? 1  ALA A HA   1  
ATOM   10   H HB1  . ALA A 1 1  ? 11.630  1.241  1.972  1.00 2.23 ? 1  ALA A HB1  1  
ATOM   11   H HB2  . ALA A 1 1  ? 10.985  1.672  3.556  1.00 1.95 ? 1  ALA A HB2  1  
ATOM   12   H HB3  . ALA A 1 1  ? 10.466  2.557  2.122  1.00 2.42 ? 1  ALA A HB3  1  
ATOM   13   N N    . PHE A 1 2  ? 7.894   2.289  2.595  1.00 1.39 ? 2  PHE A N    1  
ATOM   14   C CA   . PHE A 1 2  ? 6.739   2.910  3.230  1.00 1.50 ? 2  PHE A CA   1  
ATOM   15   C C    . PHE A 1 2  ? 5.443   2.218  2.830  1.00 1.32 ? 2  PHE A C    1  
ATOM   16   O O    . PHE A 1 2  ? 4.535   2.067  3.648  1.00 1.65 ? 2  PHE A O    1  
ATOM   17   C CB   . PHE A 1 2  ? 6.672   4.400  2.882  1.00 1.72 ? 2  PHE A CB   1  
ATOM   18   C CG   . PHE A 1 2  ? 7.786   5.211  3.483  1.00 1.94 ? 2  PHE A CG   1  
ATOM   19   C CD1  . PHE A 1 2  ? 7.663   5.739  4.757  1.00 2.24 ? 2  PHE A CD1  1  
ATOM   20   C CD2  . PHE A 1 2  ? 8.953   5.446  2.774  1.00 2.29 ? 2  PHE A CD2  1  
ATOM   21   C CE1  . PHE A 1 2  ? 8.683   6.487  5.314  1.00 2.82 ? 2  PHE A CE1  1  
ATOM   22   C CE2  . PHE A 1 2  ? 9.977   6.192  3.325  1.00 2.71 ? 2  PHE A CE2  1  
ATOM   23   C CZ   . PHE A 1 2  ? 9.841   6.713  4.596  1.00 2.97 ? 2  PHE A CZ   1  
ATOM   24   H H    . PHE A 1 2  ? 8.341   2.753  1.853  1.00 1.68 ? 2  PHE A H    1  
ATOM   25   H HA   . PHE A 1 2  ? 6.863   2.812  4.297  1.00 1.73 ? 2  PHE A HA   1  
ATOM   26   H HB2  . PHE A 1 2  ? 6.720   4.513  1.809  1.00 2.04 ? 2  PHE A HB2  1  
ATOM   27   H HB3  . PHE A 1 2  ? 5.735   4.802  3.238  1.00 1.80 ? 2  PHE A HB3  1  
ATOM   28   H HD1  . PHE A 1 2  ? 6.758   5.562  5.319  1.00 2.25 ? 2  PHE A HD1  1  
ATOM   29   H HD2  . PHE A 1 2  ? 9.060   5.041  1.780  1.00 2.46 ? 2  PHE A HD2  1  
ATOM   30   H HE1  . PHE A 1 2  ? 8.575   6.894  6.307  1.00 3.31 ? 2  PHE A HE1  1  
ATOM   31   H HE2  . PHE A 1 2  ? 10.882  6.368  2.762  1.00 3.04 ? 2  PHE A HE2  1  
ATOM   32   H HZ   . PHE A 1 2  ? 10.640  7.297  5.028  1.00 3.47 ? 2  PHE A HZ   1  
ATOM   33   N N    . GLN A 1 3  ? 5.355   1.796  1.580  1.00 1.01 ? 3  GLN A N    1  
ATOM   34   C CA   . GLN A 1 3  ? 4.170   1.100  1.105  1.00 1.01 ? 3  GLN A CA   1  
ATOM   35   C C    . GLN A 1 3  ? 4.300   -0.397 1.374  1.00 0.79 ? 3  GLN A C    1  
ATOM   36   O O    . GLN A 1 3  ? 5.357   -0.985 1.143  1.00 0.69 ? 3  GLN A O    1  
ATOM   37   C CB   . GLN A 1 3  ? 3.919   1.361  -0.392 1.00 1.10 ? 3  GLN A CB   1  
ATOM   38   C CG   . GLN A 1 3  ? 4.933   0.722  -1.339 1.00 1.04 ? 3  GLN A CG   1  
ATOM   39   C CD   . GLN A 1 3  ? 6.297   1.381  -1.298 1.00 1.51 ? 3  GLN A CD   1  
ATOM   40   O OE1  . GLN A 1 3  ? 7.157   1.009  -0.500 1.00 2.06 ? 3  GLN A OE1  1  
ATOM   41   N NE2  . GLN A 1 3  ? 6.507   2.360  -2.161 1.00 2.12 ? 3  GLN A NE2  1  
ATOM   42   H H    . GLN A 1 3  ? 6.103   1.950  0.963  1.00 0.99 ? 3  GLN A H    1  
ATOM   43   H HA   . GLN A 1 3  ? 3.328   1.475  1.669  1.00 1.30 ? 3  GLN A HA   1  
ATOM   44   H HB2  . GLN A 1 3  ? 2.942   0.983  -0.648 1.00 1.21 ? 3  GLN A HB2  1  
ATOM   45   H HB3  . GLN A 1 3  ? 3.931   2.427  -0.561 1.00 1.37 ? 3  GLN A HB3  1  
ATOM   46   H HG2  . GLN A 1 3  ? 5.048   -0.317 -1.069 1.00 1.37 ? 3  GLN A HG2  1  
ATOM   47   H HG3  . GLN A 1 3  ? 4.551   0.784  -2.346 1.00 1.25 ? 3  GLN A HG3  1  
ATOM   48   H HE21 . GLN A 1 3  ? 5.777   2.603  -2.773 1.00 2.44 ? 3  GLN A HE21 1  
ATOM   49   H HE22 . GLN A 1 3  ? 7.381   2.804  -2.157 1.00 2.57 ? 3  GLN A HE22 1  
HETATM 50   N N    . HZP A 1 4  ? 3.233   -1.022 1.900  1.00 0.94 ? 4  HZP A N    1  
HETATM 51   C CA   . HZP A 1 4  ? 3.188   -2.480 2.152  1.00 0.99 ? 4  HZP A CA   1  
HETATM 52   C C    . HZP A 1 4  ? 3.191   -3.325 0.874  1.00 1.07 ? 4  HZP A C    1  
HETATM 53   O O    . HZP A 1 4  ? 2.438   -4.292 0.745  1.00 1.40 ? 4  HZP A O    1  
HETATM 54   C CB   . HZP A 1 4  ? 1.870   -2.667 2.911  1.00 1.29 ? 4  HZP A CB   1  
HETATM 55   C CG   . HZP A 1 4  ? 1.046   -1.469 2.549  1.00 1.42 ? 4  HZP A CG   1  
HETATM 56   C CD   . HZP A 1 4  ? 2.007   -0.343 2.353  1.00 1.26 ? 4  HZP A CD   1  
HETATM 57   O OD1  . HZP A 1 4  ? 0.326   -1.711 1.341  1.00 1.59 ? 4  HZP A OD1  1  
HETATM 58   H HA   . HZP A 1 4  ? 4.011   -2.790 2.770  1.00 0.96 ? 4  HZP A HA   1  
HETATM 59   H HB   . HZP A 1 4  ? 1.386   -3.583 2.591  1.00 1.44 ? 4  HZP A HB   1  
HETATM 60   H HBA  . HZP A 1 4  ? 2.048   -2.685 3.972  1.00 1.37 ? 4  HZP A HBA  1  
HETATM 61   H HG   . HZP A 1 4  ? 0.349   -1.235 3.339  1.00 1.64 ? 4  HZP A HG   1  
HETATM 62   H HD   . HZP A 1 4  ? 2.172   0.175  3.286  1.00 1.34 ? 4  HZP A HD   1  
HETATM 63   H HDA  . HZP A 1 4  ? 1.635   0.334  1.600  1.00 1.41 ? 4  HZP A HDA  1  
HETATM 64   H HOD1 . HZP A 1 4  ? -0.513  -1.225 1.368  1.00 1.63 ? 4  HZP A HOD1 1  
ATOM   65   N N    . THR A 1 5  ? 4.054   -2.933 -0.051 1.00 0.94 ? 5  THR A N    1  
ATOM   66   C CA   . THR A 1 5  ? 4.274   -3.604 -1.339 1.00 1.16 ? 5  THR A CA   1  
ATOM   67   C C    . THR A 1 5  ? 2.995   -3.815 -2.138 1.00 1.27 ? 5  THR A C    1  
ATOM   68   O O    . THR A 1 5  ? 2.956   -4.602 -3.082 1.00 2.15 ? 5  THR A O    1  
ATOM   69   C CB   . THR A 1 5  ? 5.030   -4.944 -1.177 1.00 1.66 ? 5  THR A CB   1  
ATOM   70   O OG1  . THR A 1 5  ? 4.287   -5.860 -0.357 1.00 1.97 ? 5  THR A OG1  1  
ATOM   71   C CG2  . THR A 1 5  ? 6.398   -4.710 -0.556 1.00 1.90 ? 5  THR A CG2  1  
ATOM   72   H H    . THR A 1 5  ? 4.595   -2.138 0.153  1.00 0.83 ? 5  THR A H    1  
ATOM   73   H HA   . THR A 1 5  ? 4.893   -2.947 -1.913 1.00 1.13 ? 5  THR A HA   1  
ATOM   74   H HB   . THR A 1 5  ? 5.168   -5.381 -2.154 1.00 1.80 ? 5  THR A HB   1  
ATOM   75   H HG1  . THR A 1 5  ? 3.584   -5.378 0.107  1.00 1.75 ? 5  THR A HG1  1  
ATOM   76   H HG21 . THR A 1 5  ? 6.940   -3.982 -1.144 1.00 2.07 ? 5  THR A HG21 1  
ATOM   77   H HG22 . THR A 1 5  ? 6.949   -5.638 -0.539 1.00 2.09 ? 5  THR A HG22 1  
ATOM   78   H HG23 . THR A 1 5  ? 6.278   -4.342 0.452  1.00 2.31 ? 5  THR A HG23 1  
ATOM   79   N N    . THR A 1 6  ? 1.974   -3.086 -1.761 1.00 1.06 ? 6  THR A N    1  
ATOM   80   C CA   . THR A 1 6  ? 0.686   -3.135 -2.429 1.00 1.26 ? 6  THR A CA   1  
ATOM   81   C C    . THR A 1 6  ? 0.074   -1.736 -2.513 1.00 0.96 ? 6  THR A C    1  
ATOM   82   O O    . THR A 1 6  ? -0.880  -1.408 -1.805 1.00 1.13 ? 6  THR A O    1  
ATOM   83   C CB   . THR A 1 6  ? -0.258  -4.098 -1.685 1.00 1.84 ? 6  THR A CB   1  
ATOM   84   O OG1  . THR A 1 6  ? -0.235  -3.815 -0.282 1.00 2.43 ? 6  THR A OG1  1  
ATOM   85   C CG2  . THR A 1 6  ? 0.181   -5.530 -1.900 1.00 2.19 ? 6  THR A CG2  1  
ATOM   86   H H    . THR A 1 6  ? 2.086   -2.507 -0.996 1.00 1.45 ? 6  THR A H    1  
ATOM   87   H HA   . THR A 1 6  ? 0.843   -3.509 -3.429 1.00 1.48 ? 6  THR A HA   1  
ATOM   88   H HB   . THR A 1 6  ? -1.262  -3.976 -2.065 1.00 2.30 ? 6  THR A HB   1  
ATOM   89   H HG1  . THR A 1 6  ? 0.613   -4.098 0.087  1.00 2.70 ? 6  THR A HG1  1  
ATOM   90   H HG21 . THR A 1 6  ? 1.222   -5.611 -1.615 1.00 2.25 ? 6  THR A HG21 1  
ATOM   91   H HG22 . THR A 1 6  ? 0.065   -5.792 -2.941 1.00 2.57 ? 6  THR A HG22 1  
ATOM   92   H HG23 . THR A 1 6  ? -0.415  -6.190 -1.289 1.00 2.69 ? 6  THR A HG23 1  
ATOM   93   N N    . PRO A 1 7  ? 0.634   -0.891 -3.389 1.00 0.81 ? 7  PRO A N    1  
ATOM   94   C CA   . PRO A 1 7  ? 0.223   0.508  -3.529 1.00 0.78 ? 7  PRO A CA   1  
ATOM   95   C C    . PRO A 1 7  ? -1.170  0.643  -4.139 1.00 0.74 ? 7  PRO A C    1  
ATOM   96   O O    . PRO A 1 7  ? -1.678  -0.295 -4.757 1.00 1.23 ? 7  PRO A O    1  
ATOM   97   C CB   . PRO A 1 7  ? 1.291   1.107  -4.460 1.00 1.12 ? 7  PRO A CB   1  
ATOM   98   C CG   . PRO A 1 7  ? 2.385   0.092  -4.505 1.00 1.14 ? 7  PRO A CG   1  
ATOM   99   C CD   . PRO A 1 7  ? 1.709   -1.226 -4.326 1.00 1.10 ? 7  PRO A CD   1  
ATOM   100  H HA   . PRO A 1 7  ? 0.245   1.020  -2.578 1.00 0.83 ? 7  PRO A HA   1  
ATOM   101  H HB2  . PRO A 1 7  ? 0.865   1.273  -5.439 1.00 1.37 ? 7  PRO A HB2  1  
ATOM   102  H HB3  . PRO A 1 7  ? 1.642   2.044  -4.052 1.00 1.35 ? 7  PRO A HB3  1  
ATOM   103  H HG2  . PRO A 1 7  ? 2.888   0.132  -5.459 1.00 1.49 ? 7  PRO A HG2  1  
ATOM   104  H HG3  . PRO A 1 7  ? 3.083   0.265  -3.699 1.00 1.13 ? 7  PRO A HG3  1  
ATOM   105  H HD2  . PRO A 1 7  ? 1.312   -1.583 -5.266 1.00 1.33 ? 7  PRO A HD2  1  
ATOM   106  H HD3  . PRO A 1 7  ? 2.387   -1.950 -3.896 1.00 1.28 ? 7  PRO A HD3  1  
ATOM   107  N N    . GLY A 1 8  ? -1.775  1.811  -3.973 1.00 0.74 ? 8  GLY A N    1  
ATOM   108  C CA   . GLY A 1 8  ? -3.132  2.010  -4.440 1.00 0.79 ? 8  GLY A CA   1  
ATOM   109  C C    . GLY A 1 8  ? -4.160  1.518  -3.442 1.00 0.74 ? 8  GLY A C    1  
ATOM   110  O O    . GLY A 1 8  ? -5.244  1.080  -3.828 1.00 1.17 ? 8  GLY A O    1  
ATOM   111  H H    . GLY A 1 8  ? -1.290  2.556  -3.551 1.00 1.12 ? 8  GLY A H    1  
ATOM   112  H HA2  . GLY A 1 8  ? -3.287  3.064  -4.612 1.00 0.98 ? 8  GLY A HA2  1  
ATOM   113  H HA3  . GLY A 1 8  ? -3.264  1.478  -5.369 1.00 0.95 ? 8  GLY A HA3  1  
ATOM   114  N N    . ASN A 1 9  ? -3.801  1.601  -2.155 1.00 1.05 ? 9  ASN A N    1  
ATOM   115  C CA   . ASN A 1 9  ? -4.655  1.188  -1.028 1.00 1.38 ? 9  ASN A CA   1  
ATOM   116  C C    . ASN A 1 9  ? -5.411  -0.112 -1.295 1.00 1.13 ? 9  ASN A C    1  
ATOM   117  O O    . ASN A 1 9  ? -6.584  -0.243 -0.948 1.00 1.89 ? 9  ASN A O    1  
ATOM   118  C CB   . ASN A 1 9  ? -5.632  2.305  -0.605 1.00 2.39 ? 9  ASN A CB   1  
ATOM   119  C CG   . ASN A 1 9  ? -6.582  2.770  -1.701 1.00 3.21 ? 9  ASN A CG   1  
ATOM   120  O OD1  . ASN A 1 9  ? -7.664  2.210  -1.890 1.00 3.66 ? 9  ASN A OD1  1  
ATOM   121  N ND2  . ASN A 1 9  ? -6.190  3.810  -2.420 1.00 3.96 ? 9  ASN A ND2  1  
ATOM   122  H H    . ASN A 1 9  ? -2.922  1.976  -1.951 1.00 1.43 ? 9  ASN A H    1  
ATOM   123  H HA   . ASN A 1 9  ? -3.989  1.004  -0.197 1.00 1.60 ? 9  ASN A HA   1  
ATOM   124  H HB2  . ASN A 1 9  ? -6.230  1.948  0.220  1.00 2.76 ? 9  ASN A HB2  1  
ATOM   125  H HB3  . ASN A 1 9  ? -5.058  3.158  -0.272 1.00 2.82 ? 9  ASN A HB3  1  
ATOM   126  H HD21 . ASN A 1 9  ? -5.319  4.214  -2.210 1.00 3.96 ? 9  ASN A HD21 1  
ATOM   127  H HD22 . ASN A 1 9  ? -6.791  4.150  -3.117 1.00 4.72 ? 9  ASN A HD22 1  
ATOM   128  N N    . SER A 1 10 ? -4.726  -1.084 -1.883 1.00 0.88 ? 10 SER A N    1  
ATOM   129  C CA   . SER A 1 10 ? -5.331  -2.376 -2.165 1.00 1.64 ? 10 SER A CA   1  
ATOM   130  C C    . SER A 1 10 ? -5.777  -3.082 -0.872 1.00 1.50 ? 10 SER A C    1  
ATOM   131  O O    . SER A 1 10 ? -6.898  -3.584 -0.806 1.00 2.03 ? 10 SER A O    1  
ATOM   132  C CB   . SER A 1 10 ? -4.366  -3.251 -2.970 1.00 2.42 ? 10 SER A CB   1  
ATOM   133  O OG   . SER A 1 10 ? -3.869  -2.544 -4.094 1.00 2.86 ? 10 SER A OG   1  
ATOM   134  H H    . SER A 1 10 ? -3.793  -0.927 -2.141 1.00 0.93 ? 10 SER A H    1  
ATOM   135  H HA   . SER A 1 10 ? -6.210  -2.192 -2.767 1.00 2.13 ? 10 SER A HA   1  
ATOM   136  H HB2  . SER A 1 10 ? -3.537  -3.547 -2.349 1.00 2.46 ? 10 SER A HB2  1  
ATOM   137  H HB3  . SER A 1 10 ? -4.887  -4.131 -3.318 1.00 2.98 ? 10 SER A HB3  1  
ATOM   138  H HG   . SER A 1 10 ? -2.930  -2.731 -4.199 1.00 2.74 ? 10 SER A HG   1  
HETATM 139  N N    . HZP A 1 11 ? -4.922  -3.145 0.179  1.00 1.06 ? 11 HZP A N    1  
HETATM 140  C CA   . HZP A 1 11 ? -5.301  -3.695 1.473  1.00 1.03 ? 11 HZP A CA   1  
HETATM 141  C C    . HZP A 1 11 ? -5.660  -2.601 2.477  1.00 1.12 ? 11 HZP A C    1  
HETATM 142  O O    . HZP A 1 11 ? -5.520  -2.780 3.686  1.00 1.52 ? 11 HZP A O    1  
HETATM 143  C CB   . HZP A 1 11 ? -4.022  -4.422 1.911  1.00 1.13 ? 11 HZP A CB   1  
HETATM 144  C CG   . HZP A 1 11 ? -2.908  -3.851 1.062  1.00 1.27 ? 11 HZP A CG   1  
HETATM 145  C CD   . HZP A 1 11 ? -3.508  -2.762 0.211  1.00 1.22 ? 11 HZP A CD   1  
HETATM 146  O OD1  . HZP A 1 11 ? -1.871  -3.325 1.895  1.00 1.41 ? 11 HZP A OD1  1  
HETATM 147  H HA   . HZP A 1 11 ? -6.114  -4.400 1.390  1.00 1.24 ? 11 HZP A HA   1  
HETATM 148  H HB   . HZP A 1 11 ? -3.839  -4.238 2.961  1.00 1.12 ? 11 HZP A HB   1  
HETATM 149  H HBA  . HZP A 1 11 ? -4.115  -5.478 1.726  1.00 1.48 ? 11 HZP A HBA  1  
HETATM 150  H HG   . HZP A 1 11 ? -2.492  -4.620 0.429  1.00 1.63 ? 11 HZP A HG   1  
HETATM 151  H HD   . HZP A 1 11 ? -3.074  -2.769 -0.774 1.00 1.59 ? 11 HZP A HD   1  
HETATM 152  H HDA  . HZP A 1 11 ? -3.373  -1.800 0.686  1.00 1.50 ? 11 HZP A HDA  1  
HETATM 153  H HOD1 . HZP A 1 11 ? -1.023  -3.408 1.428  1.00 1.38 ? 11 HZP A HOD1 1  
ATOM   154  N N    . GLY A 1 12 ? -6.101  -1.459 1.965  1.00 1.50 ? 12 GLY A N    1  
ATOM   155  C CA   . GLY A 1 12 ? -6.477  -0.353 2.823  1.00 1.81 ? 12 GLY A CA   1  
ATOM   156  C C    . GLY A 1 12 ? -5.381  0.683  2.942  1.00 1.34 ? 12 GLY A C    1  
ATOM   157  O O    . GLY A 1 12 ? -5.626  1.877  2.777  1.00 1.56 ? 12 GLY A O    1  
ATOM   158  H H    . GLY A 1 12 ? -6.174  -1.368 0.992  1.00 1.92 ? 12 GLY A H    1  
ATOM   159  H HA2  . GLY A 1 12 ? -7.360  0.118  2.416  1.00 2.34 ? 12 GLY A HA2  1  
ATOM   160  H HA3  . GLY A 1 12 ? -6.706  -0.735 3.808  1.00 2.05 ? 12 GLY A HA3  1  
ATOM   161  N N    . VAL A 1 13 ? -4.173  0.229  3.227  1.00 1.06 ? 13 VAL A N    1  
ATOM   162  C CA   . VAL A 1 13 ? -3.036  1.123  3.363  1.00 0.94 ? 13 VAL A CA   1  
ATOM   163  C C    . VAL A 1 13 ? -2.101  0.963  2.171  1.00 0.94 ? 13 VAL A C    1  
ATOM   164  O O    . VAL A 1 13 ? -1.786  -0.156 1.764  1.00 1.85 ? 13 VAL A O    1  
ATOM   165  C CB   . VAL A 1 13 ? -2.256  0.855  4.670  1.00 1.42 ? 13 VAL A CB   1  
ATOM   166  C CG1  . VAL A 1 13 ? -1.107  1.842  4.833  1.00 2.01 ? 13 VAL A CG1  1  
ATOM   167  C CG2  . VAL A 1 13 ? -3.187  0.916  5.872  1.00 1.99 ? 13 VAL A CG2  1  
ATOM   168  H H    . VAL A 1 13 ? -4.038  -0.735 3.342  1.00 1.28 ? 13 VAL A H    1  
ATOM   169  H HA   . VAL A 1 13 ? -3.408  2.138  3.386  1.00 1.07 ? 13 VAL A HA   1  
ATOM   170  H HB   . VAL A 1 13 ? -1.838  -0.139 4.617  1.00 2.09 ? 13 VAL A HB   1  
ATOM   171  H HG11 . VAL A 1 13 ? -0.573  1.626  5.747  1.00 2.66 ? 13 VAL A HG11 1  
ATOM   172  H HG12 . VAL A 1 13 ? -1.500  2.847  4.874  1.00 2.28 ? 13 VAL A HG12 1  
ATOM   173  H HG13 . VAL A 1 13 ? -0.434  1.754  3.994  1.00 2.34 ? 13 VAL A HG13 1  
ATOM   174  H HG21 . VAL A 1 13 ? -2.623  0.732  6.774  1.00 2.37 ? 13 VAL A HG21 1  
ATOM   175  H HG22 . VAL A 1 13 ? -3.955  0.164  5.769  1.00 2.45 ? 13 VAL A HG22 1  
ATOM   176  H HG23 . VAL A 1 13 ? -3.643  1.892  5.926  1.00 2.37 ? 13 VAL A HG23 1  
ATOM   177  N N    . GLY A 1 14 ? -1.678  2.079  1.604  1.00 0.93 ? 14 GLY A N    1  
ATOM   178  C CA   . GLY A 1 14 ? -0.775  2.043  0.477  1.00 1.12 ? 14 GLY A CA   1  
ATOM   179  C C    . GLY A 1 14 ? -0.638  3.401  -0.168 1.00 1.65 ? 14 GLY A C    1  
ATOM   180  O O    . GLY A 1 14 ? -1.158  4.388  0.348  1.00 2.10 ? 14 GLY A O    1  
ATOM   181  H H    . GLY A 1 14 ? -1.984  2.947  1.954  1.00 1.56 ? 14 GLY A H    1  
ATOM   182  H HA2  . GLY A 1 14 ? 0.194   1.712  0.814  1.00 1.43 ? 14 GLY A HA2  1  
ATOM   183  H HA3  . GLY A 1 14 ? -1.153  1.343  -0.254 1.00 1.19 ? 14 GLY A HA3  1  
ATOM   184  N N    . HIS A 1 15 ? 0.061   3.455  -1.293 1.00 1.91 ? 15 HIS A N    1  
ATOM   185  C CA   . HIS A 1 15 ? 0.248   4.704  -2.012 1.00 2.63 ? 15 HIS A CA   1  
ATOM   186  C C    . HIS A 1 15 ? 0.719   4.416  -3.428 1.00 2.88 ? 15 HIS A C    1  
ATOM   187  O O    . HIS A 1 15 ? 1.941   4.349  -3.645 1.00 3.11 ? 15 HIS A O    1  
ATOM   188  C CB   . HIS A 1 15 ? 1.255   5.600  -1.281 1.00 3.38 ? 15 HIS A CB   1  
ATOM   189  C CG   . HIS A 1 15 ? 1.403   6.967  -1.878 1.00 4.23 ? 15 HIS A CG   1  
ATOM   190  N ND1  . HIS A 1 15 ? 0.484   7.974  -1.685 1.00 4.85 ? 15 HIS A ND1  1  
ATOM   191  C CD2  . HIS A 1 15 ? 2.370   7.490  -2.669 1.00 4.97 ? 15 HIS A CD2  1  
ATOM   192  C CE1  . HIS A 1 15 ? 0.876   9.056  -2.328 1.00 5.75 ? 15 HIS A CE1  1  
ATOM   193  N NE2  . HIS A 1 15 ? 2.021   8.793  -2.934 1.00 5.86 ? 15 HIS A NE2  1  
ATOM   194  O OXT  . HIS A 1 15 ? -0.140  4.229  -4.309 1.00 3.39 ? 15 HIS A OXT  1  
ATOM   195  H H    . HIS A 1 15 ? 0.460   2.638  -1.649 1.00 1.77 ? 15 HIS A H    1  
ATOM   196  H HA   . HIS A 1 15 ? -0.708  5.205  -2.061 1.00 2.73 ? 15 HIS A HA   1  
ATOM   197  H HB2  . HIS A 1 15 ? 0.938   5.720  -0.257 1.00 3.51 ? 15 HIS A HB2  1  
ATOM   198  H HB3  . HIS A 1 15 ? 2.224   5.124  -1.297 1.00 3.63 ? 15 HIS A HB3  1  
ATOM   199  H HD1  . HIS A 1 15 ? -0.337  7.904  -1.150 1.00 4.89 ? 15 HIS A HD1  1  
ATOM   200  H HD2  . HIS A 1 15 ? 3.255   6.980  -3.023 1.00 5.12 ? 15 HIS A HD2  1  
ATOM   201  H HE1  . HIS A 1 15 ? 0.352   9.999  -2.355 1.00 6.48 ? 15 HIS A HE1  1  
ATOM   202  H HE2  . HIS A 1 15 ? 2.621   9.471  -3.311 1.00 6.63 ? 15 HIS A HE2  1  
ATOM   203  N N    . ALA A 1 1  ? 8.139   -0.289 1.015  1.00 1.56 ? 1  ALA A N    2  
ATOM   204  C CA   . ALA A 1 1  ? 8.490   -0.215 2.453  1.00 1.52 ? 1  ALA A CA   2  
ATOM   205  C C    . ALA A 1 1  ? 7.381   0.459  3.251  1.00 1.41 ? 1  ALA A C    2  
ATOM   206  O O    . ALA A 1 1  ? 6.711   -0.188 4.056  1.00 1.82 ? 1  ALA A O    2  
ATOM   207  C CB   . ALA A 1 1  ? 9.804   0.524  2.643  1.00 1.85 ? 1  ALA A CB   2  
ATOM   208  H H1   . ALA A 1 1  ? 8.917   -0.718 0.476  1.00 2.02 ? 1  ALA A H1   2  
ATOM   209  H H2   . ALA A 1 1  ? 7.956   0.664  0.640  1.00 2.14 ? 1  ALA A H2   2  
ATOM   210  H H3   . ALA A 1 1  ? 7.284   -0.866 0.885  1.00 1.23 ? 1  ALA A H3   2  
ATOM   211  H HA   . ALA A 1 1  ? 8.616   -1.221 2.820  1.00 1.79 ? 1  ALA A HA   2  
ATOM   212  H HB1  . ALA A 1 1  ? 9.701   1.538  2.291  1.00 2.23 ? 1  ALA A HB1  2  
ATOM   213  H HB2  . ALA A 1 1  ? 10.583  0.025  2.089  1.00 1.95 ? 1  ALA A HB2  2  
ATOM   214  H HB3  . ALA A 1 1  ? 10.060  0.533  3.691  1.00 2.42 ? 1  ALA A HB3  2  
ATOM   215  N N    . PHE A 1 2  ? 7.185   1.758  3.023  1.00 1.39 ? 2  PHE A N    2  
ATOM   216  C CA   . PHE A 1 2  ? 6.159   2.516  3.738  1.00 1.50 ? 2  PHE A CA   2  
ATOM   217  C C    . PHE A 1 2  ? 4.771   2.021  3.353  1.00 1.32 ? 2  PHE A C    2  
ATOM   218  O O    . PHE A 1 2  ? 3.885   1.879  4.200  1.00 1.65 ? 2  PHE A O    2  
ATOM   219  C CB   . PHE A 1 2  ? 6.287   4.011  3.439  1.00 1.72 ? 2  PHE A CB   2  
ATOM   220  C CG   . PHE A 1 2  ? 7.584   4.612  3.902  1.00 1.94 ? 2  PHE A CG   2  
ATOM   221  C CD1  . PHE A 1 2  ? 7.751   4.997  5.221  1.00 2.24 ? 2  PHE A CD1  2  
ATOM   222  C CD2  . PHE A 1 2  ? 8.634   4.789  3.018  1.00 2.29 ? 2  PHE A CD2  2  
ATOM   223  C CE1  . PHE A 1 2  ? 8.943   5.547  5.651  1.00 2.82 ? 2  PHE A CE1  2  
ATOM   224  C CE2  . PHE A 1 2  ? 9.830   5.339  3.441  1.00 2.71 ? 2  PHE A CE2  2  
ATOM   225  C CZ   . PHE A 1 2  ? 9.979   5.728  4.761  1.00 2.97 ? 2  PHE A CZ   2  
ATOM   226  H H    . PHE A 1 2  ? 7.743   2.217  2.358  1.00 1.68 ? 2  PHE A H    2  
ATOM   227  H HA   . PHE A 1 2  ? 6.305   2.354  4.794  1.00 1.73 ? 2  PHE A HA   2  
ATOM   228  H HB2  . PHE A 1 2  ? 6.214   4.166  2.373  1.00 2.04 ? 2  PHE A HB2  2  
ATOM   229  H HB3  . PHE A 1 2  ? 5.481   4.538  3.928  1.00 1.80 ? 2  PHE A HB3  2  
ATOM   230  H HD1  . PHE A 1 2  ? 6.937   4.863  5.919  1.00 2.25 ? 2  PHE A HD1  2  
ATOM   231  H HD2  . PHE A 1 2  ? 8.514   4.492  1.986  1.00 2.46 ? 2  PHE A HD2  2  
ATOM   232  H HE1  . PHE A 1 2  ? 9.059   5.843  6.683  1.00 3.31 ? 2  PHE A HE1  2  
ATOM   233  H HE2  . PHE A 1 2  ? 10.641  5.472  2.741  1.00 3.04 ? 2  PHE A HE2  2  
ATOM   234  H HZ   . PHE A 1 2  ? 10.910  6.162  5.094  1.00 3.47 ? 2  PHE A HZ   2  
ATOM   235  N N    . GLN A 1 3  ? 4.595   1.756  2.071  1.00 1.01 ? 3  GLN A N    2  
ATOM   236  C CA   . GLN A 1 3  ? 3.362   1.195  1.564  1.00 1.01 ? 3  GLN A CA   2  
ATOM   237  C C    . GLN A 1 3  ? 3.465   -0.328 1.554  1.00 0.79 ? 3  GLN A C    2  
ATOM   238  O O    . GLN A 1 3  ? 4.404   -0.888 0.986  1.00 0.69 ? 3  GLN A O    2  
ATOM   239  C CB   . GLN A 1 3  ? 3.055   1.746  0.159  1.00 1.10 ? 3  GLN A CB   2  
ATOM   240  C CG   . GLN A 1 3  ? 4.107   1.451  -0.910 1.00 1.04 ? 3  GLN A CG   2  
ATOM   241  C CD   . GLN A 1 3  ? 5.467   2.063  -0.633 1.00 1.51 ? 3  GLN A CD   2  
ATOM   242  O OE1  . GLN A 1 3  ? 6.320   1.444  -0.002 1.00 2.06 ? 3  GLN A OE1  2  
ATOM   243  N NE2  . GLN A 1 3  ? 5.680   3.282  -1.097 1.00 2.12 ? 3  GLN A NE2  2  
ATOM   244  H H    . GLN A 1 3  ? 5.322   1.937  1.438  1.00 0.99 ? 3  GLN A H    2  
ATOM   245  H HA   . GLN A 1 3  ? 2.569   1.483  2.236  1.00 1.30 ? 3  GLN A HA   2  
ATOM   246  H HB2  . GLN A 1 3  ? 2.121   1.325  -0.177 1.00 1.21 ? 3  GLN A HB2  2  
ATOM   247  H HB3  . GLN A 1 3  ? 2.945   2.819  0.231  1.00 1.37 ? 3  GLN A HB3  2  
ATOM   248  H HG2  . GLN A 1 3  ? 4.226   0.382  -0.992 1.00 1.37 ? 3  GLN A HG2  2  
ATOM   249  H HG3  . GLN A 1 3  ? 3.750   1.839  -1.845 1.00 1.25 ? 3  GLN A HG3  2  
ATOM   250  H HE21 . GLN A 1 3  ? 4.956   3.724  -1.593 1.00 2.44 ? 3  GLN A HE21 2  
ATOM   251  H HE22 . GLN A 1 3  ? 6.553   3.694  -0.932 1.00 2.57 ? 3  GLN A HE22 2  
HETATM 252  N N    . HZP A 1 4  ? 2.522   -1.019 2.212  1.00 0.94 ? 4  HZP A N    2  
HETATM 253  C CA   . HZP A 1 4  ? 2.536   -2.477 2.284  1.00 0.99 ? 4  HZP A CA   2  
HETATM 254  C C    . HZP A 1 4  ? 2.091   -3.111 0.973  1.00 1.07 ? 4  HZP A C    2  
HETATM 255  O O    . HZP A 1 4  ? 0.974   -3.620 0.863  1.00 1.40 ? 4  HZP A O    2  
HETATM 256  C CB   . HZP A 1 4  ? 1.560   -2.793 3.418  1.00 1.29 ? 4  HZP A CB   2  
HETATM 257  C CG   . HZP A 1 4  ? 0.636   -1.617 3.511  1.00 1.42 ? 4  HZP A CG   2  
HETATM 258  C CD   . HZP A 1 4  ? 1.380   -0.430 2.933  1.00 1.26 ? 4  HZP A CD   2  
HETATM 259  O OD1  . HZP A 1 4  ? -0.568  -1.860 2.781  1.00 1.59 ? 4  HZP A OD1  2  
HETATM 260  H HA   . HZP A 1 4  ? 3.520   -2.846 2.539  1.00 0.96 ? 4  HZP A HA   2  
HETATM 261  H HB   . HZP A 1 4  ? 1.012   -3.698 3.185  1.00 1.44 ? 4  HZP A HB   2  
HETATM 262  H HBA  . HZP A 1 4  ? 2.096   -2.911 4.345  1.00 1.37 ? 4  HZP A HBA  2  
HETATM 263  H HG   . HZP A 1 4  ? 0.370   -1.444 4.548  1.00 1.64 ? 4  HZP A HG   2  
HETATM 264  H HD   . HZP A 1 4  ? 1.721   0.212  3.732  1.00 1.34 ? 4  HZP A HD   2  
HETATM 265  H HDA  . HZP A 1 4  ? 0.740   0.118  2.257  1.00 1.41 ? 4  HZP A HDA  2  
HETATM 266  H HOD1 . HZP A 1 4  ? -0.574  -1.322 1.980  1.00 1.63 ? 4  HZP A HOD1 2  
ATOM   267  N N    . THR A 1 5  ? 2.987   -3.046 -0.016 1.00 0.94 ? 5  THR A N    2  
ATOM   268  C CA   . THR A 1 5  ? 2.775   -3.572 -1.368 1.00 1.16 ? 5  THR A CA   2  
ATOM   269  C C    . THR A 1 5  ? 1.589   -2.910 -2.077 1.00 1.27 ? 5  THR A C    2  
ATOM   270  O O    . THR A 1 5  ? 0.761   -2.251 -1.451 1.00 2.15 ? 5  THR A O    2  
ATOM   271  C CB   . THR A 1 5  ? 2.618   -5.116 -1.394 1.00 1.66 ? 5  THR A CB   2  
ATOM   272  O OG1  . THR A 1 5  ? 1.456   -5.535 -0.668 1.00 1.97 ? 5  THR A OG1  2  
ATOM   273  C CG2  . THR A 1 5  ? 3.849   -5.786 -0.802 1.00 1.90 ? 5  THR A CG2  2  
ATOM   274  H H    . THR A 1 5  ? 3.843   -2.607 0.174  1.00 0.83 ? 5  THR A H    2  
ATOM   275  H HA   . THR A 1 5  ? 3.665   -3.332 -1.933 1.00 1.13 ? 5  THR A HA   2  
ATOM   276  H HB   . THR A 1 5  ? 2.522   -5.433 -2.423 1.00 1.80 ? 5  THR A HB   2  
ATOM   277  H HG1  . THR A 1 5  ? 1.055   -4.762 -0.235 1.00 1.75 ? 5  THR A HG1  2  
ATOM   278  H HG21 . THR A 1 5  ? 4.733   -5.411 -1.293 1.00 2.07 ? 5  THR A HG21 2  
ATOM   279  H HG22 . THR A 1 5  ? 3.780   -6.854 -0.946 1.00 2.09 ? 5  THR A HG22 2  
ATOM   280  H HG23 . THR A 1 5  ? 3.903   -5.568 0.255  1.00 2.31 ? 5  THR A HG23 2  
ATOM   281  N N    . THR A 1 6  ? 1.538   -3.083 -3.395 1.00 1.06 ? 6  THR A N    2  
ATOM   282  C CA   . THR A 1 6  ? 0.463   -2.554 -4.239 1.00 1.26 ? 6  THR A CA   2  
ATOM   283  C C    . THR A 1 6  ? 0.110   -1.094 -3.917 1.00 0.96 ? 6  THR A C    2  
ATOM   284  O O    . THR A 1 6  ? -0.972  -0.802 -3.396 1.00 1.13 ? 6  THR A O    2  
ATOM   285  C CB   . THR A 1 6  ? -0.800  -3.440 -4.153 1.00 1.84 ? 6  THR A CB   2  
ATOM   286  O OG1  . THR A 1 6  ? -1.090  -3.766 -2.786 1.00 2.43 ? 6  THR A OG1  2  
ATOM   287  C CG2  . THR A 1 6  ? -0.614  -4.718 -4.953 1.00 2.19 ? 6  THR A CG2  2  
ATOM   288  H H    . THR A 1 6  ? 2.257   -3.592 -3.826 1.00 1.45 ? 6  THR A H    2  
ATOM   289  H HA   . THR A 1 6  ? 0.817   -2.593 -5.259 1.00 1.48 ? 6  THR A HA   2  
ATOM   290  H HB   . THR A 1 6  ? -1.633  -2.892 -4.567 1.00 2.30 ? 6  THR A HB   2  
ATOM   291  H HG1  . THR A 1 6  ? -0.620  -3.146 -2.210 1.00 2.70 ? 6  THR A HG1  2  
ATOM   292  H HG21 . THR A 1 6  ? 0.252   -5.249 -4.589 1.00 2.25 ? 6  THR A HG21 2  
ATOM   293  H HG22 . THR A 1 6  ? -0.474  -4.475 -5.997 1.00 2.57 ? 6  THR A HG22 2  
ATOM   294  H HG23 . THR A 1 6  ? -1.489  -5.342 -4.843 1.00 2.69 ? 6  THR A HG23 2  
ATOM   295  N N    . PRO A 1 7  ? 1.027   -0.156 -4.218 1.00 0.81 ? 7  PRO A N    2  
ATOM   296  C CA   . PRO A 1 7  ? 0.794   1.279  -4.017 1.00 0.78 ? 7  PRO A CA   2  
ATOM   297  C C    . PRO A 1 7  ? -0.408  1.776  -4.808 1.00 0.74 ? 7  PRO A C    2  
ATOM   298  O O    . PRO A 1 7  ? -0.438  1.698  -6.037 1.00 1.23 ? 7  PRO A O    2  
ATOM   299  C CB   . PRO A 1 7  ? 2.084   1.926  -4.525 1.00 1.12 ? 7  PRO A CB   2  
ATOM   300  C CG   . PRO A 1 7  ? 3.100   0.849  -4.401 1.00 1.14 ? 7  PRO A CG   2  
ATOM   301  C CD   . PRO A 1 7  ? 2.371   -0.409 -4.761 1.00 1.10 ? 7  PRO A CD   2  
ATOM   302  H HA   . PRO A 1 7  ? 0.655   1.514  -2.971 1.00 0.83 ? 7  PRO A HA   2  
ATOM   303  H HB2  . PRO A 1 7  ? 1.955   2.237  -5.552 1.00 1.37 ? 7  PRO A HB2  2  
ATOM   304  H HB3  . PRO A 1 7  ? 2.332   2.779  -3.911 1.00 1.35 ? 7  PRO A HB3  2  
ATOM   305  H HG2  . PRO A 1 7  ? 3.919   1.027  -5.083 1.00 1.49 ? 7  PRO A HG2  2  
ATOM   306  H HG3  . PRO A 1 7  ? 3.452   0.798  -3.381 1.00 1.13 ? 7  PRO A HG3  2  
ATOM   307  H HD2  . PRO A 1 7  ? 2.340   -0.538 -5.834 1.00 1.33 ? 7  PRO A HD2  2  
ATOM   308  H HD3  . PRO A 1 7  ? 2.826   -1.264 -4.286 1.00 1.28 ? 7  PRO A HD3  2  
ATOM   309  N N    . GLY A 1 8  ? -1.396  2.275  -4.089 1.00 0.74 ? 8  GLY A N    2  
ATOM   310  C CA   . GLY A 1 8  ? -2.618  2.724  -4.708 1.00 0.79 ? 8  GLY A CA   2  
ATOM   311  C C    . GLY A 1 8  ? -3.827  2.121  -4.031 1.00 0.74 ? 8  GLY A C    2  
ATOM   312  O O    . GLY A 1 8  ? -4.869  2.769  -3.907 1.00 1.17 ? 8  GLY A O    2  
ATOM   313  H H    . GLY A 1 8  ? -1.295  2.343  -3.120 1.00 1.12 ? 8  GLY A H    2  
ATOM   314  H HA2  . GLY A 1 8  ? -2.670  3.798  -4.635 1.00 0.98 ? 8  GLY A HA2  2  
ATOM   315  H HA3  . GLY A 1 8  ? -2.616  2.436  -5.748 1.00 0.95 ? 8  GLY A HA3  2  
ATOM   316  N N    . ASN A 1 9  ? -3.677  0.879  -3.584 1.00 1.05 ? 9  ASN A N    2  
ATOM   317  C CA   . ASN A 1 9  ? -4.734  0.175  -2.863 1.00 1.38 ? 9  ASN A CA   2  
ATOM   318  C C    . ASN A 1 9  ? -4.196  -1.131 -2.296 1.00 1.13 ? 9  ASN A C    2  
ATOM   319  O O    . ASN A 1 9  ? -3.935  -2.082 -3.035 1.00 1.89 ? 9  ASN A O    2  
ATOM   320  C CB   . ASN A 1 9  ? -5.935  -0.105 -3.776 1.00 2.39 ? 9  ASN A CB   2  
ATOM   321  C CG   . ASN A 1 9  ? -7.089  -0.756 -3.032 1.00 3.21 ? 9  ASN A CG   2  
ATOM   322  O OD1  . ASN A 1 9  ? -7.929  -0.069 -2.447 1.00 3.66 ? 9  ASN A OD1  2  
ATOM   323  N ND2  . ASN A 1 9  ? -7.151  -2.079 -3.059 1.00 3.96 ? 9  ASN A ND2  2  
ATOM   324  H H    . ASN A 1 9  ? -2.823  0.418  -3.741 1.00 1.43 ? 9  ASN A H    2  
ATOM   325  H HA   . ASN A 1 9  ? -5.052  0.803  -2.044 1.00 1.60 ? 9  ASN A HA   2  
ATOM   326  H HB2  . ASN A 1 9  ? -6.284  0.825  -4.199 1.00 2.76 ? 9  ASN A HB2  2  
ATOM   327  H HB3  . ASN A 1 9  ? -5.628  -0.765 -4.573 1.00 2.82 ? 9  ASN A HB3  2  
ATOM   328  H HD21 . ASN A 1 9  ? -6.458  -2.567 -3.556 1.00 3.96 ? 9  ASN A HD21 2  
ATOM   329  H HD22 . ASN A 1 9  ? -7.886  -2.521 -2.577 1.00 4.72 ? 9  ASN A HD22 2  
ATOM   330  N N    . SER A 1 10 ? -4.018  -1.168 -0.986 1.00 0.88 ? 10 SER A N    2  
ATOM   331  C CA   . SER A 1 10 ? -3.491  -2.345 -0.313 1.00 1.64 ? 10 SER A CA   2  
ATOM   332  C C    . SER A 1 10 ? -4.203  -2.545 1.022  1.00 1.50 ? 10 SER A C    2  
ATOM   333  O O    . SER A 1 10 ? -4.930  -1.650 1.459  1.00 2.03 ? 10 SER A O    2  
ATOM   334  C CB   . SER A 1 10 ? -1.982  -2.181 -0.099 1.00 2.42 ? 10 SER A CB   2  
ATOM   335  O OG   . SER A 1 10 ? -1.685  -0.936 0.505  1.00 2.86 ? 10 SER A OG   2  
ATOM   336  H H    . SER A 1 10 ? -4.252  -0.378 -0.450 1.00 0.93 ? 10 SER A H    2  
ATOM   337  H HA   . SER A 1 10 ? -3.672  -3.202 -0.942 1.00 2.13 ? 10 SER A HA   2  
ATOM   338  H HB2  . SER A 1 10 ? -1.620  -2.969 0.542  1.00 2.46 ? 10 SER A HB2  2  
ATOM   339  H HB3  . SER A 1 10 ? -1.478  -2.232 -1.052 1.00 2.98 ? 10 SER A HB3  2  
ATOM   340  H HG   . SER A 1 10 ? -2.124  -0.234 0.010  1.00 2.74 ? 10 SER A HG   2  
HETATM 341  N N    . HZP A 1 11 ? -4.041  -3.721 1.667  1.00 1.06 ? 11 HZP A N    2  
HETATM 342  C CA   . HZP A 1 11 ? -4.605  -4.003 2.995  1.00 1.03 ? 11 HZP A CA   2  
HETATM 343  C C    . HZP A 1 11 ? -4.479  -2.818 3.951  1.00 1.12 ? 11 HZP A C    2  
HETATM 344  O O    . HZP A 1 11 ? -5.472  -2.365 4.527  1.00 1.52 ? 11 HZP A O    2  
HETATM 345  C CB   . HZP A 1 11 ? -3.769  -5.194 3.497  1.00 1.13 ? 11 HZP A CB   2  
HETATM 346  C CG   . HZP A 1 11 ? -2.773  -5.494 2.412  1.00 1.27 ? 11 HZP A CG   2  
HETATM 347  C CD   . HZP A 1 11 ? -3.323  -4.893 1.155  1.00 1.22 ? 11 HZP A CD   2  
HETATM 348  O OD1  . HZP A 1 11 ? -1.511  -4.904 2.740  1.00 1.41 ? 11 HZP A OD1  2  
HETATM 349  H HA   . HZP A 1 11 ? -5.643  -4.294 2.927  1.00 1.24 ? 11 HZP A HA   2  
HETATM 350  H HB   . HZP A 1 11 ? -3.262  -4.924 4.415  1.00 1.12 ? 11 HZP A HB   2  
HETATM 351  H HBA  . HZP A 1 11 ? -4.404  -6.048 3.659  1.00 1.48 ? 11 HZP A HBA  2  
HETATM 352  H HG   . HZP A 1 11 ? -2.649  -6.563 2.297  1.00 1.63 ? 11 HZP A HG   2  
HETATM 353  H HD   . HZP A 1 11 ? -3.998  -5.582 0.671  1.00 1.59 ? 11 HZP A HD   2  
HETATM 354  H HDA  . HZP A 1 11 ? -2.520  -4.609 0.491  1.00 1.50 ? 11 HZP A HDA  2  
HETATM 355  H HOD1 . HZP A 1 11 ? -0.803  -5.454 2.385  1.00 1.38 ? 11 HZP A HOD1 2  
ATOM   356  N N    . GLY A 1 12 ? -3.264  -2.308 4.101  1.00 1.50 ? 12 GLY A N    2  
ATOM   357  C CA   . GLY A 1 12 ? -3.052  -1.139 4.930  1.00 1.81 ? 12 GLY A CA   2  
ATOM   358  C C    . GLY A 1 12 ? -3.657  0.099  4.304  1.00 1.34 ? 12 GLY A C    2  
ATOM   359  O O    . GLY A 1 12 ? -4.637  0.647  4.808  1.00 1.56 ? 12 GLY A O    2  
ATOM   360  H H    . GLY A 1 12 ? -2.504  -2.726 3.639  1.00 1.92 ? 12 GLY A H    2  
ATOM   361  H HA2  . GLY A 1 12 ? -3.505  -1.303 5.896  1.00 2.34 ? 12 GLY A HA2  2  
ATOM   362  H HA3  . GLY A 1 12 ? -1.991  -0.985 5.060  1.00 2.05 ? 12 GLY A HA3  2  
ATOM   363  N N    . VAL A 1 13 ? -3.076  0.527  3.192  1.00 1.06 ? 13 VAL A N    2  
ATOM   364  C CA   . VAL A 1 13 ? -3.597  1.653  2.430  1.00 0.94 ? 13 VAL A CA   2  
ATOM   365  C C    . VAL A 1 13 ? -2.930  1.707  1.052  1.00 0.94 ? 13 VAL A C    2  
ATOM   366  O O    . VAL A 1 13 ? -3.584  1.458  0.041  1.00 1.85 ? 13 VAL A O    2  
ATOM   367  C CB   . VAL A 1 13 ? -3.450  3.002  3.193  1.00 1.42 ? 13 VAL A CB   2  
ATOM   368  C CG1  . VAL A 1 13 ? -2.041  3.213  3.724  1.00 2.01 ? 13 VAL A CG1  2  
ATOM   369  C CG2  . VAL A 1 13 ? -3.869  4.170  2.311  1.00 1.99 ? 13 VAL A CG2  2  
ATOM   370  H H    . VAL A 1 13 ? -2.279  0.061  2.866  1.00 1.28 ? 13 VAL A H    2  
ATOM   371  H HA   . VAL A 1 13 ? -4.653  1.471  2.280  1.00 1.07 ? 13 VAL A HA   2  
ATOM   372  H HB   . VAL A 1 13 ? -4.119  2.976  4.042  1.00 2.09 ? 13 VAL A HB   2  
ATOM   373  H HG11 . VAL A 1 13 ? -2.028  4.070  4.379  1.00 2.66 ? 13 VAL A HG11 2  
ATOM   374  H HG12 . VAL A 1 13 ? -1.368  3.385  2.899  1.00 2.28 ? 13 VAL A HG12 2  
ATOM   375  H HG13 . VAL A 1 13 ? -1.727  2.337  4.270  1.00 2.34 ? 13 VAL A HG13 2  
ATOM   376  H HG21 . VAL A 1 13 ? -3.255  4.188  1.423  1.00 2.37 ? 13 VAL A HG21 2  
ATOM   377  H HG22 . VAL A 1 13 ? -3.746  5.096  2.855  1.00 2.45 ? 13 VAL A HG22 2  
ATOM   378  H HG23 . VAL A 1 13 ? -4.906  4.054  2.029  1.00 2.37 ? 13 VAL A HG23 2  
ATOM   379  N N    . GLY A 1 14 ? -1.629  1.968  1.006  1.00 0.93 ? 14 GLY A N    2  
ATOM   380  C CA   . GLY A 1 14 ? -0.917  1.976  -0.258 1.00 1.12 ? 14 GLY A CA   2  
ATOM   381  C C    . GLY A 1 14 ? -1.143  3.246  -1.047 1.00 1.65 ? 14 GLY A C    2  
ATOM   382  O O    . GLY A 1 14 ? -2.284  3.661  -1.257 1.00 2.10 ? 14 GLY A O    2  
ATOM   383  H H    . GLY A 1 14 ? -1.148  2.171  1.835  1.00 1.56 ? 14 GLY A H    2  
ATOM   384  H HA2  . GLY A 1 14 ? 0.141   1.872  -0.063 1.00 1.43 ? 14 GLY A HA2  2  
ATOM   385  H HA3  . GLY A 1 14 ? -1.247  1.134  -0.850 1.00 1.19 ? 14 GLY A HA3  2  
ATOM   386  N N    . HIS A 1 15 ? -0.060  3.849  -1.511 1.00 1.91 ? 15 HIS A N    2  
ATOM   387  C CA   . HIS A 1 15 ? -0.142  5.097  -2.248 1.00 2.63 ? 15 HIS A CA   2  
ATOM   388  C C    . HIS A 1 15 ? 1.145   5.324  -3.023 1.00 2.88 ? 15 HIS A C    2  
ATOM   389  O O    . HIS A 1 15 ? 1.151   5.101  -4.249 1.00 3.11 ? 15 HIS A O    2  
ATOM   390  C CB   . HIS A 1 15 ? -0.398  6.268  -1.294 1.00 3.38 ? 15 HIS A CB   2  
ATOM   391  C CG   . HIS A 1 15 ? -0.793  7.534  -1.989 1.00 4.23 ? 15 HIS A CG   2  
ATOM   392  N ND1  . HIS A 1 15 ? 0.067   8.589  -2.186 1.00 4.85 ? 15 HIS A ND1  2  
ATOM   393  C CD2  . HIS A 1 15 ? -1.977  7.914  -2.522 1.00 4.97 ? 15 HIS A CD2  2  
ATOM   394  C CE1  . HIS A 1 15 ? -0.570  9.562  -2.809 1.00 5.75 ? 15 HIS A CE1  2  
ATOM   395  N NE2  . HIS A 1 15 ? -1.813  9.179  -3.026 1.00 5.86 ? 15 HIS A NE2  2  
ATOM   396  O OXT  . HIS A 1 15 ? 2.155   5.704  -2.397 1.00 3.39 ? 15 HIS A OXT  2  
ATOM   397  H H    . HIS A 1 15 ? 0.820   3.444  -1.356 1.00 1.77 ? 15 HIS A H    2  
ATOM   398  H HA   . HIS A 1 15 ? -0.963  5.021  -2.945 1.00 2.73 ? 15 HIS A HA   2  
ATOM   399  H HB2  . HIS A 1 15 ? -1.194  6.001  -0.616 1.00 3.51 ? 15 HIS A HB2  2  
ATOM   400  H HB3  . HIS A 1 15 ? 0.500   6.465  -0.728 1.00 3.63 ? 15 HIS A HB3  2  
ATOM   401  H HD1  . HIS A 1 15 ? 1.009   8.626  -1.903 1.00 4.89 ? 15 HIS A HD1  2  
ATOM   402  H HD2  . HIS A 1 15 ? -2.887  7.330  -2.544 1.00 5.12 ? 15 HIS A HD2  2  
ATOM   403  H HE1  . HIS A 1 15 ? -0.145  10.512 -3.096 1.00 6.48 ? 15 HIS A HE1  2  
ATOM   404  H HE2  . HIS A 1 15 ? -2.548  9.788  -3.263 1.00 6.63 ? 15 HIS A HE2  2  
ATOM   405  N N    . ALA A 1 1  ? 7.160   -1.405 0.195  1.00 1.56 ? 1  ALA A N    3  
ATOM   406  C CA   . ALA A 1 1  ? 8.350   -1.442 1.077  1.00 1.52 ? 1  ALA A CA   3  
ATOM   407  C C    . ALA A 1 1  ? 8.089   -0.657 2.359  1.00 1.41 ? 1  ALA A C    3  
ATOM   408  O O    . ALA A 1 1  ? 7.802   -1.239 3.406  1.00 1.82 ? 1  ALA A O    3  
ATOM   409  C CB   . ALA A 1 1  ? 9.570   -0.898 0.350  1.00 1.85 ? 1  ALA A CB   3  
ATOM   410  H H1   . ALA A 1 1  ? 6.339   -1.819 0.684  1.00 2.02 ? 1  ALA A H1   3  
ATOM   411  H H2   . ALA A 1 1  ? 7.340   -1.945 -0.674 1.00 2.14 ? 1  ALA A H2   3  
ATOM   412  H H3   . ALA A 1 1  ? 6.934   -0.422 -0.064 1.00 1.23 ? 1  ALA A H3   3  
ATOM   413  H HA   . ALA A 1 1  ? 8.545   -2.473 1.336  1.00 1.79 ? 1  ALA A HA   3  
ATOM   414  H HB1  . ALA A 1 1  ? 10.439  -0.995 0.984  1.00 2.23 ? 1  ALA A HB1  3  
ATOM   415  H HB2  . ALA A 1 1  ? 9.413   0.144  0.113  1.00 1.95 ? 1  ALA A HB2  3  
ATOM   416  H HB3  . ALA A 1 1  ? 9.726   -1.455 -0.562 1.00 2.42 ? 1  ALA A HB3  3  
ATOM   417  N N    . PHE A 1 2  ? 8.174   0.668  2.270  1.00 1.39 ? 2  PHE A N    3  
ATOM   418  C CA   . PHE A 1 2  ? 7.873   1.535  3.404  1.00 1.50 ? 2  PHE A CA   3  
ATOM   419  C C    . PHE A 1 2  ? 6.382   1.482  3.690  1.00 1.32 ? 2  PHE A C    3  
ATOM   420  O O    . PHE A 1 2  ? 5.944   1.476  4.838  1.00 1.65 ? 2  PHE A O    3  
ATOM   421  C CB   . PHE A 1 2  ? 8.287   2.979  3.102  1.00 1.72 ? 2  PHE A CB   3  
ATOM   422  C CG   . PHE A 1 2  ? 9.721   3.132  2.686  1.00 1.94 ? 2  PHE A CG   3  
ATOM   423  C CD1  . PHE A 1 2  ? 10.714  3.327  3.634  1.00 2.24 ? 2  PHE A CD1  3  
ATOM   424  C CD2  . PHE A 1 2  ? 10.078  3.076  1.350  1.00 2.29 ? 2  PHE A CD2  3  
ATOM   425  C CE1  . PHE A 1 2  ? 12.035  3.459  3.256  1.00 2.82 ? 2  PHE A CE1  3  
ATOM   426  C CE2  . PHE A 1 2  ? 11.397  3.208  0.967  1.00 2.71 ? 2  PHE A CE2  3  
ATOM   427  C CZ   . PHE A 1 2  ? 12.373  3.428  1.915  1.00 2.97 ? 2  PHE A CZ   3  
ATOM   428  H H    . PHE A 1 2  ? 8.443   1.073  1.419  1.00 1.68 ? 2  PHE A H    3  
ATOM   429  H HA   . PHE A 1 2  ? 8.416   1.176  4.262  1.00 1.73 ? 2  PHE A HA   3  
ATOM   430  H HB2  . PHE A 1 2  ? 7.669   3.362  2.304  1.00 2.04 ? 2  PHE A HB2  3  
ATOM   431  H HB3  . PHE A 1 2  ? 8.131   3.581  3.986  1.00 1.80 ? 2  PHE A HB3  3  
ATOM   432  H HD1  . PHE A 1 2  ? 10.445  3.372  4.680  1.00 2.25 ? 2  PHE A HD1  3  
ATOM   433  H HD2  . PHE A 1 2  ? 9.314   2.926  0.603  1.00 2.46 ? 2  PHE A HD2  3  
ATOM   434  H HE1  . PHE A 1 2  ? 12.799  3.611  4.004  1.00 3.31 ? 2  PHE A HE1  3  
ATOM   435  H HE2  . PHE A 1 2  ? 11.663  3.165  -0.078 1.00 3.04 ? 2  PHE A HE2  3  
ATOM   436  H HZ   . PHE A 1 2  ? 13.404  3.544  1.616  1.00 3.47 ? 2  PHE A HZ   3  
ATOM   437  N N    . GLN A 1 3  ? 5.625   1.438  2.612  1.00 1.01 ? 3  GLN A N    3  
ATOM   438  C CA   . GLN A 1 3  ? 4.187   1.322  2.658  1.00 1.01 ? 3  GLN A CA   3  
ATOM   439  C C    . GLN A 1 3  ? 3.792   -0.143 2.493  1.00 0.79 ? 3  GLN A C    3  
ATOM   440  O O    . GLN A 1 3  ? 4.578   -0.938 1.972  1.00 0.69 ? 3  GLN A O    3  
ATOM   441  C CB   . GLN A 1 3  ? 3.572   2.175  1.540  1.00 1.10 ? 3  GLN A CB   3  
ATOM   442  C CG   . GLN A 1 3  ? 3.995   1.780  0.129  1.00 1.04 ? 3  GLN A CG   3  
ATOM   443  C CD   . GLN A 1 3  ? 5.453   2.074  -0.186 1.00 1.51 ? 3  GLN A CD   3  
ATOM   444  O OE1  . GLN A 1 3  ? 6.332   1.232  0.011  1.00 2.06 ? 3  GLN A OE1  3  
ATOM   445  N NE2  . GLN A 1 3  ? 5.720   3.277  -0.661 1.00 2.12 ? 3  GLN A NE2  3  
ATOM   446  H H    . GLN A 1 3  ? 6.056   1.480  1.732  1.00 0.99 ? 3  GLN A H    3  
ATOM   447  H HA   . GLN A 1 3  ? 3.845   1.681  3.616  1.00 1.30 ? 3  GLN A HA   3  
ATOM   448  H HB2  . GLN A 1 3  ? 2.497   2.099  1.597  1.00 1.21 ? 3  GLN A HB2  3  
ATOM   449  H HB3  . GLN A 1 3  ? 3.855   3.205  1.699  1.00 1.37 ? 3  GLN A HB3  3  
ATOM   450  H HG2  . GLN A 1 3  ? 3.824   0.724  -0.003 1.00 1.37 ? 3  GLN A HG2  3  
ATOM   451  H HG3  . GLN A 1 3  ? 3.386   2.324  -0.566 1.00 1.25 ? 3  GLN A HG3  3  
ATOM   452  H HE21 . GLN A 1 3  ? 4.973   3.906  -0.779 1.00 2.44 ? 3  GLN A HE21 3  
ATOM   453  H HE22 . GLN A 1 3  ? 6.649   3.492  -0.889 1.00 2.57 ? 3  GLN A HE22 3  
HETATM 454  N N    . HZP A 1 4  ? 2.588   -0.525 2.963  1.00 0.94 ? 4  HZP A N    3  
HETATM 455  C CA   . HZP A 1 4  ? 2.071   -1.893 2.816  1.00 0.99 ? 4  HZP A CA   3  
HETATM 456  C C    . HZP A 1 4  ? 1.846   -2.277 1.353  1.00 1.07 ? 4  HZP A C    3  
HETATM 457  O O    . HZP A 1 4  ? 0.729   -2.199 0.843  1.00 1.40 ? 4  HZP A O    3  
HETATM 458  C CB   . HZP A 1 4  ? 0.741   -1.866 3.583  1.00 1.29 ? 4  HZP A CB   3  
HETATM 459  C CG   . HZP A 1 4  ? 0.358   -0.424 3.654  1.00 1.42 ? 4  HZP A CG   3  
HETATM 460  C CD   . HZP A 1 4  ? 1.654   0.338  3.702  1.00 1.26 ? 4  HZP A CD   3  
HETATM 461  O OD1  . HZP A 1 4  ? -0.396  -0.035 2.507  1.00 1.59 ? 4  HZP A OD1  3  
HETATM 462  H HA   . HZP A 1 4  ? 2.736   -2.613 3.273  1.00 0.96 ? 4  HZP A HA   3  
HETATM 463  H HB   . HZP A 1 4  ? -0.003  -2.443 3.045  1.00 1.44 ? 4  HZP A HB   3  
HETATM 464  H HBA  . HZP A 1 4  ? 0.878   -2.261 4.575  1.00 1.37 ? 4  HZP A HBA  3  
HETATM 465  H HG   . HZP A 1 4  ? -0.243  -0.243 4.538  1.00 1.64 ? 4  HZP A HG   3  
HETATM 466  H HD   . HZP A 1 4  ? 1.971   0.466  4.727  1.00 1.34 ? 4  HZP A HD   3  
HETATM 467  H HDA  . HZP A 1 4  ? 1.541   1.295  3.217  1.00 1.41 ? 4  HZP A HDA  3  
HETATM 468  H HOD1 . HZP A 1 4  ? 0.160   0.519  1.944  1.00 1.63 ? 4  HZP A HOD1 3  
ATOM   469  N N    . THR A 1 5  ? 2.937   -2.667 0.703  1.00 0.94 ? 5  THR A N    3  
ATOM   470  C CA   . THR A 1 5  ? 2.965   -3.104 -0.698 1.00 1.16 ? 5  THR A CA   3  
ATOM   471  C C    . THR A 1 5  ? 2.494   -2.014 -1.667 1.00 1.27 ? 5  THR A C    3  
ATOM   472  O O    . THR A 1 5  ? 2.291   -0.864 -1.269 1.00 2.15 ? 5  THR A O    3  
ATOM   473  C CB   . THR A 1 5  ? 2.185   -4.427 -0.937 1.00 1.66 ? 5  THR A CB   3  
ATOM   474  O OG1  . THR A 1 5  ? 0.807   -4.301 -0.569 1.00 1.97 ? 5  THR A OG1  3  
ATOM   475  C CG2  . THR A 1 5  ? 2.813   -5.570 -0.154 1.00 1.90 ? 5  THR A CG2  3  
ATOM   476  H H    . THR A 1 5  ? 3.783   -2.635 1.189  1.00 0.83 ? 5  THR A H    3  
ATOM   477  H HA   . THR A 1 5  ? 4.003   -3.305 -0.927 1.00 1.13 ? 5  THR A HA   3  
ATOM   478  H HB   . THR A 1 5  ? 2.241   -4.671 -1.988 1.00 1.80 ? 5  THR A HB   3  
ATOM   479  H HG1  . THR A 1 5  ? 0.683   -3.476 -0.076 1.00 1.75 ? 5  THR A HG1  3  
ATOM   480  H HG21 . THR A 1 5  ? 2.783   -5.340 0.901  1.00 2.07 ? 5  THR A HG21 3  
ATOM   481  H HG22 . THR A 1 5  ? 3.839   -5.697 -0.465 1.00 2.09 ? 5  THR A HG22 3  
ATOM   482  H HG23 . THR A 1 5  ? 2.263   -6.479 -0.341 1.00 2.31 ? 5  THR A HG23 3  
ATOM   483  N N    . THR A 1 6  ? 2.360   -2.387 -2.940 1.00 1.06 ? 6  THR A N    3  
ATOM   484  C CA   . THR A 1 6  ? 1.983   -1.467 -4.011 1.00 1.26 ? 6  THR A CA   3  
ATOM   485  C C    . THR A 1 6  ? 0.760   -0.614 -3.644 1.00 0.96 ? 6  THR A C    3  
ATOM   486  O O    . THR A 1 6  ? -0.344  -1.130 -3.446 1.00 1.13 ? 6  THR A O    3  
ATOM   487  C CB   . THR A 1 6  ? 1.715   -2.252 -5.321 1.00 1.84 ? 6  THR A CB   3  
ATOM   488  O OG1  . THR A 1 6  ? 1.143   -1.404 -6.327 1.00 2.43 ? 6  THR A OG1  3  
ATOM   489  C CG2  . THR A 1 6  ? 0.801   -3.442 -5.068 1.00 2.19 ? 6  THR A CG2  3  
ATOM   490  H H    . THR A 1 6  ? 2.525   -3.322 -3.171 1.00 1.45 ? 6  THR A H    3  
ATOM   491  H HA   . THR A 1 6  ? 2.821   -0.810 -4.186 1.00 1.48 ? 6  THR A HA   3  
ATOM   492  H HB   . THR A 1 6  ? 2.660   -2.626 -5.686 1.00 2.30 ? 6  THR A HB   3  
ATOM   493  H HG1  . THR A 1 6  ? 1.598   -0.554 -6.326 1.00 2.70 ? 6  THR A HG1  3  
ATOM   494  H HG21 . THR A 1 6  ? -0.130  -3.097 -4.644 1.00 2.25 ? 6  THR A HG21 3  
ATOM   495  H HG22 . THR A 1 6  ? 1.279   -4.124 -4.381 1.00 2.57 ? 6  THR A HG22 3  
ATOM   496  H HG23 . THR A 1 6  ? 0.606   -3.948 -6.000 1.00 2.69 ? 6  THR A HG23 3  
ATOM   497  N N    . PRO A 1 7  ? 0.967   0.710  -3.498 1.00 0.81 ? 7  PRO A N    3  
ATOM   498  C CA   . PRO A 1 7  ? -0.111  1.670  -3.226 1.00 0.78 ? 7  PRO A CA   3  
ATOM   499  C C    . PRO A 1 7  ? -1.209  1.652  -4.281 1.00 0.74 ? 7  PRO A C    3  
ATOM   500  O O    . PRO A 1 7  ? -0.988  1.251  -5.426 1.00 1.23 ? 7  PRO A O    3  
ATOM   501  C CB   . PRO A 1 7  ? 0.607   3.019  -3.230 1.00 1.12 ? 7  PRO A CB   3  
ATOM   502  C CG   . PRO A 1 7  ? 2.002   2.685  -2.857 1.00 1.14 ? 7  PRO A CG   3  
ATOM   503  C CD   . PRO A 1 7  ? 2.281   1.376  -3.534 1.00 1.10 ? 7  PRO A CD   3  
ATOM   504  H HA   . PRO A 1 7  ? -0.549  1.499  -2.255 1.00 0.83 ? 7  PRO A HA   3  
ATOM   505  H HB2  . PRO A 1 7  ? 0.551   3.459  -4.214 1.00 1.37 ? 7  PRO A HB2  3  
ATOM   506  H HB3  . PRO A 1 7  ? 0.151   3.677  -2.506 1.00 1.35 ? 7  PRO A HB3  3  
ATOM   507  H HG2  . PRO A 1 7  ? 2.676   3.451  -3.212 1.00 1.49 ? 7  PRO A HG2  3  
ATOM   508  H HG3  . PRO A 1 7  ? 2.077   2.576  -1.785 1.00 1.13 ? 7  PRO A HG3  3  
ATOM   509  H HD2  . PRO A 1 7  ? 2.611   1.535  -4.549 1.00 1.33 ? 7  PRO A HD2  3  
ATOM   510  H HD3  . PRO A 1 7  ? 3.016   0.812  -2.978 1.00 1.28 ? 7  PRO A HD3  3  
ATOM   511  N N    . GLY A 1 8  ? -2.389  2.099  -3.882 1.00 0.74 ? 8  GLY A N    3  
ATOM   512  C CA   . GLY A 1 8  ? -3.538  2.081  -4.760 1.00 0.79 ? 8  GLY A CA   3  
ATOM   513  C C    . GLY A 1 8  ? -4.436  0.893  -4.490 1.00 0.74 ? 8  GLY A C    3  
ATOM   514  O O    . GLY A 1 8  ? -5.660  1.009  -4.493 1.00 1.17 ? 8  GLY A O    3  
ATOM   515  H H    . GLY A 1 8  ? -2.479  2.456  -2.976 1.00 1.12 ? 8  GLY A H    3  
ATOM   516  H HA2  . GLY A 1 8  ? -4.105  2.986  -4.616 1.00 0.98 ? 8  GLY A HA2  3  
ATOM   517  H HA3  . GLY A 1 8  ? -3.199  2.036  -5.784 1.00 0.95 ? 8  GLY A HA3  3  
ATOM   518  N N    . ASN A 1 9  ? -3.815  -0.242 -4.225 1.00 1.05 ? 9  ASN A N    3  
ATOM   519  C CA   . ASN A 1 9  ? -4.537  -1.486 -3.991 1.00 1.38 ? 9  ASN A CA   3  
ATOM   520  C C    . ASN A 1 9  ? -3.983  -2.183 -2.756 1.00 1.13 ? 9  ASN A C    3  
ATOM   521  O O    . ASN A 1 9  ? -4.098  -3.397 -2.596 1.00 1.89 ? 9  ASN A O    3  
ATOM   522  C CB   . ASN A 1 9  ? -4.433  -2.402 -5.219 1.00 2.39 ? 9  ASN A CB   3  
ATOM   523  C CG   . ASN A 1 9  ? -2.999  -2.703 -5.617 1.00 3.21 ? 9  ASN A CG   3  
ATOM   524  O OD1  . ASN A 1 9  ? -2.406  -3.687 -5.172 1.00 3.66 ? 9  ASN A OD1  3  
ATOM   525  N ND2  . ASN A 1 9  ? -2.430  -1.864 -6.471 1.00 3.96 ? 9  ASN A ND2  3  
ATOM   526  H H    . ASN A 1 9  ? -2.835  -0.245 -4.183 1.00 1.43 ? 9  ASN A H    3  
ATOM   527  H HA   . ASN A 1 9  ? -5.574  -1.241 -3.818 1.00 1.60 ? 9  ASN A HA   3  
ATOM   528  H HB2  . ASN A 1 9  ? -4.927  -3.337 -5.001 1.00 2.76 ? 9  ASN A HB2  3  
ATOM   529  H HB3  . ASN A 1 9  ? -4.926  -1.927 -6.055 1.00 2.82 ? 9  ASN A HB3  3  
ATOM   530  H HD21 . ASN A 1 9  ? -2.959  -1.103 -6.797 1.00 3.96 ? 9  ASN A HD21 3  
ATOM   531  H HD22 . ASN A 1 9  ? -1.501  -2.033 -6.738 1.00 4.72 ? 9  ASN A HD22 3  
ATOM   532  N N    . SER A 1 10 ? -3.395  -1.390 -1.878 1.00 0.88 ? 10 SER A N    3  
ATOM   533  C CA   . SER A 1 10 ? -2.744  -1.905 -0.686 1.00 1.64 ? 10 SER A CA   3  
ATOM   534  C C    . SER A 1 10 ? -3.768  -2.299 0.376  1.00 1.50 ? 10 SER A C    3  
ATOM   535  O O    . SER A 1 10 ? -4.842  -1.701 0.466  1.00 2.03 ? 10 SER A O    3  
ATOM   536  C CB   . SER A 1 10 ? -1.823  -0.834 -0.123 1.00 2.42 ? 10 SER A CB   3  
ATOM   537  O OG   . SER A 1 10 ? -1.215  -0.097 -1.166 1.00 2.86 ? 10 SER A OG   3  
ATOM   538  H H    . SER A 1 10 ? -3.396  -0.426 -2.035 1.00 0.93 ? 10 SER A H    3  
ATOM   539  H HA   . SER A 1 10 ? -2.161  -2.767 -0.963 1.00 2.13 ? 10 SER A HA   3  
ATOM   540  H HB2  . SER A 1 10 ? -2.395  -0.157 0.495  1.00 2.46 ? 10 SER A HB2  3  
ATOM   541  H HB3  . SER A 1 10 ? -1.051  -1.300 0.471  1.00 2.98 ? 10 SER A HB3  3  
ATOM   542  H HG   . SER A 1 10 ? -0.800  -0.711 -1.792 1.00 2.74 ? 10 SER A HG   3  
HETATM 543  N N    . HZP A 1 11 ? -3.444  -3.304 1.201  1.00 1.06 ? 11 HZP A N    3  
HETATM 544  C CA   . HZP A 1 11 ? -4.306  -3.735 2.293  1.00 1.03 ? 11 HZP A CA   3  
HETATM 545  C C    . HZP A 1 11 ? -4.052  -2.940 3.573  1.00 1.12 ? 11 HZP A C    3  
HETATM 546  O O    . HZP A 1 11 ? -3.521  -3.466 4.553  1.00 1.52 ? 11 HZP A O    3  
HETATM 547  C CB   . HZP A 1 11 ? -3.920  -5.203 2.481  1.00 1.13 ? 11 HZP A CB   3  
HETATM 548  C CG   . HZP A 1 11 ? -2.536  -5.356 1.907  1.00 1.27 ? 11 HZP A CG   3  
HETATM 549  C CD   . HZP A 1 11 ? -2.211  -4.105 1.129  1.00 1.22 ? 11 HZP A CD   3  
HETATM 550  O OD1  . HZP A 1 11 ? -1.591  -5.547 2.965  1.00 1.41 ? 11 HZP A OD1  3  
HETATM 551  H HA   . HZP A 1 11 ? -5.350  -3.665 2.026  1.00 1.24 ? 11 HZP A HA   3  
HETATM 552  H HB   . HZP A 1 11 ? -3.924  -5.447 3.536  1.00 1.12 ? 11 HZP A HB   3  
HETATM 553  H HBA  . HZP A 1 11 ? -4.607  -5.839 1.949  1.00 1.48 ? 11 HZP A HBA  3  
HETATM 554  H HG   . HZP A 1 11 ? -2.501  -6.215 1.252  1.00 1.63 ? 11 HZP A HG   3  
HETATM 555  H HD   . HZP A 1 11 ? -1.974  -4.361 0.108  1.00 1.59 ? 11 HZP A HD   3  
HETATM 556  H HDA  . HZP A 1 11 ? -1.385  -3.585 1.591  1.00 1.50 ? 11 HZP A HDA  3  
HETATM 557  H HOD1 . HZP A 1 11 ? -0.840  -4.953 2.843  1.00 1.38 ? 11 HZP A HOD1 3  
ATOM   558  N N    . GLY A 1 12 ? -4.421  -1.666 3.553  1.00 1.50 ? 12 GLY A N    3  
ATOM   559  C CA   . GLY A 1 12 ? -4.230  -0.821 4.716  1.00 1.81 ? 12 GLY A CA   3  
ATOM   560  C C    . GLY A 1 12 ? -4.233  0.652  4.364  1.00 1.34 ? 12 GLY A C    3  
ATOM   561  O O    . GLY A 1 12 ? -5.130  1.393  4.765  1.00 1.56 ? 12 GLY A O    3  
ATOM   562  H H    . GLY A 1 12 ? -4.837  -1.298 2.743  1.00 1.92 ? 12 GLY A H    3  
ATOM   563  H HA2  . GLY A 1 12 ? -5.024  -1.013 5.420  1.00 2.34 ? 12 GLY A HA2  3  
ATOM   564  H HA3  . GLY A 1 12 ? -3.285  -1.069 5.175  1.00 2.05 ? 12 GLY A HA3  3  
ATOM   565  N N    . VAL A 1 13 ? -3.229  1.078  3.614  1.00 1.06 ? 13 VAL A N    3  
ATOM   566  C CA   . VAL A 1 13 ? -3.134  2.469  3.192  1.00 0.94 ? 13 VAL A CA   3  
ATOM   567  C C    . VAL A 1 13 ? -3.690  2.631  1.782  1.00 0.94 ? 13 VAL A C    3  
ATOM   568  O O    . VAL A 1 13 ? -4.736  3.254  1.591  1.00 1.85 ? 13 VAL A O    3  
ATOM   569  C CB   . VAL A 1 13 ? -1.677  2.971  3.247  1.00 1.42 ? 13 VAL A CB   3  
ATOM   570  C CG1  . VAL A 1 13 ? -1.580  4.413  2.774  1.00 2.01 ? 13 VAL A CG1  3  
ATOM   571  C CG2  . VAL A 1 13 ? -1.123  2.837  4.658  1.00 1.99 ? 13 VAL A CG2  3  
ATOM   572  H H    . VAL A 1 13 ? -2.535  0.443  3.333  1.00 1.28 ? 13 VAL A H    3  
ATOM   573  H HA   . VAL A 1 13 ? -3.727  3.064  3.872  1.00 1.07 ? 13 VAL A HA   3  
ATOM   574  H HB   . VAL A 1 13 ? -1.080  2.357  2.589  1.00 2.09 ? 13 VAL A HB   3  
ATOM   575  H HG11 . VAL A 1 13 ? -1.967  4.488  1.769  1.00 2.66 ? 13 VAL A HG11 3  
ATOM   576  H HG12 . VAL A 1 13 ? -0.548  4.727  2.787  1.00 2.28 ? 13 VAL A HG12 3  
ATOM   577  H HG13 . VAL A 1 13 ? -2.156  5.045  3.431  1.00 2.34 ? 13 VAL A HG13 3  
ATOM   578  H HG21 . VAL A 1 13 ? -1.167  1.801  4.965  1.00 2.37 ? 13 VAL A HG21 3  
ATOM   579  H HG22 . VAL A 1 13 ? -1.712  3.437  5.333  1.00 2.45 ? 13 VAL A HG22 3  
ATOM   580  H HG23 . VAL A 1 13 ? -0.098  3.174  4.677  1.00 2.37 ? 13 VAL A HG23 3  
ATOM   581  N N    . GLY A 1 14 ? -2.996  2.073  0.800  1.00 0.93 ? 14 GLY A N    3  
ATOM   582  C CA   . GLY A 1 14 ? -3.508  2.063  -0.557 1.00 1.12 ? 14 GLY A CA   3  
ATOM   583  C C    . GLY A 1 14 ? -3.592  3.442  -1.171 1.00 1.65 ? 14 GLY A C    3  
ATOM   584  O O    . GLY A 1 14 ? -4.622  3.817  -1.733 1.00 2.10 ? 14 GLY A O    3  
ATOM   585  H H    . GLY A 1 14 ? -2.119  1.673  0.994  1.00 1.56 ? 14 GLY A H    3  
ATOM   586  H HA2  . GLY A 1 14 ? -2.864  1.449  -1.171 1.00 1.43 ? 14 GLY A HA2  3  
ATOM   587  H HA3  . GLY A 1 14 ? -4.495  1.628  -0.550 1.00 1.19 ? 14 GLY A HA3  3  
ATOM   588  N N    . HIS A 1 15 ? -2.509  4.195  -1.074 1.00 1.91 ? 15 HIS A N    3  
ATOM   589  C CA   . HIS A 1 15 ? -2.443  5.518  -1.674 1.00 2.63 ? 15 HIS A CA   3  
ATOM   590  C C    . HIS A 1 15 ? -0.994  5.944  -1.829 1.00 2.88 ? 15 HIS A C    3  
ATOM   591  O O    . HIS A 1 15 ? -0.347  6.230  -0.806 1.00 3.11 ? 15 HIS A O    3  
ATOM   592  C CB   . HIS A 1 15 ? -3.207  6.552  -0.839 1.00 3.38 ? 15 HIS A CB   3  
ATOM   593  C CG   . HIS A 1 15 ? -3.198  7.929  -1.440 1.00 4.23 ? 15 HIS A CG   3  
ATOM   594  N ND1  . HIS A 1 15 ? -4.085  8.332  -2.413 1.00 4.85 ? 15 HIS A ND1  3  
ATOM   595  C CD2  . HIS A 1 15 ? -2.388  8.992  -1.213 1.00 4.97 ? 15 HIS A CD2  3  
ATOM   596  C CE1  . HIS A 1 15 ? -3.821  9.578  -2.760 1.00 5.75 ? 15 HIS A CE1  3  
ATOM   597  N NE2  . HIS A 1 15 ? -2.797  10.001 -2.046 1.00 5.86 ? 15 HIS A NE2  3  
ATOM   598  O OXT  . HIS A 1 15 ? -0.513  5.998  -2.971 1.00 3.39 ? 15 HIS A OXT  3  
ATOM   599  H H    . HIS A 1 15 ? -1.728  3.855  -0.584 1.00 1.77 ? 15 HIS A H    3  
ATOM   600  H HA   . HIS A 1 15 ? -2.891  5.455  -2.655 1.00 2.73 ? 15 HIS A HA   3  
ATOM   601  H HB2  . HIS A 1 15 ? -4.236  6.239  -0.745 1.00 3.51 ? 15 HIS A HB2  3  
ATOM   602  H HB3  . HIS A 1 15 ? -2.762  6.612  0.142  1.00 3.63 ? 15 HIS A HB3  3  
ATOM   603  H HD1  . HIS A 1 15 ? -4.806  7.786  -2.794 1.00 4.89 ? 15 HIS A HD1  3  
ATOM   604  H HD2  . HIS A 1 15 ? -1.570  9.037  -0.507 1.00 5.12 ? 15 HIS A HD2  3  
ATOM   605  H HE1  . HIS A 1 15 ? -4.353  10.154 -3.503 1.00 6.48 ? 15 HIS A HE1  3  
ATOM   606  H HE2  . HIS A 1 15 ? -2.432  10.913 -2.062 1.00 6.63 ? 15 HIS A HE2  3  
ATOM   607  N N    . ALA A 1 1  ? 8.968   0.210  0.547  1.00 1.56 ? 1  ALA A N    4  
ATOM   608  C CA   . ALA A 1 1  ? 9.473   1.483  1.107  1.00 1.52 ? 1  ALA A CA   4  
ATOM   609  C C    . ALA A 1 1  ? 8.516   2.028  2.161  1.00 1.41 ? 1  ALA A C    4  
ATOM   610  O O    . ALA A 1 1  ? 8.807   1.981  3.356  1.00 1.82 ? 1  ALA A O    4  
ATOM   611  C CB   . ALA A 1 1  ? 9.686   2.503  -0.004 1.00 1.85 ? 1  ALA A CB   4  
ATOM   612  H H1   . ALA A 1 1  ? 8.844   -0.491 1.308  1.00 2.02 ? 1  ALA A H1   4  
ATOM   613  H H2   . ALA A 1 1  ? 9.637   -0.168 -0.150 1.00 2.14 ? 1  ALA A H2   4  
ATOM   614  H H3   . ALA A 1 1  ? 8.048   0.363  0.082  1.00 1.23 ? 1  ALA A H3   4  
ATOM   615  H HA   . ALA A 1 1  ? 10.428  1.291  1.571  1.00 1.79 ? 1  ALA A HA   4  
ATOM   616  H HB1  . ALA A 1 1  ? 8.740   2.721  -0.478 1.00 2.23 ? 1  ALA A HB1  4  
ATOM   617  H HB2  . ALA A 1 1  ? 10.371  2.102  -0.735 1.00 1.95 ? 1  ALA A HB2  4  
ATOM   618  H HB3  . ALA A 1 1  ? 10.096  3.410  0.415  1.00 2.42 ? 1  ALA A HB3  4  
ATOM   619  N N    . PHE A 1 2  ? 7.375   2.542  1.720  1.00 1.39 ? 2  PHE A N    4  
ATOM   620  C CA   . PHE A 1 2  ? 6.358   3.047  2.635  1.00 1.50 ? 2  PHE A CA   4  
ATOM   621  C C    . PHE A 1 2  ? 5.004   2.445  2.286  1.00 1.32 ? 2  PHE A C    4  
ATOM   622  O O    . PHE A 1 2  ? 3.953   3.024  2.571  1.00 1.65 ? 2  PHE A O    4  
ATOM   623  C CB   . PHE A 1 2  ? 6.282   4.577  2.579  1.00 1.72 ? 2  PHE A CB   4  
ATOM   624  C CG   . PHE A 1 2  ? 7.546   5.266  3.014  1.00 1.94 ? 2  PHE A CG   4  
ATOM   625  C CD1  . PHE A 1 2  ? 7.891   5.326  4.353  1.00 2.24 ? 2  PHE A CD1  4  
ATOM   626  C CD2  . PHE A 1 2  ? 8.388   5.851  2.081  1.00 2.29 ? 2  PHE A CD2  4  
ATOM   627  C CE1  . PHE A 1 2  ? 9.050   5.959  4.755  1.00 2.82 ? 2  PHE A CE1  4  
ATOM   628  C CE2  . PHE A 1 2  ? 9.548   6.485  2.478  1.00 2.71 ? 2  PHE A CE2  4  
ATOM   629  C CZ   . PHE A 1 2  ? 9.882   6.538  3.815  1.00 2.97 ? 2  PHE A CZ   4  
ATOM   630  H H    . PHE A 1 2  ? 7.206   2.585  0.749  1.00 1.68 ? 2  PHE A H    4  
ATOM   631  H HA   . PHE A 1 2  ? 6.629   2.742  3.634  1.00 1.73 ? 2  PHE A HA   4  
ATOM   632  H HB2  . PHE A 1 2  ? 6.070   4.882  1.567  1.00 2.04 ? 2  PHE A HB2  4  
ATOM   633  H HB3  . PHE A 1 2  ? 5.483   4.913  3.224  1.00 1.80 ? 2  PHE A HB3  4  
ATOM   634  H HD1  . PHE A 1 2  ? 7.243   4.873  5.089  1.00 2.25 ? 2  PHE A HD1  4  
ATOM   635  H HD2  . PHE A 1 2  ? 8.129   5.810  1.035  1.00 2.46 ? 2  PHE A HD2  4  
ATOM   636  H HE1  . PHE A 1 2  ? 9.308   6.001  5.801  1.00 3.31 ? 2  PHE A HE1  4  
ATOM   637  H HE2  . PHE A 1 2  ? 10.197  6.936  1.741  1.00 3.04 ? 2  PHE A HE2  4  
ATOM   638  H HZ   . PHE A 1 2  ? 10.791  7.032  4.125  1.00 3.47 ? 2  PHE A HZ   4  
ATOM   639  N N    . GLN A 1 3  ? 5.040   1.281  1.662  1.00 1.01 ? 3  GLN A N    4  
ATOM   640  C CA   . GLN A 1 3  ? 3.835   0.583  1.262  1.00 1.01 ? 3  GLN A CA   4  
ATOM   641  C C    . GLN A 1 3  ? 3.907   -0.868 1.722  1.00 0.79 ? 3  GLN A C    4  
ATOM   642  O O    . GLN A 1 3  ? 4.990   -1.448 1.780  1.00 0.69 ? 3  GLN A O    4  
ATOM   643  C CB   . GLN A 1 3  ? 3.649   0.640  -0.266 1.00 1.10 ? 3  GLN A CB   4  
ATOM   644  C CG   . GLN A 1 3  ? 4.474   -0.382 -1.053 1.00 1.04 ? 3  GLN A CG   4  
ATOM   645  C CD   . GLN A 1 3  ? 5.924   0.021  -1.279 1.00 1.51 ? 3  GLN A CD   4  
ATOM   646  O OE1  . GLN A 1 3  ? 6.531   0.715  -0.468 1.00 2.06 ? 3  GLN A OE1  4  
ATOM   647  N NE2  . GLN A 1 3  ? 6.487   -0.417 -2.391 1.00 2.12 ? 3  GLN A NE2  4  
ATOM   648  H H    . GLN A 1 3  ? 5.911   0.874  1.464  1.00 0.99 ? 3  GLN A H    4  
ATOM   649  H HA   . GLN A 1 3  ? 2.996   1.063  1.742  1.00 1.30 ? 3  GLN A HA   4  
ATOM   650  H HB2  . GLN A 1 3  ? 2.607   0.470  -0.491 1.00 1.21 ? 3  GLN A HB2  4  
ATOM   651  H HB3  . GLN A 1 3  ? 3.922   1.627  -0.608 1.00 1.37 ? 3  GLN A HB3  4  
ATOM   652  H HG2  . GLN A 1 3  ? 4.468   -1.311 -0.508 1.00 1.37 ? 3  GLN A HG2  4  
ATOM   653  H HG3  . GLN A 1 3  ? 4.006   -0.538 -2.012 1.00 1.25 ? 3  GLN A HG3  4  
ATOM   654  H HE21 . GLN A 1 3  ? 5.951   -0.971 -2.999 1.00 2.44 ? 3  GLN A HE21 4  
ATOM   655  H HE22 . GLN A 1 3  ? 7.422   -0.172 -2.564 1.00 2.57 ? 3  GLN A HE22 4  
HETATM 656  N N    . HZP A 1 4  ? 2.762   -1.467 2.069  1.00 0.94 ? 4  HZP A N    4  
HETATM 657  C CA   . HZP A 1 4  ? 2.691   -2.882 2.475  1.00 0.99 ? 4  HZP A CA   4  
HETATM 658  C C    . HZP A 1 4  ? 2.857   -3.835 1.291  1.00 1.07 ? 4  HZP A C    4  
HETATM 659  O O    . HZP A 1 4  ? 1.985   -4.659 1.019  1.00 1.40 ? 4  HZP A O    4  
HETATM 660  C CB   . HZP A 1 4  ? 1.289   -3.002 3.070  1.00 1.29 ? 4  HZP A CB   4  
HETATM 661  C CG   . HZP A 1 4  ? 0.494   -1.931 2.391  1.00 1.42 ? 4  HZP A CG   4  
HETATM 662  C CD   . HZP A 1 4  ? 1.447   -0.803 2.129  1.00 1.26 ? 4  HZP A CD   4  
HETATM 663  O OD1  . HZP A 1 4  ? -0.048  -2.429 1.162  1.00 1.59 ? 4  HZP A OD1  4  
HETATM 664  H HA   . HZP A 1 4  ? 3.429   -3.115 3.227  1.00 0.96 ? 4  HZP A HA   4  
HETATM 665  H HB   . HZP A 1 4  ? 0.879   -3.985 2.858  1.00 1.44 ? 4  HZP A HB   4  
HETATM 666  H HBA  . HZP A 1 4  ? 1.314   -2.826 4.130  1.00 1.37 ? 4  HZP A HBA  4  
HETATM 667  H HG   . HZP A 1 4  ? -0.316  -1.603 3.026  1.00 1.64 ? 4  HZP A HG   4  
HETATM 668  H HD   . HZP A 1 4  ? 1.411   -0.092 2.940  1.00 1.34 ? 4  HZP A HD   4  
HETATM 669  H HDA  . HZP A 1 4  ? 1.211   -0.323 1.190  1.00 1.41 ? 4  HZP A HDA  4  
HETATM 670  H HOD1 . HZP A 1 4  ? 0.211   -1.846 0.434  1.00 1.63 ? 4  HZP A HOD1 4  
ATOM   671  N N    . THR A 1 5  ? 3.982   -3.692 0.595  1.00 0.94 ? 5  THR A N    4  
ATOM   672  C CA   . THR A 1 5  ? 4.325   -4.476 -0.599 1.00 1.16 ? 5  THR A CA   4  
ATOM   673  C C    . THR A 1 5  ? 3.260   -4.365 -1.679 1.00 1.27 ? 5  THR A C    4  
ATOM   674  O O    . THR A 1 5  ? 3.089   -5.264 -2.507 1.00 2.15 ? 5  THR A O    4  
ATOM   675  C CB   . THR A 1 5  ? 4.616   -5.968 -0.287 1.00 1.66 ? 5  THR A CB   4  
ATOM   676  O OG1  . THR A 1 5  ? 3.482   -6.600 0.323  1.00 1.97 ? 5  THR A OG1  4  
ATOM   677  C CG2  . THR A 1 5  ? 5.821   -6.101 0.630  1.00 1.90 ? 5  THR A CG2  4  
ATOM   678  H H    . THR A 1 5  ? 4.625   -3.014 0.902  1.00 0.83 ? 5  THR A H    4  
ATOM   679  H HA   . THR A 1 5  ? 5.229   -4.043 -0.997 1.00 1.13 ? 5  THR A HA   4  
ATOM   680  H HB   . THR A 1 5  ? 4.838   -6.472 -1.216 1.00 1.80 ? 5  THR A HB   4  
ATOM   681  H HG1  . THR A 1 5  ? 2.788   -5.939 0.471  1.00 1.75 ? 5  THR A HG1  4  
ATOM   682  H HG21 . THR A 1 5  ? 6.641   -5.521 0.233  1.00 2.07 ? 5  THR A HG21 4  
ATOM   683  H HG22 . THR A 1 5  ? 6.112   -7.139 0.693  1.00 2.09 ? 5  THR A HG22 4  
ATOM   684  H HG23 . THR A 1 5  ? 5.566   -5.739 1.614  1.00 2.31 ? 5  THR A HG23 4  
ATOM   685  N N    . THR A 1 6  ? 2.571   -3.237 -1.670 1.00 1.06 ? 6  THR A N    4  
ATOM   686  C CA   . THR A 1 6  ? 1.527   -2.941 -2.639 1.00 1.26 ? 6  THR A CA   4  
ATOM   687  C C    . THR A 1 6  ? 0.858   -1.605 -2.301 1.00 0.96 ? 6  THR A C    4  
ATOM   688  O O    . THR A 1 6  ? 0.101   -1.496 -1.333 1.00 1.13 ? 6  THR A O    4  
ATOM   689  C CB   . THR A 1 6  ? 0.467   -4.077 -2.729 1.00 1.84 ? 6  THR A CB   4  
ATOM   690  O OG1  . THR A 1 6  ? -0.604  -3.693 -3.595 1.00 2.43 ? 6  THR A OG1  4  
ATOM   691  C CG2  . THR A 1 6  ? -0.093  -4.447 -1.363 1.00 2.19 ? 6  THR A CG2  4  
ATOM   692  H H    . THR A 1 6  ? 2.785   -2.572 -0.987 1.00 1.45 ? 6  THR A H    4  
ATOM   693  H HA   . THR A 1 6  ? 2.001   -2.850 -3.606 1.00 1.48 ? 6  THR A HA   4  
ATOM   694  H HB   . THR A 1 6  ? 0.948   -4.951 -3.145 1.00 2.30 ? 6  THR A HB   4  
ATOM   695  H HG1  . THR A 1 6  ? -0.251  -3.479 -4.468 1.00 2.70 ? 6  THR A HG1  4  
ATOM   696  H HG21 . THR A 1 6  ? 0.710   -4.787 -0.725 1.00 2.25 ? 6  THR A HG21 4  
ATOM   697  H HG22 . THR A 1 6  ? -0.823  -5.236 -1.473 1.00 2.57 ? 6  THR A HG22 4  
ATOM   698  H HG23 . THR A 1 6  ? -0.561  -3.582 -0.920 1.00 2.69 ? 6  THR A HG23 4  
ATOM   699  N N    . PRO A 1 7  ? 1.192   -0.544 -3.048 1.00 0.81 ? 7  PRO A N    4  
ATOM   700  C CA   . PRO A 1 7  ? 0.564   0.762  -2.892 1.00 0.78 ? 7  PRO A CA   4  
ATOM   701  C C    . PRO A 1 7  ? -0.777  0.846  -3.617 1.00 0.74 ? 7  PRO A C    4  
ATOM   702  O O    . PRO A 1 7  ? -1.296  -0.158 -4.106 1.00 1.23 ? 7  PRO A O    4  
ATOM   703  C CB   . PRO A 1 7  ? 1.572   1.734  -3.526 1.00 1.12 ? 7  PRO A CB   4  
ATOM   704  C CG   . PRO A 1 7  ? 2.734   0.901  -3.961 1.00 1.14 ? 7  PRO A CG   4  
ATOM   705  C CD   . PRO A 1 7  ? 2.229   -0.508 -4.078 1.00 1.10 ? 7  PRO A CD   4  
ATOM   706  H HA   . PRO A 1 7  ? 0.425   1.011  -1.851 1.00 0.83 ? 7  PRO A HA   4  
ATOM   707  H HB2  . PRO A 1 7  ? 1.110   2.230  -4.366 1.00 1.37 ? 7  PRO A HB2  4  
ATOM   708  H HB3  . PRO A 1 7  ? 1.869   2.466  -2.792 1.00 1.35 ? 7  PRO A HB3  4  
ATOM   709  H HG2  . PRO A 1 7  ? 3.097   1.249  -4.915 1.00 1.49 ? 7  PRO A HG2  4  
ATOM   710  H HG3  . PRO A 1 7  ? 3.514   0.961  -3.218 1.00 1.13 ? 7  PRO A HG3  4  
ATOM   711  H HD2  . PRO A 1 7  ? 1.815   -0.684 -5.059 1.00 1.33 ? 7  PRO A HD2  4  
ATOM   712  H HD3  . PRO A 1 7  ? 3.017   -1.212 -3.860 1.00 1.28 ? 7  PRO A HD3  4  
ATOM   713  N N    . GLY A 1 8  ? -1.332  2.050  -3.677 1.00 0.74 ? 8  GLY A N    4  
ATOM   714  C CA   . GLY A 1 8  ? -2.595  2.258  -4.360 1.00 0.79 ? 8  GLY A CA   4  
ATOM   715  C C    . GLY A 1 8  ? -3.792  2.086  -3.443 1.00 0.74 ? 8  GLY A C    4  
ATOM   716  O O    . GLY A 1 8  ? -4.933  2.258  -3.870 1.00 1.17 ? 8  GLY A O    4  
ATOM   717  H H    . GLY A 1 8  ? -0.873  2.814  -3.266 1.00 1.12 ? 8  GLY A H    4  
ATOM   718  H HA2  . GLY A 1 8  ? -2.606  3.261  -4.760 1.00 0.98 ? 8  GLY A HA2  4  
ATOM   719  H HA3  . GLY A 1 8  ? -2.672  1.554  -5.175 1.00 0.95 ? 8  GLY A HA3  4  
ATOM   720  N N    . ASN A 1 9  ? -3.520  1.748  -2.183 1.00 1.05 ? 9  ASN A N    4  
ATOM   721  C CA   . ASN A 1 9  ? -4.560  1.571  -1.168 1.00 1.38 ? 9  ASN A CA   4  
ATOM   722  C C    . ASN A 1 9  ? -5.523  0.458  -1.575 1.00 1.13 ? 9  ASN A C    4  
ATOM   723  O O    . ASN A 1 9  ? -6.667  0.711  -1.957 1.00 1.89 ? 9  ASN A O    4  
ATOM   724  C CB   . ASN A 1 9  ? -5.324  2.885  -0.934 1.00 2.39 ? 9  ASN A CB   4  
ATOM   725  C CG   . ASN A 1 9  ? -6.269  2.818  0.256  1.00 3.21 ? 9  ASN A CG   4  
ATOM   726  O OD1  . ASN A 1 9  ? -7.431  2.435  0.126  1.00 3.66 ? 9  ASN A OD1  4  
ATOM   727  N ND2  . ASN A 1 9  ? -5.784  3.216  1.421  1.00 3.96 ? 9  ASN A ND2  4  
ATOM   728  H H    . ASN A 1 9  ? -2.590  1.612  -1.929 1.00 1.43 ? 9  ASN A H    4  
ATOM   729  H HA   . ASN A 1 9  ? -4.072  1.283  -0.248 1.00 1.60 ? 9  ASN A HA   4  
ATOM   730  H HB2  . ASN A 1 9  ? -4.614  3.678  -0.759 1.00 2.76 ? 9  ASN A HB2  4  
ATOM   731  H HB3  . ASN A 1 9  ? -5.902  3.119  -1.817 1.00 2.82 ? 9  ASN A HB3  4  
ATOM   732  H HD21 . ASN A 1 9  ? -4.856  3.533  1.455  1.00 3.96 ? 9  ASN A HD21 4  
ATOM   733  H HD22 . ASN A 1 9  ? -6.373  3.181  2.206  1.00 4.72 ? 9  ASN A HD22 4  
ATOM   734  N N    . SER A 1 10 ? -5.046  -0.774 -1.509 1.00 0.88 ? 10 SER A N    4  
ATOM   735  C CA   . SER A 1 10 ? -5.869  -1.923 -1.861 1.00 1.64 ? 10 SER A CA   4  
ATOM   736  C C    . SER A 1 10 ? -6.136  -2.822 -0.644 1.00 1.50 ? 10 SER A C    4  
ATOM   737  O O    . SER A 1 10 ? -7.293  -3.100 -0.336 1.00 2.03 ? 10 SER A O    4  
ATOM   738  C CB   . SER A 1 10 ? -5.228  -2.716 -3.008 1.00 2.42 ? 10 SER A CB   4  
ATOM   739  O OG   . SER A 1 10 ? -4.944  -1.871 -4.112 1.00 2.86 ? 10 SER A OG   4  
ATOM   740  H H    . SER A 1 10 ? -4.121  -0.919 -1.229 1.00 0.93 ? 10 SER A H    4  
ATOM   741  H HA   . SER A 1 10 ? -6.819  -1.538 -2.204 1.00 2.13 ? 10 SER A HA   4  
ATOM   742  H HB2  . SER A 1 10 ? -4.311  -3.166 -2.671 1.00 2.46 ? 10 SER A HB2  4  
ATOM   743  H HB3  . SER A 1 10 ? -5.910  -3.490 -3.330 1.00 2.98 ? 10 SER A HB3  4  
ATOM   744  H HG   . SER A 1 10 ? -5.687  -1.267 -4.247 1.00 2.74 ? 10 SER A HG   4  
HETATM 745  N N    . HZP A 1 11 ? -5.097  -3.277 0.095  1.00 1.06 ? 11 HZP A N    4  
HETATM 746  C CA   . HZP A 1 11 ? -5.296  -4.175 1.230  1.00 1.03 ? 11 HZP A CA   4  
HETATM 747  C C    . HZP A 1 11 ? -5.377  -3.431 2.560  1.00 1.12 ? 11 HZP A C    4  
HETATM 748  O O    . HZP A 1 11 ? -5.164  -4.013 3.623  1.00 1.52 ? 11 HZP A O    4  
HETATM 749  C CB   . HZP A 1 11 ? -4.035  -5.024 1.174  1.00 1.13 ? 11 HZP A CB   4  
HETATM 750  C CG   . HZP A 1 11 ? -2.969  -4.074 0.708  1.00 1.27 ? 11 HZP A CG   4  
HETATM 751  C CD   . HZP A 1 11 ? -3.657  -2.992 -0.096 1.00 1.22 ? 11 HZP A CD   4  
HETATM 752  O OD1  . HZP A 1 11 ? -2.291  -3.511 1.838  1.00 1.41 ? 11 HZP A OD1  4  
HETATM 753  H HA   . HZP A 1 11 ? -6.167  -4.801 1.103  1.00 1.24 ? 11 HZP A HA   4  
HETATM 754  H HB   . HZP A 1 11 ? -3.812  -5.415 2.160  1.00 1.12 ? 11 HZP A HB   4  
HETATM 755  H HBA  . HZP A 1 11 ? -4.153  -5.825 0.465  1.00 1.48 ? 11 HZP A HBA  4  
HETATM 756  H HG   . HZP A 1 11 ? -2.251  -4.590 0.089  1.00 1.63 ? 11 HZP A HG   4  
HETATM 757  H HD   . HZP A 1 11 ? -3.379  -3.070 -1.133 1.00 1.59 ? 11 HZP A HD   4  
HETATM 758  H HDA  . HZP A 1 11 ? -3.400  -2.017 0.294  1.00 1.50 ? 11 HZP A HDA  4  
HETATM 759  H HOD1 . HZP A 1 11 ? -1.383  -3.271 1.584  1.00 1.38 ? 11 HZP A HOD1 4  
ATOM   760  N N    . GLY A 1 12 ? -5.674  -2.142 2.489  1.00 1.50 ? 12 GLY A N    4  
ATOM   761  C CA   . GLY A 1 12 ? -5.768  -1.335 3.686  1.00 1.81 ? 12 GLY A CA   4  
ATOM   762  C C    . GLY A 1 12 ? -5.186  0.049  3.492  1.00 1.34 ? 12 GLY A C    4  
ATOM   763  O O    . GLY A 1 12 ? -5.884  1.049  3.645  1.00 1.56 ? 12 GLY A O    4  
ATOM   764  H H    . GLY A 1 12 ? -5.829  -1.735 1.613  1.00 1.92 ? 12 GLY A H    4  
ATOM   765  H HA2  . GLY A 1 12 ? -6.808  -1.240 3.961  1.00 2.34 ? 12 GLY A HA2  4  
ATOM   766  H HA3  . GLY A 1 12 ? -5.238  -1.830 4.485  1.00 2.05 ? 12 GLY A HA3  4  
ATOM   767  N N    . VAL A 1 13 ? -3.909  0.109  3.137  1.00 1.06 ? 13 VAL A N    4  
ATOM   768  C CA   . VAL A 1 13 ? -3.232  1.381  2.935  1.00 0.94 ? 13 VAL A CA   4  
ATOM   769  C C    . VAL A 1 13 ? -2.258  1.277  1.758  1.00 0.94 ? 13 VAL A C    4  
ATOM   770  O O    . VAL A 1 13 ? -1.938  0.173  1.309  1.00 1.85 ? 13 VAL A O    4  
ATOM   771  C CB   . VAL A 1 13 ? -2.481  1.820  4.221  1.00 1.42 ? 13 VAL A CB   4  
ATOM   772  C CG1  . VAL A 1 13 ? -1.248  0.962  4.460  1.00 2.01 ? 13 VAL A CG1  4  
ATOM   773  C CG2  . VAL A 1 13 ? -2.115  3.297  4.171  1.00 1.99 ? 13 VAL A CG2  4  
ATOM   774  H H    . VAL A 1 13 ? -3.409  -0.724 3.006  1.00 1.28 ? 13 VAL A H    4  
ATOM   775  H HA   . VAL A 1 13 ? -3.980  2.126  2.705  1.00 1.07 ? 13 VAL A HA   4  
ATOM   776  H HB   . VAL A 1 13 ? -3.149  1.673  5.057  1.00 2.09 ? 13 VAL A HB   4  
ATOM   777  H HG11 . VAL A 1 13 ? -1.540  -0.073 4.536  1.00 2.66 ? 13 VAL A HG11 4  
ATOM   778  H HG12 . VAL A 1 13 ? -0.769  1.270  5.377  1.00 2.28 ? 13 VAL A HG12 4  
ATOM   779  H HG13 . VAL A 1 13 ? -0.559  1.083  3.637  1.00 2.34 ? 13 VAL A HG13 4  
ATOM   780  H HG21 . VAL A 1 13 ? -1.472  3.481  3.324  1.00 2.37 ? 13 VAL A HG21 4  
ATOM   781  H HG22 . VAL A 1 13 ? -1.600  3.570  5.079  1.00 2.45 ? 13 VAL A HG22 4  
ATOM   782  H HG23 . VAL A 1 13 ? -3.013  3.889  4.075  1.00 2.37 ? 13 VAL A HG23 4  
ATOM   783  N N    . GLY A 1 14 ? -1.818  2.419  1.246  1.00 0.93 ? 14 GLY A N    4  
ATOM   784  C CA   . GLY A 1 14 ? -0.876  2.431  0.150  1.00 1.12 ? 14 GLY A CA   4  
ATOM   785  C C    . GLY A 1 14 ? -1.122  3.604  -0.776 1.00 1.65 ? 14 GLY A C    4  
ATOM   786  O O    . GLY A 1 14 ? -2.248  4.074  -0.891 1.00 2.10 ? 14 GLY A O    4  
ATOM   787  H H    . GLY A 1 14 ? -2.143  3.270  1.617  1.00 1.56 ? 14 GLY A H    4  
ATOM   788  H HA2  . GLY A 1 14 ? 0.127   2.493  0.544  1.00 1.43 ? 14 GLY A HA2  4  
ATOM   789  H HA3  . GLY A 1 14 ? -0.979  1.515  -0.412 1.00 1.19 ? 14 GLY A HA3  4  
ATOM   790  N N    . HIS A 1 15 ? -0.085  4.068  -1.449 1.00 1.91 ? 15 HIS A N    4  
ATOM   791  C CA   . HIS A 1 15 ? -0.212  5.216  -2.334 1.00 2.63 ? 15 HIS A CA   4  
ATOM   792  C C    . HIS A 1 15 ? 0.861   5.161  -3.406 1.00 2.88 ? 15 HIS A C    4  
ATOM   793  O O    . HIS A 1 15 ? 1.981   5.650  -3.158 1.00 3.11 ? 15 HIS A O    4  
ATOM   794  C CB   . HIS A 1 15 ? -0.103  6.520  -1.539 1.00 3.38 ? 15 HIS A CB   4  
ATOM   795  C CG   . HIS A 1 15 ? -0.447  7.745  -2.332 1.00 4.23 ? 15 HIS A CG   4  
ATOM   796  N ND1  . HIS A 1 15 ? 0.484   8.467  -3.047 1.00 4.85 ? 15 HIS A ND1  4  
ATOM   797  C CD2  . HIS A 1 15 ? -1.629  8.373  -2.518 1.00 4.97 ? 15 HIS A CD2  4  
ATOM   798  C CE1  . HIS A 1 15 ? -0.111  9.485  -3.635 1.00 5.75 ? 15 HIS A CE1  4  
ATOM   799  N NE2  . HIS A 1 15 ? -1.394  9.453  -3.330 1.00 5.86 ? 15 HIS A NE2  4  
ATOM   800  O OXT  . HIS A 1 15 ? 0.590   4.596  -4.481 1.00 3.39 ? 15 HIS A OXT  4  
ATOM   801  H H    . HIS A 1 15 ? 0.789   3.627  -1.358 1.00 1.77 ? 15 HIS A H    4  
ATOM   802  H HA   . HIS A 1 15 ? -1.183  5.167  -2.806 1.00 2.73 ? 15 HIS A HA   4  
ATOM   803  H HB2  . HIS A 1 15 ? -0.775  6.475  -0.695 1.00 3.51 ? 15 HIS A HB2  4  
ATOM   804  H HB3  . HIS A 1 15 ? 0.909   6.629  -1.180 1.00 3.63 ? 15 HIS A HB3  4  
ATOM   805  H HD1  . HIS A 1 15 ? 1.444   8.266  -3.109 1.00 4.89 ? 15 HIS A HD1  4  
ATOM   806  H HD2  . HIS A 1 15 ? -2.583  8.082  -2.102 1.00 5.12 ? 15 HIS A HD2  4  
ATOM   807  H HE1  . HIS A 1 15 ? 0.370   10.220 -4.262 1.00 6.48 ? 15 HIS A HE1  4  
ATOM   808  H HE2  . HIS A 1 15 ? -2.029  10.186 -3.493 1.00 6.63 ? 15 HIS A HE2  4  
ATOM   809  N N    . ALA A 1 1  ? 8.331   -2.162 2.877  1.00 1.56 ? 1  ALA A N    5  
ATOM   810  C CA   . ALA A 1 1  ? 9.341   -1.081 2.885  1.00 1.52 ? 1  ALA A CA   5  
ATOM   811  C C    . ALA A 1 1  ? 8.740   0.225  3.394  1.00 1.41 ? 1  ALA A C    5  
ATOM   812  O O    . ALA A 1 1  ? 9.051   0.670  4.499  1.00 1.82 ? 1  ALA A O    5  
ATOM   813  C CB   . ALA A 1 1  ? 9.924   -0.884 1.494  1.00 1.85 ? 1  ALA A CB   5  
ATOM   814  H H1   . ALA A 1 1  ? 7.941   -2.290 3.833  1.00 2.02 ? 1  ALA A H1   5  
ATOM   815  H H2   . ALA A 1 1  ? 8.764   -3.056 2.570  1.00 2.14 ? 1  ALA A H2   5  
ATOM   816  H H3   . ALA A 1 1  ? 7.553   -1.923 2.230  1.00 1.23 ? 1  ALA A H3   5  
ATOM   817  H HA   . ALA A 1 1  ? 10.144  -1.374 3.545  1.00 1.79 ? 1  ALA A HA   5  
ATOM   818  H HB1  . ALA A 1 1  ? 10.740  -0.179 1.543  1.00 2.23 ? 1  ALA A HB1  5  
ATOM   819  H HB2  . ALA A 1 1  ? 9.160   -0.503 0.834  1.00 1.95 ? 1  ALA A HB2  5  
ATOM   820  H HB3  . ALA A 1 1  ? 10.286  -1.829 1.118  1.00 2.42 ? 1  ALA A HB3  5  
ATOM   821  N N    . PHE A 1 2  ? 7.881   0.838  2.589  1.00 1.39 ? 2  PHE A N    5  
ATOM   822  C CA   . PHE A 1 2  ? 7.238   2.087  2.973  1.00 1.50 ? 2  PHE A CA   5  
ATOM   823  C C    . PHE A 1 2  ? 5.744   1.866  3.149  1.00 1.32 ? 2  PHE A C    5  
ATOM   824  O O    . PHE A 1 2  ? 5.230   1.853  4.268  1.00 1.65 ? 2  PHE A O    5  
ATOM   825  C CB   . PHE A 1 2  ? 7.487   3.174  1.922  1.00 1.72 ? 2  PHE A CB   5  
ATOM   826  C CG   . PHE A 1 2  ? 8.939   3.482  1.691  1.00 1.94 ? 2  PHE A CG   5  
ATOM   827  C CD1  . PHE A 1 2  ? 9.617   4.356  2.524  1.00 2.24 ? 2  PHE A CD1  5  
ATOM   828  C CD2  . PHE A 1 2  ? 9.625   2.893  0.642  1.00 2.29 ? 2  PHE A CD2  5  
ATOM   829  C CE1  . PHE A 1 2  ? 10.954  4.637  2.316  1.00 2.82 ? 2  PHE A CE1  5  
ATOM   830  C CE2  . PHE A 1 2  ? 10.961  3.171  0.428  1.00 2.71 ? 2  PHE A CE2  5  
ATOM   831  C CZ   . PHE A 1 2  ? 11.621  4.055  1.257  1.00 2.97 ? 2  PHE A CZ   5  
ATOM   832  H H    . PHE A 1 2  ? 7.664   0.435  1.720  1.00 1.68 ? 2  PHE A H    5  
ATOM   833  H HA   . PHE A 1 2  ? 7.658   2.402  3.916  1.00 1.73 ? 2  PHE A HA   5  
ATOM   834  H HB2  . PHE A 1 2  ? 7.064   2.858  0.980  1.00 2.04 ? 2  PHE A HB2  5  
ATOM   835  H HB3  . PHE A 1 2  ? 7.002   4.086  2.239  1.00 1.80 ? 2  PHE A HB3  5  
ATOM   836  H HD1  . PHE A 1 2  ? 9.092   4.821  3.345  1.00 2.25 ? 2  PHE A HD1  5  
ATOM   837  H HD2  . PHE A 1 2  ? 9.106   2.210  -0.014 1.00 2.46 ? 2  PHE A HD2  5  
ATOM   838  H HE1  . PHE A 1 2  ? 11.472  5.319  2.972  1.00 3.31 ? 2  PHE A HE1  5  
ATOM   839  H HE2  . PHE A 1 2  ? 11.486  2.707  -0.394 1.00 3.04 ? 2  PHE A HE2  5  
ATOM   840  H HZ   . PHE A 1 2  ? 12.663  4.277  1.089  1.00 3.47 ? 2  PHE A HZ   5  
ATOM   841  N N    . GLN A 1 3  ? 5.057   1.688  2.034  1.00 1.01 ? 3  GLN A N    5  
ATOM   842  C CA   . GLN A 1 3  ? 3.643   1.382  2.037  1.00 1.01 ? 3  GLN A CA   5  
ATOM   843  C C    . GLN A 1 3  ? 3.449   -0.121 1.898  1.00 0.79 ? 3  GLN A C    5  
ATOM   844  O O    . GLN A 1 3  ? 4.252   -0.790 1.253  1.00 0.69 ? 3  GLN A O    5  
ATOM   845  C CB   . GLN A 1 3  ? 2.929   2.118  0.895  1.00 1.10 ? 3  GLN A CB   5  
ATOM   846  C CG   . GLN A 1 3  ? 3.458   1.822  -0.506 1.00 1.04 ? 3  GLN A CG   5  
ATOM   847  C CD   . GLN A 1 3  ? 4.872   2.322  -0.758 1.00 1.51 ? 3  GLN A CD   5  
ATOM   848  O OE1  . GLN A 1 3  ? 5.845   1.595  -0.559 1.00 2.06 ? 3  GLN A OE1  5  
ATOM   849  N NE2  . GLN A 1 3  ? 4.995   3.566  -1.190 1.00 2.12 ? 3  GLN A NE2  5  
ATOM   850  H H    . GLN A 1 3  ? 5.516   1.765  1.167  1.00 0.99 ? 3  GLN A H    5  
ATOM   851  H HA   . GLN A 1 3  ? 3.234   1.704  2.982  1.00 1.30 ? 3  GLN A HA   5  
ATOM   852  H HB2  . GLN A 1 3  ? 1.888   1.838  0.913  1.00 1.21 ? 3  GLN A HB2  5  
ATOM   853  H HB3  . GLN A 1 3  ? 3.006   3.181  1.068  1.00 1.37 ? 3  GLN A HB3  5  
ATOM   854  H HG2  . GLN A 1 3  ? 3.442   0.757  -0.665 1.00 1.37 ? 3  GLN A HG2  5  
ATOM   855  H HG3  . GLN A 1 3  ? 2.804   2.292  -1.213 1.00 1.25 ? 3  GLN A HG3  5  
ATOM   856  H HE21 . GLN A 1 3  ? 4.181   4.096  -1.323 1.00 2.44 ? 3  GLN A HE21 5  
ATOM   857  H HE22 . GLN A 1 3  ? 5.901   3.909  -1.360 1.00 2.57 ? 3  GLN A HE22 5  
HETATM 858  N N    . HZP A 1 4  ? 2.405   -0.674 2.536  1.00 0.94 ? 4  HZP A N    5  
HETATM 859  C CA   . HZP A 1 4  ? 2.103   -2.107 2.456  1.00 0.99 ? 4  HZP A CA   5  
HETATM 860  C C    . HZP A 1 4  ? 1.808   -2.563 1.027  1.00 1.07 ? 4  HZP A C    5  
HETATM 861  O O    . HZP A 1 4  ? 0.656   -2.567 0.590  1.00 1.40 ? 4  HZP A O    5  
HETATM 862  C CB   . HZP A 1 4  ? 0.870   -2.284 3.348  1.00 1.29 ? 4  HZP A CB   5  
HETATM 863  C CG   . HZP A 1 4  ? 0.315   -0.908 3.558  1.00 1.42 ? 4  HZP A CG   5  
HETATM 864  C CD   . HZP A 1 4  ? 1.462   0.048  3.410  1.00 1.26 ? 4  HZP A CD   5  
HETATM 865  O OD1  . HZP A 1 4  ? -0.704  -0.634 2.589  1.00 1.59 ? 4  HZP A OD1  5  
HETATM 866  H HA   . HZP A 1 4  ? 2.918   -2.698 2.849  1.00 0.96 ? 4  HZP A HA   5  
HETATM 867  H HB   . HZP A 1 4  ? 0.148   -2.921 2.852  1.00 1.44 ? 4  HZP A HB   5  
HETATM 868  H HBA  . HZP A 1 4  ? 1.157   -2.710 4.295  1.00 1.37 ? 4  HZP A HBA  5  
HETATM 869  H HG   . HZP A 1 4  ? -0.110  -0.823 4.546  1.00 1.64 ? 4  HZP A HG   5  
HETATM 870  H HD   . HZP A 1 4  ? 1.905   0.250  4.374  1.00 1.34 ? 4  HZP A HD   5  
HETATM 871  H HDA  . HZP A 1 4  ? 1.127   0.963  2.945  1.00 1.41 ? 4  HZP A HDA  5  
HETATM 872  H HOD1 . HZP A 1 4  ? -0.533  0.226  2.177  1.00 1.63 ? 4  HZP A HOD1 5  
ATOM   873  N N    . THR A 1 5  ? 2.883   -2.920 0.321  1.00 0.94 ? 5  THR A N    5  
ATOM   874  C CA   . THR A 1 5  ? 2.860   -3.437 -1.054 1.00 1.16 ? 5  THR A CA   5  
ATOM   875  C C    . THR A 1 5  ? 2.474   -2.352 -2.059 1.00 1.27 ? 5  THR A C    5  
ATOM   876  O O    . THR A 1 5  ? 2.410   -1.173 -1.709 1.00 2.15 ? 5  THR A O    5  
ATOM   877  C CB   . THR A 1 5  ? 1.955   -4.687 -1.234 1.00 1.66 ? 5  THR A CB   5  
ATOM   878  O OG1  . THR A 1 5  ? 0.566   -4.344 -1.159 1.00 1.97 ? 5  THR A OG1  5  
ATOM   879  C CG2  . THR A 1 5  ? 2.272   -5.742 -0.185 1.00 1.90 ? 5  THR A CG2  5  
ATOM   880  H H    . THR A 1 5  ? 3.756   -2.797 0.744  1.00 0.83 ? 5  THR A H    5  
ATOM   881  H HA   . THR A 1 5  ? 3.872   -3.741 -1.283 1.00 1.13 ? 5  THR A HA   5  
ATOM   882  H HB   . THR A 1 5  ? 2.154   -5.109 -2.206 1.00 1.80 ? 5  THR A HB   5  
ATOM   883  H HG1  . THR A 1 5  ? 0.470   -3.520 -0.660 1.00 1.75 ? 5  THR A HG1  5  
ATOM   884  H HG21 . THR A 1 5  ? 2.093   -5.336 0.801  1.00 2.07 ? 5  THR A HG21 5  
ATOM   885  H HG22 . THR A 1 5  ? 3.309   -6.033 -0.269 1.00 2.09 ? 5  THR A HG22 5  
ATOM   886  H HG23 . THR A 1 5  ? 1.643   -6.606 -0.339 1.00 2.31 ? 5  THR A HG23 5  
ATOM   887  N N    . THR A 1 6  ? 2.244   -2.758 -3.305 1.00 1.06 ? 6  THR A N    5  
ATOM   888  C CA   . THR A 1 6  ? 1.929   -1.830 -4.388 1.00 1.26 ? 6  THR A CA   5  
ATOM   889  C C    . THR A 1 6  ? 0.797   -0.874 -4.014 1.00 0.96 ? 6  THR A C    5  
ATOM   890  O O    . THR A 1 6  ? -0.288  -1.305 -3.617 1.00 1.13 ? 6  THR A O    5  
ATOM   891  C CB   . THR A 1 6  ? 1.539   -2.599 -5.669 1.00 1.84 ? 6  THR A CB   5  
ATOM   892  O OG1  . THR A 1 6  ? 0.582   -3.623 -5.360 1.00 2.43 ? 6  THR A OG1  5  
ATOM   893  C CG2  . THR A 1 6  ? 2.763   -3.223 -6.320 1.00 2.19 ? 6  THR A CG2  5  
ATOM   894  H H    . THR A 1 6  ? 2.283   -3.716 -3.506 1.00 1.45 ? 6  THR A H    5  
ATOM   895  H HA   . THR A 1 6  ? 2.816   -1.256 -4.602 1.00 1.48 ? 6  THR A HA   5  
ATOM   896  H HB   . THR A 1 6  ? 1.095   -1.902 -6.365 1.00 2.30 ? 6  THR A HB   5  
ATOM   897  H HG1  . THR A 1 6  ? -0.256  -3.419 -5.797 1.00 2.70 ? 6  THR A HG1  5  
ATOM   898  H HG21 . THR A 1 6  ? 3.238   -3.897 -5.624 1.00 2.25 ? 6  THR A HG21 5  
ATOM   899  H HG22 . THR A 1 6  ? 3.459   -2.445 -6.600 1.00 2.57 ? 6  THR A HG22 5  
ATOM   900  H HG23 . THR A 1 6  ? 2.463   -3.769 -7.201 1.00 2.69 ? 6  THR A HG23 5  
ATOM   901  N N    . PRO A 1 7  ? 1.057   0.445  -4.103 1.00 0.81 ? 7  PRO A N    5  
ATOM   902  C CA   . PRO A 1 7  ? 0.045   1.478  -3.853 1.00 0.78 ? 7  PRO A CA   5  
ATOM   903  C C    . PRO A 1 7  ? -1.186  1.315  -4.735 1.00 0.74 ? 7  PRO A C    5  
ATOM   904  O O    . PRO A 1 7  ? -1.121  0.717  -5.812 1.00 1.23 ? 7  PRO A O    5  
ATOM   905  C CB   . PRO A 1 7  ? 0.767   2.780  -4.200 1.00 1.12 ? 7  PRO A CB   5  
ATOM   906  C CG   . PRO A 1 7  ? 2.207   2.472  -4.013 1.00 1.14 ? 7  PRO A CG   5  
ATOM   907  C CD   . PRO A 1 7  ? 2.371   1.032  -4.415 1.00 1.10 ? 7  PRO A CD   5  
ATOM   908  H HA   . PRO A 1 7  ? -0.255  1.497  -2.817 1.00 0.83 ? 7  PRO A HA   5  
ATOM   909  H HB2  . PRO A 1 7  ? 0.550   3.053  -5.223 1.00 1.37 ? 7  PRO A HB2  5  
ATOM   910  H HB3  . PRO A 1 7  ? 0.442   3.565  -3.534 1.00 1.35 ? 7  PRO A HB3  5  
ATOM   911  H HG2  . PRO A 1 7  ? 2.807   3.111  -4.643 1.00 1.49 ? 7  PRO A HG2  5  
ATOM   912  H HG3  . PRO A 1 7  ? 2.472   2.604  -2.976 1.00 1.13 ? 7  PRO A HG3  5  
ATOM   913  H HD2  . PRO A 1 7  ? 2.587   0.957  -5.470 1.00 1.33 ? 7  PRO A HD2  5  
ATOM   914  H HD3  . PRO A 1 7  ? 3.151   0.565  -3.833 1.00 1.28 ? 7  PRO A HD3  5  
ATOM   915  N N    . GLY A 1 8  ? -2.300  1.861  -4.278 1.00 0.74 ? 8  GLY A N    5  
ATOM   916  C CA   . GLY A 1 8  ? -3.545  1.722  -4.999 1.00 0.79 ? 8  GLY A CA   5  
ATOM   917  C C    . GLY A 1 8  ? -4.364  0.571  -4.466 1.00 0.74 ? 8  GLY A C    5  
ATOM   918  O O    . GLY A 1 8  ? -4.303  -0.540 -5.002 1.00 1.17 ? 8  GLY A O    5  
ATOM   919  H H    . GLY A 1 8  ? -2.278  2.364  -3.440 1.00 1.12 ? 8  GLY A H    5  
ATOM   920  H HA2  . GLY A 1 8  ? -4.112  2.635  -4.903 1.00 0.98 ? 8  GLY A HA2  5  
ATOM   921  H HA3  . GLY A 1 8  ? -3.330  1.546  -6.042 1.00 0.95 ? 8  GLY A HA3  5  
ATOM   922  N N    . ASN A 1 9  ? -5.102  0.831  -3.386 1.00 1.05 ? 9  ASN A N    5  
ATOM   923  C CA   . ASN A 1 9  ? -5.951  -0.177 -2.754 1.00 1.38 ? 9  ASN A CA   5  
ATOM   924  C C    . ASN A 1 9  ? -5.086  -1.239 -2.095 1.00 1.13 ? 9  ASN A C    5  
ATOM   925  O O    . ASN A 1 9  ? -5.345  -2.439 -2.200 1.00 1.89 ? 9  ASN A O    5  
ATOM   926  C CB   . ASN A 1 9  ? -6.918  -0.822 -3.760 1.00 2.39 ? 9  ASN A CB   5  
ATOM   927  C CG   . ASN A 1 9  ? -7.979  0.138  -4.266 1.00 3.21 ? 9  ASN A CG   5  
ATOM   928  O OD1  . ASN A 1 9  ? -9.047  0.273  -3.666 1.00 3.66 ? 9  ASN A OD1  5  
ATOM   929  N ND2  . ASN A 1 9  ? -7.706  0.799  -5.382 1.00 3.96 ? 9  ASN A ND2  5  
ATOM   930  H H    . ASN A 1 9  ? -5.051  1.729  -2.983 1.00 1.43 ? 9  ASN A H    5  
ATOM   931  H HA   . ASN A 1 9  ? -6.527  0.318  -1.986 1.00 1.60 ? 9  ASN A HA   5  
ATOM   932  H HB2  . ASN A 1 9  ? -6.353  -1.179 -4.609 1.00 2.76 ? 9  ASN A HB2  5  
ATOM   933  H HB3  . ASN A 1 9  ? -7.411  -1.658 -3.287 1.00 2.82 ? 9  ASN A HB3  5  
ATOM   934  H HD21 . ASN A 1 9  ? -6.843  0.634  -5.818 1.00 3.96 ? 9  ASN A HD21 5  
ATOM   935  H HD22 . ASN A 1 9  ? -8.378  1.422  -5.728 1.00 4.72 ? 9  ASN A HD22 5  
ATOM   936  N N    . SER A 1 10 ? -4.043  -0.774 -1.429 1.00 0.88 ? 10 SER A N    5  
ATOM   937  C CA   . SER A 1 10 ? -3.106  -1.647 -0.747 1.00 1.64 ? 10 SER A CA   5  
ATOM   938  C C    . SER A 1 10 ? -3.708  -2.157 0.557  1.00 1.50 ? 10 SER A C    5  
ATOM   939  O O    . SER A 1 10 ? -4.520  -1.467 1.181  1.00 2.03 ? 10 SER A O    5  
ATOM   940  C CB   . SER A 1 10 ? -1.822  -0.875 -0.457 1.00 2.42 ? 10 SER A CB   5  
ATOM   941  O OG   . SER A 1 10 ? -1.421  -0.117 -1.585 1.00 2.86 ? 10 SER A OG   5  
ATOM   942  H H    . SER A 1 10 ? -3.896  0.192  -1.393 1.00 0.93 ? 10 SER A H    5  
ATOM   943  H HA   . SER A 1 10 ? -2.884  -2.482 -1.394 1.00 2.13 ? 10 SER A HA   5  
ATOM   944  H HB2  . SER A 1 10 ? -1.986  -0.203 0.373  1.00 2.46 ? 10 SER A HB2  5  
ATOM   945  H HB3  . SER A 1 10 ? -1.034  -1.569 -0.205 1.00 2.98 ? 10 SER A HB3  5  
ATOM   946  H HG   . SER A 1 10 ? -0.934  -0.686 -2.196 1.00 2.74 ? 10 SER A HG   5  
HETATM 947  N N    . HZP A 1 11 ? -3.341  -3.385 0.966  1.00 1.06 ? 11 HZP A N    5  
HETATM 948  C CA   . HZP A 1 11 ? -3.761  -3.958 2.252  1.00 1.03 ? 11 HZP A CA   5  
HETATM 949  C C    . HZP A 1 11 ? -3.325  -3.091 3.430  1.00 1.12 ? 11 HZP A C    5  
HETATM 950  O O    . HZP A 1 11 ? -2.215  -3.233 3.942  1.00 1.52 ? 11 HZP A O    5  
HETATM 951  C CB   . HZP A 1 11 ? -3.045  -5.314 2.303  1.00 1.13 ? 11 HZP A CB   5  
HETATM 952  C CG   . HZP A 1 11 ? -1.994  -5.264 1.243  1.00 1.27 ? 11 HZP A CG   5  
HETATM 953  C CD   . HZP A 1 11 ? -2.509  -4.320 0.195  1.00 1.22 ? 11 HZP A CD   5  
HETATM 954  O OD1  . HZP A 1 11 ? -0.770  -4.776 1.790  1.00 1.41 ? 11 HZP A OD1  5  
HETATM 955  H HA   . HZP A 1 11 ? -4.830  -4.109 2.290  1.00 1.24 ? 11 HZP A HA   5  
HETATM 956  H HB   . HZP A 1 11 ? -2.591  -5.446 3.274  1.00 1.12 ? 11 HZP A HB   5  
HETATM 957  H HBA  . HZP A 1 11 ? -3.739  -6.112 2.097  1.00 1.48 ? 11 HZP A HBA  5  
HETATM 958  H HG   . HZP A 1 11 ? -1.825  -6.250 0.834  1.00 1.63 ? 11 HZP A HG   5  
HETATM 959  H HD   . HZP A 1 11 ? -3.098  -4.856 -0.533 1.00 1.59 ? 11 HZP A HD   5  
HETATM 960  H HDA  . HZP A 1 11 ? -1.686  -3.808 -0.282 1.00 1.50 ? 11 HZP A HDA  5  
HETATM 961  H HOD1 . HZP A 1 11 ? -0.564  -3.932 1.383  1.00 1.38 ? 11 HZP A HOD1 5  
ATOM   962  N N    . GLY A 1 12 ? -4.205  -2.197 3.851  1.00 1.50 ? 12 GLY A N    5  
ATOM   963  C CA   . GLY A 1 12 ? -3.875  -1.269 4.911  1.00 1.81 ? 12 GLY A CA   5  
ATOM   964  C C    . GLY A 1 12 ? -4.063  0.166  4.465  1.00 1.34 ? 12 GLY A C    5  
ATOM   965  O O    . GLY A 1 12 ? -4.997  0.839  4.901  1.00 1.56 ? 12 GLY A O    5  
ATOM   966  H H    . GLY A 1 12 ? -5.089  -2.159 3.427  1.00 1.92 ? 12 GLY A H    5  
ATOM   967  H HA2  . GLY A 1 12 ? -4.513  -1.462 5.760  1.00 2.34 ? 12 GLY A HA2  5  
ATOM   968  H HA3  . GLY A 1 12 ? -2.846  -1.414 5.199  1.00 2.05 ? 12 GLY A HA3  5  
ATOM   969  N N    . VAL A 1 13 ? -3.183  0.624  3.584  1.00 1.06 ? 13 VAL A N    5  
ATOM   970  C CA   . VAL A 1 13 ? -3.268  1.972  3.033  1.00 0.94 ? 13 VAL A CA   5  
ATOM   971  C C    . VAL A 1 13 ? -2.367  2.106  1.799  1.00 0.94 ? 13 VAL A C    5  
ATOM   972  O O    . VAL A 1 13 ? -1.163  1.847  1.859  1.00 1.85 ? 13 VAL A O    5  
ATOM   973  C CB   . VAL A 1 13 ? -2.905  3.050  4.090  1.00 1.42 ? 13 VAL A CB   5  
ATOM   974  C CG1  . VAL A 1 13 ? -1.512  2.824  4.666  1.00 2.01 ? 13 VAL A CG1  5  
ATOM   975  C CG2  . VAL A 1 13 ? -3.025  4.449  3.498  1.00 1.99 ? 13 VAL A CG2  5  
ATOM   976  H H    . VAL A 1 13 ? -2.452  0.034  3.290  1.00 1.28 ? 13 VAL A H    5  
ATOM   977  H HA   . VAL A 1 13 ? -4.292  2.134  2.727  1.00 1.07 ? 13 VAL A HA   5  
ATOM   978  H HB   . VAL A 1 13 ? -3.614  2.971  4.902  1.00 2.09 ? 13 VAL A HB   5  
ATOM   979  H HG11 . VAL A 1 13 ? -1.473  1.856  5.145  1.00 2.66 ? 13 VAL A HG11 5  
ATOM   980  H HG12 . VAL A 1 13 ? -1.293  3.593  5.394  1.00 2.28 ? 13 VAL A HG12 5  
ATOM   981  H HG13 . VAL A 1 13 ? -0.781  2.862  3.872  1.00 2.34 ? 13 VAL A HG13 5  
ATOM   982  H HG21 . VAL A 1 13 ? -2.350  4.545  2.661  1.00 2.37 ? 13 VAL A HG21 5  
ATOM   983  H HG22 . VAL A 1 13 ? -2.773  5.182  4.249  1.00 2.45 ? 13 VAL A HG22 5  
ATOM   984  H HG23 . VAL A 1 13 ? -4.039  4.612  3.163  1.00 2.37 ? 13 VAL A HG23 5  
ATOM   985  N N    . GLY A 1 14 ? -2.961  2.472  0.671  1.00 0.93 ? 14 GLY A N    5  
ATOM   986  C CA   . GLY A 1 14 ? -2.200  2.605  -0.553 1.00 1.12 ? 14 GLY A CA   5  
ATOM   987  C C    . GLY A 1 14 ? -2.891  3.465  -1.584 1.00 1.65 ? 14 GLY A C    5  
ATOM   988  O O    . GLY A 1 14 ? -4.084  3.306  -1.831 1.00 2.10 ? 14 GLY A O    5  
ATOM   989  H H    . GLY A 1 14 ? -3.931  2.637  0.664  1.00 1.56 ? 14 GLY A H    5  
ATOM   990  H HA2  . GLY A 1 14 ? -1.238  3.036  -0.324 1.00 1.43 ? 14 GLY A HA2  5  
ATOM   991  H HA3  . GLY A 1 14 ? -2.053  1.620  -0.974 1.00 1.19 ? 14 GLY A HA3  5  
ATOM   992  N N    . HIS A 1 15 ? -2.134  4.361  -2.203 1.00 1.91 ? 15 HIS A N    5  
ATOM   993  C CA   . HIS A 1 15 ? -2.661  5.227  -3.251 1.00 2.63 ? 15 HIS A CA   5  
ATOM   994  C C    . HIS A 1 15 ? -1.593  5.471  -4.304 1.00 2.88 ? 15 HIS A C    5  
ATOM   995  O O    . HIS A 1 15 ? -0.571  6.103  -3.975 1.00 3.11 ? 15 HIS A O    5  
ATOM   996  C CB   . HIS A 1 15 ? -3.147  6.566  -2.680 1.00 3.38 ? 15 HIS A CB   5  
ATOM   997  C CG   . HIS A 1 15 ? -4.390  6.459  -1.848 1.00 4.23 ? 15 HIS A CG   5  
ATOM   998  N ND1  . HIS A 1 15 ? -4.368  6.353  -0.475 1.00 4.85 ? 15 HIS A ND1  5  
ATOM   999  C CD2  . HIS A 1 15 ? -5.697  6.448  -2.200 1.00 4.97 ? 15 HIS A CD2  5  
ATOM   1000 C CE1  . HIS A 1 15 ? -5.603  6.278  -0.020 1.00 5.75 ? 15 HIS A CE1  5  
ATOM   1001 N NE2  . HIS A 1 15 ? -6.431  6.335  -1.045 1.00 5.86 ? 15 HIS A NE2  5  
ATOM   1002 O OXT  . HIS A 1 15 ? -1.772  5.025  -5.453 1.00 3.39 ? 15 HIS A OXT  5  
ATOM   1003 H H    . HIS A 1 15 ? -1.187  4.444  -1.950 1.00 1.77 ? 15 HIS A H    5  
ATOM   1004 H HA   . HIS A 1 15 ? -3.493  4.716  -3.713 1.00 2.73 ? 15 HIS A HA   5  
ATOM   1005 H HB2  . HIS A 1 15 ? -2.371  6.986  -2.060 1.00 3.51 ? 15 HIS A HB2  5  
ATOM   1006 H HB3  . HIS A 1 15 ? -3.353  7.241  -3.497 1.00 3.63 ? 15 HIS A HB3  5  
ATOM   1007 H HD1  . HIS A 1 15 ? -3.560  6.336  0.084  1.00 4.89 ? 15 HIS A HD1  5  
ATOM   1008 H HD2  . HIS A 1 15 ? -6.089  6.514  -3.205 1.00 5.12 ? 15 HIS A HD2  5  
ATOM   1009 H HE1  . HIS A 1 15 ? -5.890  6.186  1.017  1.00 6.48 ? 15 HIS A HE1  5  
ATOM   1010 H HE2  . HIS A 1 15 ? -7.399  6.495  -0.973 1.00 6.63 ? 15 HIS A HE2  5  
ATOM   1011 N N    . ALA A 1 1  ? 8.564   0.237  0.835  1.00 1.56 ? 1  ALA A N    6  
ATOM   1012 C CA   . ALA A 1 1  ? 8.517   0.549  2.280  1.00 1.52 ? 1  ALA A CA   6  
ATOM   1013 C C    . ALA A 1 1  ? 7.232   1.286  2.625  1.00 1.41 ? 1  ALA A C    6  
ATOM   1014 O O    . ALA A 1 1  ? 6.549   1.794  1.735  1.00 1.82 ? 1  ALA A O    6  
ATOM   1015 C CB   . ALA A 1 1  ? 9.727   1.378  2.684  1.00 1.85 ? 1  ALA A CB   6  
ATOM   1016 H H1   . ALA A 1 1  ? 9.460   -0.231 0.596  1.00 2.02 ? 1  ALA A H1   6  
ATOM   1017 H H2   . ALA A 1 1  ? 8.480   1.108  0.278  1.00 2.14 ? 1  ALA A H2   6  
ATOM   1018 H H3   . ALA A 1 1  ? 7.781   -0.395 0.583  1.00 1.23 ? 1  ALA A H3   6  
ATOM   1019 H HA   . ALA A 1 1  ? 8.547   -0.379 2.830  1.00 1.79 ? 1  ALA A HA   6  
ATOM   1020 H HB1  . ALA A 1 1  ? 9.713   2.319  2.154  1.00 2.23 ? 1  ALA A HB1  6  
ATOM   1021 H HB2  . ALA A 1 1  ? 10.631  0.841  2.438  1.00 1.95 ? 1  ALA A HB2  6  
ATOM   1022 H HB3  . ALA A 1 1  ? 9.698   1.564  3.748  1.00 2.42 ? 1  ALA A HB3  6  
ATOM   1023 N N    . PHE A 1 2  ? 6.919   1.333  3.924  1.00 1.39 ? 2  PHE A N    6  
ATOM   1024 C CA   . PHE A 1 2  ? 5.728   2.007  4.449  1.00 1.50 ? 2  PHE A CA   6  
ATOM   1025 C C    . PHE A 1 2  ? 4.452   1.288  4.020  1.00 1.32 ? 2  PHE A C    6  
ATOM   1026 O O    . PHE A 1 2  ? 3.837   0.575  4.812  1.00 1.65 ? 2  PHE A O    6  
ATOM   1027 C CB   . PHE A 1 2  ? 5.681   3.480  4.021  1.00 1.72 ? 2  PHE A CB   6  
ATOM   1028 C CG   . PHE A 1 2  ? 6.875   4.277  4.470  1.00 1.94 ? 2  PHE A CG   6  
ATOM   1029 C CD1  . PHE A 1 2  ? 7.043   4.606  5.805  1.00 2.24 ? 2  PHE A CD1  6  
ATOM   1030 C CD2  . PHE A 1 2  ? 7.827   4.697  3.554  1.00 2.29 ? 2  PHE A CD2  6  
ATOM   1031 C CE1  . PHE A 1 2  ? 8.139   5.342  6.219  1.00 2.82 ? 2  PHE A CE1  6  
ATOM   1032 C CE2  . PHE A 1 2  ? 8.923   5.431  3.962  1.00 2.71 ? 2  PHE A CE2  6  
ATOM   1033 C CZ   . PHE A 1 2  ? 9.080   5.754  5.296  1.00 2.97 ? 2  PHE A CZ   6  
ATOM   1034 H H    . PHE A 1 2  ? 7.513   0.883  4.561  1.00 1.68 ? 2  PHE A H    6  
ATOM   1035 H HA   . PHE A 1 2  ? 5.789   1.967  5.526  1.00 1.73 ? 2  PHE A HA   6  
ATOM   1036 H HB2  . PHE A 1 2  ? 5.634   3.532  2.945  1.00 2.04 ? 2  PHE A HB2  6  
ATOM   1037 H HB3  . PHE A 1 2  ? 4.798   3.941  4.438  1.00 1.80 ? 2  PHE A HB3  6  
ATOM   1038 H HD1  . PHE A 1 2  ? 6.310   4.284  6.528  1.00 2.25 ? 2  PHE A HD1  6  
ATOM   1039 H HD2  . PHE A 1 2  ? 7.705   4.447  2.510  1.00 2.46 ? 2  PHE A HD2  6  
ATOM   1040 H HE1  . PHE A 1 2  ? 8.259   5.592  7.262  1.00 3.31 ? 2  PHE A HE1  6  
ATOM   1041 H HE2  . PHE A 1 2  ? 9.657   5.753  3.239  1.00 3.04 ? 2  PHE A HE2  6  
ATOM   1042 H HZ   . PHE A 1 2  ? 9.936   6.327  5.616  1.00 3.47 ? 2  PHE A HZ   6  
ATOM   1043 N N    . GLN A 1 3  ? 4.069   1.464  2.766  1.00 1.01 ? 3  GLN A N    6  
ATOM   1044 C CA   . GLN A 1 3  ? 2.882   0.819  2.233  1.00 1.01 ? 3  GLN A CA   6  
ATOM   1045 C C    . GLN A 1 3  ? 3.186   -0.628 1.864  1.00 0.79 ? 3  GLN A C    6  
ATOM   1046 O O    . GLN A 1 3  ? 4.143   -0.903 1.138  1.00 0.69 ? 3  GLN A O    6  
ATOM   1047 C CB   . GLN A 1 3  ? 2.351   1.587  1.018  1.00 1.10 ? 3  GLN A CB   6  
ATOM   1048 C CG   . GLN A 1 3  ? 3.404   1.891  -0.039 1.00 1.04 ? 3  GLN A CG   6  
ATOM   1049 C CD   . GLN A 1 3  ? 2.850   2.722  -1.175 1.00 1.51 ? 3  GLN A CD   6  
ATOM   1050 O OE1  . GLN A 1 3  ? 1.677   2.616  -1.513 1.00 2.06 ? 3  GLN A OE1  6  
ATOM   1051 N NE2  . GLN A 1 3  ? 3.685   3.565  -1.760 1.00 2.12 ? 3  GLN A NE2  6  
ATOM   1052 H H    . GLN A 1 3  ? 4.611   2.032  2.178  1.00 0.99 ? 3  GLN A H    6  
ATOM   1053 H HA   . GLN A 1 3  ? 2.129   0.827  3.007  1.00 1.30 ? 3  GLN A HA   6  
ATOM   1054 H HB2  . GLN A 1 3  ? 1.571   1.003  0.554  1.00 1.21 ? 3  GLN A HB2  6  
ATOM   1055 H HB3  . GLN A 1 3  ? 1.932   2.524  1.355  1.00 1.37 ? 3  GLN A HB3  6  
ATOM   1056 H HG2  . GLN A 1 3  ? 4.215   2.431  0.421  1.00 1.37 ? 3  GLN A HG2  6  
ATOM   1057 H HG3  . GLN A 1 3  ? 3.772   0.958  -0.443 1.00 1.25 ? 3  GLN A HG3  6  
ATOM   1058 H HE21 . GLN A 1 3  ? 4.608   3.604  -1.433 1.00 2.44 ? 3  GLN A HE21 6  
ATOM   1059 H HE22 . GLN A 1 3  ? 3.345   4.114  -2.502 1.00 2.57 ? 3  GLN A HE22 6  
HETATM 1060 N N    . HZP A 1 4  ? 2.394   -1.576 2.388  1.00 0.94 ? 4  HZP A N    6  
HETATM 1061 C CA   . HZP A 1 4  ? 2.581   -3.004 2.112  1.00 0.99 ? 4  HZP A CA   6  
HETATM 1062 C C    . HZP A 1 4  ? 2.222   -3.371 0.669  1.00 1.07 ? 4  HZP A C    6  
HETATM 1063 O O    . HZP A 1 4  ? 1.145   -3.904 0.399  1.00 1.40 ? 4  HZP A O    6  
HETATM 1064 C CB   . HZP A 1 4  ? 1.643   -3.695 3.106  1.00 1.29 ? 4  HZP A CB   6  
HETATM 1065 C CG   . HZP A 1 4  ? 0.613   -2.670 3.469  1.00 1.42 ? 4  HZP A CG   6  
HETATM 1066 C CD   . HZP A 1 4  ? 1.274   -1.324 3.312  1.00 1.26 ? 4  HZP A CD   6  
HETATM 1067 O OD1  . HZP A 1 4  ? -0.524  -2.770 2.608  1.00 1.59 ? 4  HZP A OD1  6  
HETATM 1068 H HA   . HZP A 1 4  ? 3.599   -3.307 2.307  1.00 0.96 ? 4  HZP A HA   6  
HETATM 1069 H HB   . HZP A 1 4  ? 1.186   -4.557 2.638  1.00 1.44 ? 4  HZP A HB   6  
HETATM 1070 H HBA  . HZP A 1 4  ? 2.191   -3.992 3.986  1.00 1.37 ? 4  HZP A HBA  6  
HETATM 1071 H HG   . HZP A 1 4  ? 0.282   -2.826 4.487  1.00 1.64 ? 4  HZP A HG   6  
HETATM 1072 H HD   . HZP A 1 4  ? 1.632   -0.974 4.268  1.00 1.34 ? 4  HZP A HD   6  
HETATM 1073 H HDA  . HZP A 1 4  ? 0.576   -0.617 2.888  1.00 1.41 ? 4  HZP A HDA  6  
HETATM 1074 H HOD1 . HZP A 1 4  ? -0.564  -1.985 2.041  1.00 1.63 ? 4  HZP A HOD1 6  
ATOM   1075 N N    . THR A 1 5  ? 3.144   -3.045 -0.240 1.00 0.94 ? 5  THR A N    6  
ATOM   1076 C CA   . THR A 1 5  ? 3.045   -3.358 -1.670 1.00 1.16 ? 5  THR A CA   6  
ATOM   1077 C C    . THR A 1 5  ? 1.787   -2.776 -2.317 1.00 1.27 ? 5  THR A C    6  
ATOM   1078 O O    . THR A 1 5  ? 1.042   -2.026 -1.683 1.00 2.15 ? 5  THR A O    6  
ATOM   1079 C CB   . THR A 1 5  ? 3.138   -4.881 -1.955 1.00 1.66 ? 5  THR A CB   6  
ATOM   1080 O OG1  . THR A 1 5  ? 2.132   -5.613 -1.240 1.00 1.97 ? 5  THR A OG1  6  
ATOM   1081 C CG2  . THR A 1 5  ? 4.512   -5.414 -1.586 1.00 1.90 ? 5  THR A CG2  6  
ATOM   1082 H H    . THR A 1 5  ? 3.929   -2.550 0.067  1.00 0.83 ? 5  THR A H    6  
ATOM   1083 H HA   . THR A 1 5  ? 3.897   -2.892 -2.146 1.00 1.13 ? 5  THR A HA   6  
ATOM   1084 H HB   . THR A 1 5  ? 2.990   -5.038 -3.014 1.00 1.80 ? 5  THR A HB   6  
ATOM   1085 H HG1  . THR A 1 5  ? 1.628   -5.002 -0.681 1.00 1.75 ? 5  THR A HG1  6  
ATOM   1086 H HG21 . THR A 1 5  ? 4.690   -5.249 -0.533 1.00 2.07 ? 5  THR A HG21 6  
ATOM   1087 H HG22 . THR A 1 5  ? 5.266   -4.900 -2.162 1.00 2.09 ? 5  THR A HG22 6  
ATOM   1088 H HG23 . THR A 1 5  ? 4.557   -6.472 -1.797 1.00 2.31 ? 5  THR A HG23 6  
ATOM   1089 N N    . THR A 1 6  ? 1.592   -3.113 -3.600 1.00 1.06 ? 6  THR A N    6  
ATOM   1090 C CA   . THR A 1 6  ? 0.443   -2.681 -4.406 1.00 1.26 ? 6  THR A CA   6  
ATOM   1091 C C    . THR A 1 6  ? -0.008  -1.240 -4.098 1.00 0.96 ? 6  THR A C    6  
ATOM   1092 O O    . THR A 1 6  ? -1.111  -1.007 -3.594 1.00 1.13 ? 6  THR A O    6  
ATOM   1093 C CB   . THR A 1 6  ? -0.744  -3.689 -4.302 1.00 1.84 ? 6  THR A CB   6  
ATOM   1094 O OG1  . THR A 1 6  ? -1.907  -3.183 -4.972 1.00 2.43 ? 6  THR A OG1  6  
ATOM   1095 C CG2  . THR A 1 6  ? -1.092  -4.024 -2.858 1.00 2.19 ? 6  THR A CG2  6  
ATOM   1096 H H    . THR A 1 6  ? 2.264   -3.682 -4.030 1.00 1.45 ? 6  THR A H    6  
ATOM   1097 H HA   . THR A 1 6  ? 0.776   -2.696 -5.435 1.00 1.48 ? 6  THR A HA   6  
ATOM   1098 H HB   . THR A 1 6  ? -0.444  -4.604 -4.793 1.00 2.30 ? 6  THR A HB   6  
ATOM   1099 H HG1  . THR A 1 6  ? -2.082  -2.282 -4.667 1.00 2.70 ? 6  THR A HG1  6  
ATOM   1100 H HG21 . THR A 1 6  ? -0.198  -4.330 -2.336 1.00 2.25 ? 6  THR A HG21 6  
ATOM   1101 H HG22 . THR A 1 6  ? -1.811  -4.827 -2.839 1.00 2.57 ? 6  THR A HG22 6  
ATOM   1102 H HG23 . THR A 1 6  ? -1.512  -3.153 -2.378 1.00 2.69 ? 6  THR A HG23 6  
ATOM   1103 N N    . PRO A 1 7  ? 0.855   -0.245 -4.400 1.00 0.81 ? 7  PRO A N    6  
ATOM   1104 C CA   . PRO A 1 7  ? 0.513   1.173  -4.248 1.00 0.78 ? 7  PRO A CA   6  
ATOM   1105 C C    . PRO A 1 7  ? -0.698  1.555  -5.090 1.00 0.74 ? 7  PRO A C    6  
ATOM   1106 O O    . PRO A 1 7  ? -0.786  1.220  -6.274 1.00 1.23 ? 7  PRO A O    6  
ATOM   1107 C CB   . PRO A 1 7  ? 1.774   1.902  -4.727 1.00 1.12 ? 7  PRO A CB   6  
ATOM   1108 C CG   . PRO A 1 7  ? 2.858   0.905  -4.537 1.00 1.14 ? 7  PRO A CG   6  
ATOM   1109 C CD   . PRO A 1 7  ? 2.233   -0.413 -4.889 1.00 1.10 ? 7  PRO A CD   6  
ATOM   1110 H HA   . PRO A 1 7  ? 0.322   1.422  -3.214 1.00 0.83 ? 7  PRO A HA   6  
ATOM   1111 H HB2  . PRO A 1 7  ? 1.662   2.179  -5.765 1.00 1.37 ? 7  PRO A HB2  6  
ATOM   1112 H HB3  . PRO A 1 7  ? 1.937   2.785  -4.125 1.00 1.35 ? 7  PRO A HB3  6  
ATOM   1113 H HG2  . PRO A 1 7  ? 3.685   1.124  -5.198 1.00 1.49 ? 7  PRO A HG2  6  
ATOM   1114 H HG3  . PRO A 1 7  ? 3.182   0.904  -3.502 1.00 1.13 ? 7  PRO A HG3  6  
ATOM   1115 H HD2  . PRO A 1 7  ? 2.249   -0.568 -5.958 1.00 1.33 ? 7  PRO A HD2  6  
ATOM   1116 H HD3  . PRO A 1 7  ? 2.730   -1.222 -4.375 1.00 1.28 ? 7  PRO A HD3  6  
ATOM   1117 N N    . GLY A 1 8  ? -1.625  2.251  -4.464 1.00 0.74 ? 8  GLY A N    6  
ATOM   1118 C CA   . GLY A 1 8  ? -2.906  2.520  -5.075 1.00 0.79 ? 8  GLY A CA   6  
ATOM   1119 C C    . GLY A 1 8  ? -4.021  1.989  -4.207 1.00 0.74 ? 8  GLY A C    6  
ATOM   1120 O O    . GLY A 1 8  ? -4.992  2.691  -3.928 1.00 1.17 ? 8  GLY A O    6  
ATOM   1121 H H    . GLY A 1 8  ? -1.437  2.599  -3.569 1.00 1.12 ? 8  GLY A H    6  
ATOM   1122 H HA2  . GLY A 1 8  ? -3.023  3.586  -5.198 1.00 0.98 ? 8  GLY A HA2  6  
ATOM   1123 H HA3  . GLY A 1 8  ? -2.948  2.041  -6.040 1.00 0.95 ? 8  GLY A HA3  6  
ATOM   1124 N N    . ASN A 1 9  ? -3.858  0.751  -3.759 1.00 1.05 ? 9  ASN A N    6  
ATOM   1125 C CA   . ASN A 1 9  ? -4.795  0.128  -2.837 1.00 1.38 ? 9  ASN A CA   6  
ATOM   1126 C C    . ASN A 1 9  ? -4.164  -1.114 -2.217 1.00 1.13 ? 9  ASN A C    6  
ATOM   1127 O O    . ASN A 1 9  ? -4.022  -2.146 -2.876 1.00 1.89 ? 9  ASN A O    6  
ATOM   1128 C CB   . ASN A 1 9  ? -6.102  -0.252 -3.549 1.00 2.39 ? 9  ASN A CB   6  
ATOM   1129 C CG   . ASN A 1 9  ? -7.195  -0.696 -2.585 1.00 3.21 ? 9  ASN A CG   6  
ATOM   1130 O OD1  . ASN A 1 9  ? -6.925  -1.223 -1.504 1.00 3.66 ? 9  ASN A OD1  6  
ATOM   1131 N ND2  . ASN A 1 9  ? -8.441  -0.485 -2.971 1.00 3.96 ? 9  ASN A ND2  6  
ATOM   1132 H H    . ASN A 1 9  ? -3.079  0.234  -4.065 1.00 1.43 ? 9  ASN A H    6  
ATOM   1133 H HA   . ASN A 1 9  ? -5.013  0.837  -2.053 1.00 1.60 ? 9  ASN A HA   6  
ATOM   1134 H HB2  . ASN A 1 9  ? -6.463  0.602  -4.102 1.00 2.76 ? 9  ASN A HB2  6  
ATOM   1135 H HB3  . ASN A 1 9  ? -5.905  -1.061 -4.237 1.00 2.82 ? 9  ASN A HB3  6  
ATOM   1136 H HD21 . ASN A 1 9  ? -8.592  -0.062 -3.844 1.00 3.96 ? 9  ASN A HD21 6  
ATOM   1137 H HD22 . ASN A 1 9  ? -9.167  -0.766 -2.374 1.00 4.72 ? 9  ASN A HD22 6  
ATOM   1138 N N    . SER A 1 10 ? -3.777  -1.007 -0.958 1.00 0.88 ? 10 SER A N    6  
ATOM   1139 C CA   . SER A 1 10 ? -3.239  -2.138 -0.226 1.00 1.64 ? 10 SER A CA   6  
ATOM   1140 C C    . SER A 1 10 ? -3.951  -2.237 1.119  1.00 1.50 ? 10 SER A C    6  
ATOM   1141 O O    . SER A 1 10 ? -4.547  -1.252 1.556  1.00 2.03 ? 10 SER A O    6  
ATOM   1142 C CB   . SER A 1 10 ? -1.722  -1.985 -0.040 1.00 2.42 ? 10 SER A CB   6  
ATOM   1143 O OG   . SER A 1 10 ? -1.404  -0.908 0.829  1.00 2.86 ? 10 SER A OG   6  
ATOM   1144 H H    . SER A 1 10 ? -3.866  -0.141 -0.500 1.00 0.93 ? 10 SER A H    6  
ATOM   1145 H HA   . SER A 1 10 ? -3.440  -3.034 -0.797 1.00 2.13 ? 10 SER A HA   6  
ATOM   1146 H HB2  . SER A 1 10 ? -1.316  -2.893 0.378  1.00 2.46 ? 10 SER A HB2  6  
ATOM   1147 H HB3  . SER A 1 10 ? -1.264  -1.797 -1.000 1.00 2.98 ? 10 SER A HB3  6  
ATOM   1148 H HG   . SER A 1 10 ? -1.586  -0.076 0.376  1.00 2.74 ? 10 SER A HG   6  
HETATM 1149 N N    . HZP A 1 11 ? -3.943  -3.414 1.778  1.00 1.06 ? 11 HZP A N    6  
HETATM 1150 C CA   . HZP A 1 11 ? -4.618  -3.604 3.069  1.00 1.03 ? 11 HZP A CA   6  
HETATM 1151 C C    . HZP A 1 11 ? -4.334  -2.466 4.050  1.00 1.12 ? 11 HZP A C    6  
HETATM 1152 O O    . HZP A 1 11 ? -5.254  -1.906 4.651  1.00 1.52 ? 11 HZP A O    6  
HETATM 1153 C CB   . HZP A 1 11 ? -4.050  -4.926 3.603  1.00 1.13 ? 11 HZP A CB   6  
HETATM 1154 C CG   . HZP A 1 11 ? -3.048  -5.406 2.599  1.00 1.27 ? 11 HZP A CG   6  
HETATM 1155 C CD   . HZP A 1 11 ? -3.313  -4.656 1.318  1.00 1.22 ? 11 HZP A CD   6  
HETATM 1156 O OD1  . HZP A 1 11 ? -1.730  -5.141 3.077  1.00 1.41 ? 11 HZP A OD1  6  
HETATM 1157 H HA   . HZP A 1 11 ? -5.688  -3.699 2.938  1.00 1.24 ? 11 HZP A HA   6  
HETATM 1158 H HB   . HZP A 1 11 ? -3.565  -4.749 4.554  1.00 1.12 ? 11 HZP A HB   6  
HETATM 1159 H HBA  . HZP A 1 11 ? -4.837  -5.652 3.714  1.00 1.48 ? 11 HZP A HBA  6  
HETATM 1160 H HG   . HZP A 1 11 ? -3.152  -6.473 2.452  1.00 1.63 ? 11 HZP A HG   6  
HETATM 1161 H HD   . HZP A 1 11 ? -3.984  -5.221 0.688  1.00 1.59 ? 11 HZP A HD   6  
HETATM 1162 H HDA  . HZP A 1 11 ? -2.388  -4.455 0.804  1.00 1.50 ? 11 HZP A HDA  6  
HETATM 1163 H HOD1 . HZP A 1 11 ? -1.295  -4.529 2.476  1.00 1.38 ? 11 HZP A HOD1 6  
ATOM   1164 N N    . GLY A 1 12 ? -3.058  -2.117 4.190  1.00 1.50 ? 12 GLY A N    6  
ATOM   1165 C CA   . GLY A 1 12 ? -2.680  -1.012 5.048  1.00 1.81 ? 12 GLY A CA   6  
ATOM   1166 C C    . GLY A 1 12 ? -3.097  0.324  4.464  1.00 1.34 ? 12 GLY A C    6  
ATOM   1167 O O    . GLY A 1 12 ? -4.058  0.939  4.930  1.00 1.56 ? 12 GLY A O    6  
ATOM   1168 H H    . GLY A 1 12 ? -2.368  -2.616 3.702  1.00 1.92 ? 12 GLY A H    6  
ATOM   1169 H HA2  . GLY A 1 12 ? -3.152  -1.138 6.011  1.00 2.34 ? 12 GLY A HA2  6  
ATOM   1170 H HA3  . GLY A 1 12 ? -1.608  -1.019 5.178  1.00 2.05 ? 12 GLY A HA3  6  
ATOM   1171 N N    . VAL A 1 13 ? -2.377  0.771  3.441  1.00 1.06 ? 13 VAL A N    6  
ATOM   1172 C CA   . VAL A 1 13 ? -2.706  2.017  2.758  1.00 0.94 ? 13 VAL A CA   6  
ATOM   1173 C C    . VAL A 1 13 ? -2.616  1.827  1.246  1.00 0.94 ? 13 VAL A C    6  
ATOM   1174 O O    . VAL A 1 13 ? -3.599  1.481  0.594  1.00 1.85 ? 13 VAL A O    6  
ATOM   1175 C CB   . VAL A 1 13 ? -1.777  3.182  3.176  1.00 1.42 ? 13 VAL A CB   6  
ATOM   1176 C CG1  . VAL A 1 13 ? -2.230  4.488  2.534  1.00 2.01 ? 13 VAL A CG1  6  
ATOM   1177 C CG2  . VAL A 1 13 ? -1.727  3.322  4.688  1.00 1.99 ? 13 VAL A CG2  6  
ATOM   1178 H H    . VAL A 1 13 ? -1.613  0.245  3.132  1.00 1.28 ? 13 VAL A H    6  
ATOM   1179 H HA   . VAL A 1 13 ? -3.721  2.278  3.017  1.00 1.07 ? 13 VAL A HA   6  
ATOM   1180 H HB   . VAL A 1 13 ? -0.780  2.963  2.825  1.00 2.09 ? 13 VAL A HB   6  
ATOM   1181 H HG11 . VAL A 1 13 ? -2.198  4.389  1.458  1.00 2.66 ? 13 VAL A HG11 6  
ATOM   1182 H HG12 . VAL A 1 13 ? -1.571  5.286  2.840  1.00 2.28 ? 13 VAL A HG12 6  
ATOM   1183 H HG13 . VAL A 1 13 ? -3.238  4.713  2.845  1.00 2.34 ? 13 VAL A HG13 6  
ATOM   1184 H HG21 . VAL A 1 13 ? -1.041  4.112  4.954  1.00 2.37 ? 13 VAL A HG21 6  
ATOM   1185 H HG22 . VAL A 1 13 ? -1.396  2.393  5.126  1.00 2.45 ? 13 VAL A HG22 6  
ATOM   1186 H HG23 . VAL A 1 13 ? -2.712  3.562  5.060  1.00 2.37 ? 13 VAL A HG23 6  
ATOM   1187 N N    . GLY A 1 14 ? -1.419  2.004  0.699  1.00 0.93 ? 14 GLY A N    6  
ATOM   1188 C CA   . GLY A 1 14 ? -1.234  1.891  -0.734 1.00 1.12 ? 14 GLY A CA   6  
ATOM   1189 C C    . GLY A 1 14 ? -1.611  3.166  -1.454 1.00 1.65 ? 14 GLY A C    6  
ATOM   1190 O O    . GLY A 1 14 ? -2.788  3.515  -1.533 1.00 2.10 ? 14 GLY A O    6  
ATOM   1191 H H    . GLY A 1 14 ? -0.656  2.223  1.271  1.00 1.56 ? 14 GLY A H    6  
ATOM   1192 H HA2  . GLY A 1 14 ? -0.198  1.665  -0.936 1.00 1.43 ? 14 GLY A HA2  6  
ATOM   1193 H HA3  . GLY A 1 14 ? -1.849  1.083  -1.106 1.00 1.19 ? 14 GLY A HA3  6  
ATOM   1194 N N    . HIS A 1 15 ? -0.614  3.861  -1.983 1.00 1.91 ? 15 HIS A N    6  
ATOM   1195 C CA   . HIS A 1 15 ? -0.838  5.108  -2.695 1.00 2.63 ? 15 HIS A CA   6  
ATOM   1196 C C    . HIS A 1 15 ? 0.307   5.362  -3.670 1.00 2.88 ? 15 HIS A C    6  
ATOM   1197 O O    . HIS A 1 15 ? 0.029   5.634  -4.852 1.00 3.11 ? 15 HIS A O    6  
ATOM   1198 C CB   . HIS A 1 15 ? -0.997  6.290  -1.719 1.00 3.38 ? 15 HIS A CB   6  
ATOM   1199 C CG   . HIS A 1 15 ? 0.259   6.687  -0.999 1.00 4.23 ? 15 HIS A CG   6  
ATOM   1200 N ND1  . HIS A 1 15 ? 0.810   7.943  -1.098 1.00 4.85 ? 15 HIS A ND1  6  
ATOM   1201 C CD2  . HIS A 1 15 ? 1.063   5.992  -0.158 1.00 4.97 ? 15 HIS A CD2  6  
ATOM   1202 C CE1  . HIS A 1 15 ? 1.897   8.004  -0.354 1.00 5.75 ? 15 HIS A CE1  6  
ATOM   1203 N NE2  . HIS A 1 15 ? 2.074   6.835  0.228  1.00 5.86 ? 15 HIS A NE2  6  
ATOM   1204 O OXT  . HIS A 1 15 ? 1.477   5.246  -3.254 1.00 3.39 ? 15 HIS A OXT  6  
ATOM   1205 H H    . HIS A 1 15 ? 0.311   3.516  -1.901 1.00 1.77 ? 15 HIS A H    6  
ATOM   1206 H HA   . HIS A 1 15 ? -1.752  4.999  -3.263 1.00 2.73 ? 15 HIS A HA   6  
ATOM   1207 H HB2  . HIS A 1 15 ? -1.343  7.151  -2.267 1.00 3.51 ? 15 HIS A HB2  6  
ATOM   1208 H HB3  . HIS A 1 15 ? -1.735  6.027  -0.975 1.00 3.63 ? 15 HIS A HB3  6  
ATOM   1209 H HD1  . HIS A 1 15 ? 0.455   8.686  -1.637 1.00 4.89 ? 15 HIS A HD1  6  
ATOM   1210 H HD2  . HIS A 1 15 ? 0.931   4.966  0.152  1.00 5.12 ? 15 HIS A HD2  6  
ATOM   1211 H HE1  . HIS A 1 15 ? 2.533   8.869  -0.241 1.00 6.48 ? 15 HIS A HE1  6  
ATOM   1212 H HE2  . HIS A 1 15 ? 2.904   6.554  0.674  1.00 6.63 ? 15 HIS A HE2  6  
ATOM   1213 N N    . ALA A 1 1  ? 8.845   -1.570 1.205  1.00 1.56 ? 1  ALA A N    7  
ATOM   1214 C CA   . ALA A 1 1  ? 9.497   -0.998 2.408  1.00 1.52 ? 1  ALA A CA   7  
ATOM   1215 C C    . ALA A 1 1  ? 8.808   0.291  2.840  1.00 1.41 ? 1  ALA A C    7  
ATOM   1216 O O    . ALA A 1 1  ? 8.174   0.336  3.893  1.00 1.82 ? 1  ALA A O    7  
ATOM   1217 C CB   . ALA A 1 1  ? 10.978  -0.752 2.150  1.00 1.85 ? 1  ALA A CB   7  
ATOM   1218 H H1   . ALA A 1 1  ? 9.305   -2.464 0.941  1.00 2.02 ? 1  ALA A H1   7  
ATOM   1219 H H2   . ALA A 1 1  ? 8.920   -0.909 0.408  1.00 2.14 ? 1  ALA A H2   7  
ATOM   1220 H H3   . ALA A 1 1  ? 7.839   -1.754 1.399  1.00 1.23 ? 1  ALA A H3   7  
ATOM   1221 H HA   . ALA A 1 1  ? 9.415   -1.718 3.208  1.00 1.79 ? 1  ALA A HA   7  
ATOM   1222 H HB1  . ALA A 1 1  ? 11.438  -1.664 1.802  1.00 2.23 ? 1  ALA A HB1  7  
ATOM   1223 H HB2  . ALA A 1 1  ? 11.454  -0.436 3.066  1.00 1.95 ? 1  ALA A HB2  7  
ATOM   1224 H HB3  . ALA A 1 1  ? 11.091  0.018  1.401  1.00 2.42 ? 1  ALA A HB3  7  
ATOM   1225 N N    . PHE A 1 2  ? 8.924   1.334  2.022  1.00 1.39 ? 2  PHE A N    7  
ATOM   1226 C CA   . PHE A 1 2  ? 8.306   2.618  2.335  1.00 1.50 ? 2  PHE A CA   7  
ATOM   1227 C C    . PHE A 1 2  ? 6.788   2.498  2.302  1.00 1.32 ? 2  PHE A C    7  
ATOM   1228 O O    . PHE A 1 2  ? 6.101   2.854  3.263  1.00 1.65 ? 2  PHE A O    7  
ATOM   1229 C CB   . PHE A 1 2  ? 8.769   3.699  1.352  1.00 1.72 ? 2  PHE A CB   7  
ATOM   1230 C CG   . PHE A 1 2  ? 10.230  4.032  1.462  1.00 1.94 ? 2  PHE A CG   7  
ATOM   1231 C CD1  . PHE A 1 2  ? 10.677  4.938  2.411  1.00 2.24 ? 2  PHE A CD1  7  
ATOM   1232 C CD2  . PHE A 1 2  ? 11.158  3.447  0.614  1.00 2.29 ? 2  PHE A CD2  7  
ATOM   1233 C CE1  . PHE A 1 2  ? 12.018  5.252  2.514  1.00 2.82 ? 2  PHE A CE1  7  
ATOM   1234 C CE2  . PHE A 1 2  ? 12.501  3.758  0.712  1.00 2.71 ? 2  PHE A CE2  7  
ATOM   1235 C CZ   . PHE A 1 2  ? 12.931  4.661  1.663  1.00 2.97 ? 2  PHE A CZ   7  
ATOM   1236 H H    . PHE A 1 2  ? 9.435   1.240  1.189  1.00 1.68 ? 2  PHE A H    7  
ATOM   1237 H HA   . PHE A 1 2  ? 8.610   2.897  3.331  1.00 1.73 ? 2  PHE A HA   7  
ATOM   1238 H HB2  . PHE A 1 2  ? 8.584   3.361  0.344  1.00 2.04 ? 2  PHE A HB2  7  
ATOM   1239 H HB3  . PHE A 1 2  ? 8.207   4.603  1.531  1.00 1.80 ? 2  PHE A HB3  7  
ATOM   1240 H HD1  . PHE A 1 2  ? 9.966   5.398  3.078  1.00 2.25 ? 2  PHE A HD1  7  
ATOM   1241 H HD2  . PHE A 1 2  ? 10.824  2.741  -0.131 1.00 2.46 ? 2  PHE A HD2  7  
ATOM   1242 H HE1  . PHE A 1 2  ? 12.351  5.960  3.259  1.00 3.31 ? 2  PHE A HE1  7  
ATOM   1243 H HE2  . PHE A 1 2  ? 13.214  3.295  0.046  1.00 3.04 ? 2  PHE A HE2  7  
ATOM   1244 H HZ   . PHE A 1 2  ? 13.979  4.906  1.741  1.00 3.47 ? 2  PHE A HZ   7  
ATOM   1245 N N    . GLN A 1 3  ? 6.273   1.994  1.196  1.00 1.01 ? 3  GLN A N    7  
ATOM   1246 C CA   . GLN A 1 3  ? 4.854   1.755  1.052  1.00 1.01 ? 3  GLN A CA   7  
ATOM   1247 C C    . GLN A 1 3  ? 4.495   0.400  1.654  1.00 0.79 ? 3  GLN A C    7  
ATOM   1248 O O    . GLN A 1 3  ? 5.266   -0.551 1.547  1.00 0.69 ? 3  GLN A O    7  
ATOM   1249 C CB   . GLN A 1 3  ? 4.459   1.808  -0.429 1.00 1.10 ? 3  GLN A CB   7  
ATOM   1250 C CG   . GLN A 1 3  ? 5.015   0.667  -1.281 1.00 1.04 ? 3  GLN A CG   7  
ATOM   1251 C CD   . GLN A 1 3  ? 6.526   0.659  -1.398 1.00 1.51 ? 3  GLN A CD   7  
ATOM   1252 O OE1  . GLN A 1 3  ? 7.173   1.703  -1.351 1.00 2.06 ? 3  GLN A OE1  7  
ATOM   1253 N NE2  . GLN A 1 3  ? 7.098   -0.522 -1.552 1.00 2.12 ? 3  GLN A NE2  7  
ATOM   1254 H H    . GLN A 1 3  ? 6.863   1.779  0.440  1.00 0.99 ? 3  GLN A H    7  
ATOM   1255 H HA   . GLN A 1 3  ? 4.329   2.530  1.589  1.00 1.30 ? 3  GLN A HA   7  
ATOM   1256 H HB2  . GLN A 1 3  ? 3.383   1.785  -0.500 1.00 1.21 ? 3  GLN A HB2  7  
ATOM   1257 H HB3  . GLN A 1 3  ? 4.812   2.740  -0.846 1.00 1.37 ? 3  GLN A HB3  7  
ATOM   1258 H HG2  . GLN A 1 3  ? 4.704   -0.270 -0.849 1.00 1.37 ? 3  GLN A HG2  7  
ATOM   1259 H HG3  . GLN A 1 3  ? 4.605   0.754  -2.269 1.00 1.25 ? 3  GLN A HG3  7  
ATOM   1260 H HE21 . GLN A 1 3  ? 6.520   -1.317 -1.578 1.00 2.44 ? 3  GLN A HE21 7  
ATOM   1261 H HE22 . GLN A 1 3  ? 8.074   -0.556 -1.648 1.00 2.57 ? 3  GLN A HE22 7  
HETATM 1262 N N    . HZP A 1 4  ? 3.337   0.309  2.324  1.00 0.94 ? 4  HZP A N    7  
HETATM 1263 C CA   . HZP A 1 4  ? 2.835   -0.959 2.877  1.00 0.99 ? 4  HZP A CA   7  
HETATM 1264 C C    . HZP A 1 4  ? 2.424   -1.930 1.772  1.00 1.07 ? 4  HZP A C    7  
HETATM 1265 O O    . HZP A 1 4  ? 1.235   -2.068 1.467  1.00 1.40 ? 4  HZP A O    7  
HETATM 1266 C CB   . HZP A 1 4  ? 1.616   -0.527 3.698  1.00 1.29 ? 4  HZP A CB   7  
HETATM 1267 C CG   . HZP A 1 4  ? 1.170   0.754  3.067  1.00 1.42 ? 4  HZP A CG   7  
HETATM 1268 C CD   . HZP A 1 4  ? 2.433   1.436  2.618  1.00 1.26 ? 4  HZP A CD   7  
HETATM 1269 O OD1  . HZP A 1 4  ? 0.328   0.496  1.944  1.00 1.59 ? 4  HZP A OD1  7  
HETATM 1270 H HA   . HZP A 1 4  ? 3.563   -1.430 3.520  1.00 0.96 ? 4  HZP A HA   7  
HETATM 1271 H HB   . HZP A 1 4  ? 0.842   -1.283 3.635  1.00 1.44 ? 4  HZP A HB   7  
HETATM 1272 H HBA  . HZP A 1 4  ? 1.895   -0.355 4.723  1.00 1.37 ? 4  HZP A HBA  7  
HETATM 1273 H HG   . HZP A 1 4  ? 0.629   1.358  3.782  1.00 1.64 ? 4  HZP A HG   7  
HETATM 1274 H HD   . HZP A 1 4  ? 2.827   2.054  3.412  1.00 1.34 ? 4  HZP A HD   7  
HETATM 1275 H HDA  . HZP A 1 4  ? 2.244   2.024  1.731  1.00 1.41 ? 4  HZP A HDA  7  
HETATM 1276 H HOD1 . HZP A 1 4  ? 0.790   0.752  1.143  1.00 1.63 ? 4  HZP A HOD1 7  
ATOM   1277 N N    . THR A 1 5  ? 3.425   -2.585 1.176  1.00 0.94 ? 5  THR A N    7  
ATOM   1278 C CA   . THR A 1 5  ? 3.241   -3.478 0.029  1.00 1.16 ? 5  THR A CA   7  
ATOM   1279 C C    . THR A 1 5  ? 2.531   -2.747 -1.111 1.00 1.27 ? 5  THR A C    7  
ATOM   1280 O O    . THR A 1 5  ? 2.542   -1.514 -1.151 1.00 2.15 ? 5  THR A O    7  
ATOM   1281 C CB   . THR A 1 5  ? 2.494   -4.791 0.405  1.00 1.66 ? 5  THR A CB   7  
ATOM   1282 O OG1  . THR A 1 5  ? 1.185   -4.524 0.919  1.00 1.97 ? 5  THR A OG1  7  
ATOM   1283 C CG2  . THR A 1 5  ? 3.288   -5.577 1.435  1.00 1.90 ? 5  THR A CG2  7  
ATOM   1284 H H    . THR A 1 5  ? 4.334   -2.444 1.514  1.00 0.83 ? 5  THR A H    7  
ATOM   1285 H HA   . THR A 1 5  ? 4.224   -3.751 -0.323 1.00 1.13 ? 5  THR A HA   7  
ATOM   1286 H HB   . THR A 1 5  ? 2.401   -5.398 -0.481 1.00 1.80 ? 5  THR A HB   7  
ATOM   1287 H HG1  . THR A 1 5  ? 1.112   -3.579 1.117  1.00 1.75 ? 5  THR A HG1  7  
ATOM   1288 H HG21 . THR A 1 5  ? 3.416   -4.980 2.326  1.00 2.07 ? 5  THR A HG21 7  
ATOM   1289 H HG22 . THR A 1 5  ? 4.256   -5.830 1.029  1.00 2.09 ? 5  THR A HG22 7  
ATOM   1290 H HG23 . THR A 1 5  ? 2.757   -6.485 1.684  1.00 2.31 ? 5  THR A HG23 7  
ATOM   1291 N N    . THR A 1 6  ? 1.973   -3.507 -2.046 1.00 1.06 ? 6  THR A N    7  
ATOM   1292 C CA   . THR A 1 6  ? 1.217   -2.953 -3.170 1.00 1.26 ? 6  THR A CA   7  
ATOM   1293 C C    . THR A 1 6  ? 0.309   -1.790 -2.729 1.00 0.96 ? 6  THR A C    7  
ATOM   1294 O O    . THR A 1 6  ? -0.667  -1.981 -2.004 1.00 1.13 ? 6  THR A O    7  
ATOM   1295 C CB   . THR A 1 6  ? 0.371   -4.058 -3.854 1.00 1.84 ? 6  THR A CB   7  
ATOM   1296 O OG1  . THR A 1 6  ? -0.508  -3.488 -4.832 1.00 2.43 ? 6  THR A OG1  7  
ATOM   1297 C CG2  . THR A 1 6  ? -0.432  -4.858 -2.836 1.00 2.19 ? 6  THR A CG2  7  
ATOM   1298 H H    . THR A 1 6  ? 2.089   -4.474 -1.989 1.00 1.45 ? 6  THR A H    7  
ATOM   1299 H HA   . THR A 1 6  ? 1.927   -2.586 -3.894 1.00 1.48 ? 6  THR A HA   7  
ATOM   1300 H HB   . THR A 1 6  ? 1.046   -4.734 -4.357 1.00 2.30 ? 6  THR A HB   7  
ATOM   1301 H HG1  . THR A 1 6  ? -1.153  -4.151 -5.106 1.00 2.70 ? 6  THR A HG1  7  
ATOM   1302 H HG21 . THR A 1 6  ? 0.242   -5.380 -2.174 1.00 2.25 ? 6  THR A HG21 7  
ATOM   1303 H HG22 . THR A 1 6  ? -1.058  -5.571 -3.352 1.00 2.57 ? 6  THR A HG22 7  
ATOM   1304 H HG23 . THR A 1 6  ? -1.052  -4.187 -2.261 1.00 2.69 ? 6  THR A HG23 7  
ATOM   1305 N N    . PRO A 1 7  ? 0.648   -0.550 -3.139 1.00 0.81 ? 7  PRO A N    7  
ATOM   1306 C CA   . PRO A 1 7  ? -0.098  0.647  -2.753 1.00 0.78 ? 7  PRO A CA   7  
ATOM   1307 C C    . PRO A 1 7  ? -1.412  0.794  -3.511 1.00 0.74 ? 7  PRO A C    7  
ATOM   1308 O O    . PRO A 1 7  ? -1.870  -0.139 -4.170 1.00 1.23 ? 7  PRO A O    7  
ATOM   1309 C CB   . PRO A 1 7  ? 0.845   1.805  -3.106 1.00 1.12 ? 7  PRO A CB   7  
ATOM   1310 C CG   . PRO A 1 7  ? 2.128   1.178  -3.541 1.00 1.14 ? 7  PRO A CG   7  
ATOM   1311 C CD   . PRO A 1 7  ? 1.790   -0.212 -3.991 1.00 1.10 ? 7  PRO A CD   7  
ATOM   1312 H HA   . PRO A 1 7  ? -0.298  0.658  -1.692 1.00 0.83 ? 7  PRO A HA   7  
ATOM   1313 H HB2  . PRO A 1 7  ? 0.409   2.392  -3.900 1.00 1.37 ? 7  PRO A HB2  7  
ATOM   1314 H HB3  . PRO A 1 7  ? 0.991   2.428  -2.236 1.00 1.35 ? 7  PRO A HB3  7  
ATOM   1315 H HG2  . PRO A 1 7  ? 2.555   1.741  -4.357 1.00 1.49 ? 7  PRO A HG2  7  
ATOM   1316 H HG3  . PRO A 1 7  ? 2.813   1.146  -2.709 1.00 1.13 ? 7  PRO A HG3  7  
ATOM   1317 H HD2  . PRO A 1 7  ? 1.514   -0.219 -5.035 1.00 1.33 ? 7  PRO A HD2  7  
ATOM   1318 H HD3  . PRO A 1 7  ? 2.620   -0.877 -3.810 1.00 1.28 ? 7  PRO A HD3  7  
ATOM   1319 N N    . GLY A 1 8  ? -2.009  1.975  -3.416 1.00 0.74 ? 8  GLY A N    7  
ATOM   1320 C CA   . GLY A 1 8  ? -3.286  2.216  -4.051 1.00 0.79 ? 8  GLY A CA   7  
ATOM   1321 C C    . GLY A 1 8  ? -4.428  1.639  -3.246 1.00 0.74 ? 8  GLY A C    7  
ATOM   1322 O O    . GLY A 1 8  ? -5.489  1.336  -3.789 1.00 1.17 ? 8  GLY A O    7  
ATOM   1323 H H    . GLY A 1 8  ? -1.572  2.695  -2.917 1.00 1.12 ? 8  GLY A H    7  
ATOM   1324 H HA2  . GLY A 1 8  ? -3.429  3.282  -4.152 1.00 0.98 ? 8  GLY A HA2  7  
ATOM   1325 H HA3  . GLY A 1 8  ? -3.285  1.766  -5.030 1.00 0.95 ? 8  GLY A HA3  7  
ATOM   1326 N N    . ASN A 1 9  ? -4.193  1.481  -1.944 1.00 1.05 ? 9  ASN A N    7  
ATOM   1327 C CA   . ASN A 1 9  ? -5.185  0.932  -1.022 1.00 1.38 ? 9  ASN A CA   7  
ATOM   1328 C C    . ASN A 1 9  ? -5.557  -0.501 -1.393 1.00 1.13 ? 9  ASN A C    7  
ATOM   1329 O O    . ASN A 1 9  ? -6.667  -0.954 -1.114 1.00 1.89 ? 9  ASN A O    7  
ATOM   1330 C CB   . ASN A 1 9  ? -6.441  1.809  -0.988 1.00 2.39 ? 9  ASN A CB   7  
ATOM   1331 C CG   . ASN A 1 9  ? -6.211  3.145  -0.310 1.00 3.21 ? 9  ASN A CG   7  
ATOM   1332 O OD1  . ASN A 1 9  ? -5.459  3.248  0.657  1.00 3.66 ? 9  ASN A OD1  7  
ATOM   1333 N ND2  . ASN A 1 9  ? -6.848  4.181  -0.824 1.00 3.96 ? 9  ASN A ND2  7  
ATOM   1334 H H    . ASN A 1 9  ? -3.322  1.752  -1.587 1.00 1.43 ? 9  ASN A H    7  
ATOM   1335 H HA   . ASN A 1 9  ? -4.744  0.923  -0.035 1.00 1.60 ? 9  ASN A HA   7  
ATOM   1336 H HB2  . ASN A 1 9  ? -6.768  1.996  -2.001 1.00 2.76 ? 9  ASN A HB2  7  
ATOM   1337 H HB3  . ASN A 1 9  ? -7.220  1.287  -0.454 1.00 2.82 ? 9  ASN A HB3  7  
ATOM   1338 H HD21 . ASN A 1 9  ? -7.424  4.030  -1.604 1.00 3.96 ? 9  ASN A HD21 7  
ATOM   1339 H HD22 . ASN A 1 9  ? -6.718  5.058  -0.406 1.00 4.72 ? 9  ASN A HD22 7  
ATOM   1340 N N    . SER A 1 10 ? -4.622  -1.210 -2.014 1.00 0.88 ? 10 SER A N    7  
ATOM   1341 C CA   . SER A 1 10 ? -4.851  -2.596 -2.405 1.00 1.64 ? 10 SER A CA   7  
ATOM   1342 C C    . SER A 1 10 ? -5.020  -3.504 -1.176 1.00 1.50 ? 10 SER A C    7  
ATOM   1343 O O    . SER A 1 10 ? -5.982  -4.268 -1.114 1.00 2.03 ? 10 SER A O    7  
ATOM   1344 C CB   . SER A 1 10 ? -3.720  -3.101 -3.306 1.00 2.42 ? 10 SER A CB   7  
ATOM   1345 O OG   . SER A 1 10 ? -3.507  -2.218 -4.393 1.00 2.86 ? 10 SER A OG   7  
ATOM   1346 H H    . SER A 1 10 ? -3.761  -0.795 -2.218 1.00 0.93 ? 10 SER A H    7  
ATOM   1347 H HA   . SER A 1 10 ? -5.773  -2.620 -2.969 1.00 2.13 ? 10 SER A HA   7  
ATOM   1348 H HB2  . SER A 1 10 ? -2.809  -3.176 -2.737 1.00 2.46 ? 10 SER A HB2  7  
ATOM   1349 H HB3  . SER A 1 10 ? -3.982  -4.073 -3.695 1.00 2.98 ? 10 SER A HB3  7  
ATOM   1350 H HG   . SER A 1 10 ? -2.682  -1.730 -4.253 1.00 2.74 ? 10 SER A HG   7  
HETATM 1351 N N    . HZP A 1 11 ? -4.120  -3.436 -0.163 1.00 1.06 ? 11 HZP A N    7  
HETATM 1352 C CA   . HZP A 1 11 ? -4.262  -4.229 1.050  1.00 1.03 ? 11 HZP A CA   7  
HETATM 1353 C C    . HZP A 1 11 ? -5.023  -3.464 2.125  1.00 1.12 ? 11 HZP A C    7  
HETATM 1354 O O    . HZP A 1 11 ? -4.993  -3.817 3.304  1.00 1.52 ? 11 HZP A O    7  
HETATM 1355 C CB   . HZP A 1 11 ? -2.813  -4.468 1.471  1.00 1.13 ? 11 HZP A CB   7  
HETATM 1356 C CG   . HZP A 1 11 ? -2.019  -3.320 0.895  1.00 1.27 ? 11 HZP A CG   7  
HETATM 1357 C CD   . HZP A 1 11 ? -2.904  -2.602 -0.097 1.00 1.22 ? 11 HZP A CD   7  
HETATM 1358 O OD1  . HZP A 1 11 ? -1.613  -2.432 1.947  1.00 1.41 ? 11 HZP A OD1  7  
HETATM 1359 H HA   . HZP A 1 11 ? -4.752  -5.172 0.857  1.00 1.24 ? 11 HZP A HA   7  
HETATM 1360 H HB   . HZP A 1 11 ? -2.743  -4.484 2.551  1.00 1.12 ? 11 HZP A HB   7  
HETATM 1361 H HBA  . HZP A 1 11 ? -2.458  -5.398 1.060  1.00 1.48 ? 11 HZP A HBA  7  
HETATM 1362 H HG   . HZP A 1 11 ? -1.140  -3.691 0.394  1.00 1.63 ? 11 HZP A HG   7  
HETATM 1363 H HD   . HZP A 1 11 ? -2.415  -2.549 -1.055 1.00 1.59 ? 11 HZP A HD   7  
HETATM 1364 H HDA  . HZP A 1 11 ? -3.135  -1.611 0.266  1.00 1.50 ? 11 HZP A HDA  7  
HETATM 1365 H HOD1 . HZP A 1 11 ? -0.806  -1.968 1.685  1.00 1.38 ? 11 HZP A HOD1 7  
ATOM   1366 N N    . GLY A 1 12 ? -5.703  -2.410 1.699  1.00 1.50 ? 12 GLY A N    7  
ATOM   1367 C CA   . GLY A 1 12 ? -6.453  -1.580 2.613  1.00 1.81 ? 12 GLY A CA   7  
ATOM   1368 C C    . GLY A 1 12 ? -5.943  -0.157 2.626  1.00 1.34 ? 12 GLY A C    7  
ATOM   1369 O O    . GLY A 1 12 ? -6.727  0.791  2.690  1.00 1.56 ? 12 GLY A O    7  
ATOM   1370 H H    . GLY A 1 12 ? -5.696  -2.196 0.742  1.00 1.92 ? 12 GLY A H    7  
ATOM   1371 H HA2  . GLY A 1 12 ? -7.491  -1.581 2.317  1.00 2.34 ? 12 GLY A HA2  7  
ATOM   1372 H HA3  . GLY A 1 12 ? -6.370  -1.991 3.609  1.00 2.05 ? 12 GLY A HA3  7  
ATOM   1373 N N    . VAL A 1 13 ? -4.629  -0.006 2.535  1.00 1.06 ? 13 VAL A N    7  
ATOM   1374 C CA   . VAL A 1 13 ? -4.005  1.304  2.595  1.00 0.94 ? 13 VAL A CA   7  
ATOM   1375 C C    . VAL A 1 13 ? -2.884  1.399  1.551  1.00 0.94 ? 13 VAL A C    7  
ATOM   1376 O O    . VAL A 1 13 ? -2.496  0.390  0.963  1.00 1.85 ? 13 VAL A O    7  
ATOM   1377 C CB   . VAL A 1 13 ? -3.459  1.578  4.020  1.00 1.42 ? 13 VAL A CB   7  
ATOM   1378 C CG1  . VAL A 1 13 ? -2.253  0.704  4.323  1.00 2.01 ? 13 VAL A CG1  7  
ATOM   1379 C CG2  . VAL A 1 13 ? -3.131  3.051  4.220  1.00 1.99 ? 13 VAL A CG2  7  
ATOM   1380 H H    . VAL A 1 13 ? -4.062  -0.800 2.421  1.00 1.28 ? 13 VAL A H    7  
ATOM   1381 H HA   . VAL A 1 13 ? -4.758  2.046  2.367  1.00 1.07 ? 13 VAL A HA   7  
ATOM   1382 H HB   . VAL A 1 13 ? -4.237  1.315  4.724  1.00 2.09 ? 13 VAL A HB   7  
ATOM   1383 H HG11 . VAL A 1 13 ? -2.539  -0.336 4.261  1.00 2.66 ? 13 VAL A HG11 7  
ATOM   1384 H HG12 . VAL A 1 13 ? -1.890  0.920  5.317  1.00 2.28 ? 13 VAL A HG12 7  
ATOM   1385 H HG13 . VAL A 1 13 ? -1.474  0.907  3.604  1.00 2.34 ? 13 VAL A HG13 7  
ATOM   1386 H HG21 . VAL A 1 13 ? -2.363  3.346  3.520  1.00 2.37 ? 13 VAL A HG21 7  
ATOM   1387 H HG22 . VAL A 1 13 ? -2.779  3.207  5.229  1.00 2.45 ? 13 VAL A HG22 7  
ATOM   1388 H HG23 . VAL A 1 13 ? -4.019  3.642  4.052  1.00 2.37 ? 13 VAL A HG23 7  
ATOM   1389 N N    . GLY A 1 14 ? -2.405  2.608  1.289  1.00 0.93 ? 14 GLY A N    7  
ATOM   1390 C CA   . GLY A 1 14 ? -1.330  2.794  0.337  1.00 1.12 ? 14 GLY A CA   7  
ATOM   1391 C C    . GLY A 1 14 ? -1.689  3.804  -0.733 1.00 1.65 ? 14 GLY A C    7  
ATOM   1392 O O    . GLY A 1 14 ? -2.863  4.054  -0.986 1.00 2.10 ? 14 GLY A O    7  
ATOM   1393 H H    . GLY A 1 14 ? -2.796  3.389  1.737  1.00 1.56 ? 14 GLY A H    7  
ATOM   1394 H HA2  . GLY A 1 14 ? -0.451  3.136  0.864  1.00 1.43 ? 14 GLY A HA2  7  
ATOM   1395 H HA3  . GLY A 1 14 ? -1.109  1.848  -0.134 1.00 1.19 ? 14 GLY A HA3  7  
ATOM   1396 N N    . HIS A 1 15 ? -0.683  4.366  -1.384 1.00 1.91 ? 15 HIS A N    7  
ATOM   1397 C CA   . HIS A 1 15 ? -0.912  5.380  -2.403 1.00 2.63 ? 15 HIS A CA   7  
ATOM   1398 C C    . HIS A 1 15 ? -0.208  4.995  -3.699 1.00 2.88 ? 15 HIS A C    7  
ATOM   1399 O O    . HIS A 1 15 ? -0.907  4.694  -4.688 1.00 3.11 ? 15 HIS A O    7  
ATOM   1400 C CB   . HIS A 1 15 ? -0.464  6.772  -1.916 1.00 3.38 ? 15 HIS A CB   7  
ATOM   1401 C CG   . HIS A 1 15 ? 0.989   6.887  -1.546 1.00 4.23 ? 15 HIS A CG   7  
ATOM   1402 N ND1  . HIS A 1 15 ? 1.890   7.634  -2.272 1.00 4.85 ? 15 HIS A ND1  7  
ATOM   1403 C CD2  . HIS A 1 15 ? 1.689   6.368  -0.509 1.00 4.97 ? 15 HIS A CD2  7  
ATOM   1404 C CE1  . HIS A 1 15 ? 3.076   7.568  -1.699 1.00 5.75 ? 15 HIS A CE1  7  
ATOM   1405 N NE2  . HIS A 1 15 ? 2.984   6.808  -0.628 1.00 5.86 ? 15 HIS A NE2  7  
ATOM   1406 O OXT  . HIS A 1 15 ? 1.036   4.939  -3.706 1.00 3.39 ? 15 HIS A OXT  7  
ATOM   1407 H H    . HIS A 1 15 ? 0.235   4.082  -1.191 1.00 1.77 ? 15 HIS A H    7  
ATOM   1408 H HA   . HIS A 1 15 ? -1.975  5.406  -2.595 1.00 2.73 ? 15 HIS A HA   7  
ATOM   1409 H HB2  . HIS A 1 15 ? -0.658  7.492  -2.697 1.00 3.51 ? 15 HIS A HB2  7  
ATOM   1410 H HB3  . HIS A 1 15 ? -1.047  7.038  -1.045 1.00 3.63 ? 15 HIS A HB3  7  
ATOM   1411 H HD1  . HIS A 1 15 ? 1.690   8.136  -3.095 1.00 4.89 ? 15 HIS A HD1  7  
ATOM   1412 H HD2  . HIS A 1 15 ? 1.303   5.722  0.266  1.00 5.12 ? 15 HIS A HD2  7  
ATOM   1413 H HE1  . HIS A 1 15 ? 3.971   8.058  -2.048 1.00 6.48 ? 15 HIS A HE1  7  
ATOM   1414 H HE2  . HIS A 1 15 ? 3.683   6.719  0.062  1.00 6.63 ? 15 HIS A HE2  7  
ATOM   1415 N N    . ALA A 1 1  ? 8.760   -1.792 2.541  1.00 1.56 ? 1  ALA A N    8  
ATOM   1416 C CA   . ALA A 1 1  ? 9.064   -0.362 2.767  1.00 1.52 ? 1  ALA A CA   8  
ATOM   1417 C C    . ALA A 1 1  ? 7.968   0.280  3.609  1.00 1.41 ? 1  ALA A C    8  
ATOM   1418 O O    . ALA A 1 1  ? 7.160   -0.428 4.211  1.00 1.82 ? 1  ALA A O    8  
ATOM   1419 C CB   . ALA A 1 1  ? 9.216   0.366  1.440  1.00 1.85 ? 1  ALA A CB   8  
ATOM   1420 H H1   . ALA A 1 1  ? 8.652   -2.283 3.452  1.00 2.02 ? 1  ALA A H1   8  
ATOM   1421 H H2   . ALA A 1 1  ? 9.529   -2.241 2.008  1.00 2.14 ? 1  ALA A H2   8  
ATOM   1422 H H3   . ALA A 1 1  ? 7.877   -1.890 2.000  1.00 1.23 ? 1  ALA A H3   8  
ATOM   1423 H HA   . ALA A 1 1  ? 10.002  -0.292 3.299  1.00 1.79 ? 1  ALA A HA   8  
ATOM   1424 H HB1  . ALA A 1 1  ? 8.283   0.321  0.895  1.00 2.23 ? 1  ALA A HB1  8  
ATOM   1425 H HB2  . ALA A 1 1  ? 9.994   -0.104 0.858  1.00 1.95 ? 1  ALA A HB2  8  
ATOM   1426 H HB3  . ALA A 1 1  ? 9.477   1.398  1.622  1.00 2.42 ? 1  ALA A HB3  8  
ATOM   1427 N N    . PHE A 1 2  ? 7.939   1.610  3.658  1.00 1.39 ? 2  PHE A N    8  
ATOM   1428 C CA   . PHE A 1 2  ? 6.931   2.320  4.440  1.00 1.50 ? 2  PHE A CA   8  
ATOM   1429 C C    . PHE A 1 2  ? 5.528   2.017  3.925  1.00 1.32 ? 2  PHE A C    8  
ATOM   1430 O O    . PHE A 1 2  ? 4.559   2.039  4.686  1.00 1.65 ? 2  PHE A O    8  
ATOM   1431 C CB   . PHE A 1 2  ? 7.191   3.833  4.438  1.00 1.72 ? 2  PHE A CB   8  
ATOM   1432 C CG   . PHE A 1 2  ? 7.207   4.471  3.074  1.00 1.94 ? 2  PHE A CG   8  
ATOM   1433 C CD1  . PHE A 1 2  ? 8.386   4.570  2.351  1.00 2.29 ? 2  PHE A CD1  8  
ATOM   1434 C CD2  . PHE A 1 2  ? 6.044   4.986  2.522  1.00 2.24 ? 2  PHE A CD2  8  
ATOM   1435 C CE1  . PHE A 1 2  ? 8.402   5.165  1.105  1.00 2.71 ? 2  PHE A CE1  8  
ATOM   1436 C CE2  . PHE A 1 2  ? 6.057   5.585  1.278  1.00 2.82 ? 2  PHE A CE2  8  
ATOM   1437 C CZ   . PHE A 1 2  ? 7.237   5.674  0.568  1.00 2.97 ? 2  PHE A CZ   8  
ATOM   1438 H H    . PHE A 1 2  ? 8.616   2.124  3.170  1.00 1.68 ? 2  PHE A H    8  
ATOM   1439 H HA   . PHE A 1 2  ? 7.001   1.959  5.456  1.00 1.73 ? 2  PHE A HA   8  
ATOM   1440 H HB2  . PHE A 1 2  ? 6.421   4.321  5.017  1.00 2.04 ? 2  PHE A HB2  8  
ATOM   1441 H HB3  . PHE A 1 2  ? 8.148   4.021  4.902  1.00 1.80 ? 2  PHE A HB3  8  
ATOM   1442 H HD1  . PHE A 1 2  ? 9.298   4.172  2.771  1.00 2.46 ? 2  PHE A HD1  8  
ATOM   1443 H HD2  . PHE A 1 2  ? 5.120   4.916  3.076  1.00 2.25 ? 2  PHE A HD2  8  
ATOM   1444 H HE1  . PHE A 1 2  ? 9.327   5.233  0.551  1.00 3.04 ? 2  PHE A HE1  8  
ATOM   1445 H HE2  . PHE A 1 2  ? 5.143   5.980  0.860  1.00 3.31 ? 2  PHE A HE2  8  
ATOM   1446 H HZ   . PHE A 1 2  ? 7.250   6.142  -0.405 1.00 3.47 ? 2  PHE A HZ   8  
ATOM   1447 N N    . GLN A 1 3  ? 5.419   1.736  2.635  1.00 1.01 ? 3  GLN A N    8  
ATOM   1448 C CA   . GLN A 1 3  ? 4.153   1.330  2.057  1.00 1.01 ? 3  GLN A CA   8  
ATOM   1449 C C    . GLN A 1 3  ? 4.148   -0.178 1.833  1.00 0.79 ? 3  GLN A C    8  
ATOM   1450 O O    . GLN A 1 3  ? 5.180   -0.766 1.496  1.00 0.69 ? 3  GLN A O    8  
ATOM   1451 C CB   . GLN A 1 3  ? 3.887   2.057  0.727  1.00 1.10 ? 3  GLN A CB   8  
ATOM   1452 C CG   . GLN A 1 3  ? 4.579   1.434  -0.483 1.00 1.04 ? 3  GLN A CG   8  
ATOM   1453 C CD   . GLN A 1 3  ? 6.089   1.590  -0.465 1.00 1.51 ? 3  GLN A CD   8  
ATOM   1454 O OE1  . GLN A 1 3  ? 6.623   2.554  0.079  1.00 2.06 ? 3  GLN A OE1  8  
ATOM   1455 N NE2  . GLN A 1 3  ? 6.785   0.645  -1.069 1.00 2.12 ? 3  GLN A NE2  8  
ATOM   1456 H H    . GLN A 1 3  ? 6.209   1.802  2.060  1.00 0.99 ? 3  GLN A H    8  
ATOM   1457 H HA   . GLN A 1 3  ? 3.373   1.581  2.760  1.00 1.30 ? 3  GLN A HA   8  
ATOM   1458 H HB2  . GLN A 1 3  ? 2.824   2.058  0.539  1.00 1.21 ? 3  GLN A HB2  8  
ATOM   1459 H HB3  . GLN A 1 3  ? 4.225   3.079  0.817  1.00 1.37 ? 3  GLN A HB3  8  
ATOM   1460 H HG2  . GLN A 1 3  ? 4.347   0.381  -0.501 1.00 1.37 ? 3  GLN A HG2  8  
ATOM   1461 H HG3  . GLN A 1 3  ? 4.196   1.890  -1.377 1.00 1.25 ? 3  GLN A HG3  8  
ATOM   1462 H HE21 . GLN A 1 3  ? 6.297   -0.096 -1.492 1.00 2.44 ? 3  GLN A HE21 8  
ATOM   1463 H HE22 . GLN A 1 3  ? 7.763   0.720  -1.075 1.00 2.57 ? 3  GLN A HE22 8  
HETATM 1464 N N    . HZP A 1 4  ? 3.005   -0.832 2.065  1.00 0.94 ? 4  HZP A N    8  
HETATM 1465 C CA   . HZP A 1 4  ? 2.816   -2.235 1.697  1.00 0.99 ? 4  HZP A CA   8  
HETATM 1466 C C    . HZP A 1 4  ? 2.733   -2.416 0.179  1.00 1.07 ? 4  HZP A C    8  
HETATM 1467 O O    . HZP A 1 4  ? 1.665   -2.676 -0.370 1.00 1.40 ? 4  HZP A O    8  
HETATM 1468 C CB   . HZP A 1 4  ? 1.491   -2.613 2.373  1.00 1.29 ? 4  HZP A CB   8  
HETATM 1469 C CG   . HZP A 1 4  ? 0.771   -1.318 2.562  1.00 1.42 ? 4  HZP A CG   8  
HETATM 1470 C CD   . HZP A 1 4  ? 1.832   -0.269 2.755  1.00 1.26 ? 4  HZP A CD   8  
HETATM 1471 O OD1  . HZP A 1 4  ? -0.009  -1.012 1.413  1.00 1.59 ? 4  HZP A OD1  8  
HETATM 1472 H HA   . HZP A 1 4  ? 3.612   -2.854 2.087  1.00 0.96 ? 4  HZP A HA   8  
HETATM 1473 H HB   . HZP A 1 4  ? 0.926   -3.282 1.733  1.00 1.44 ? 4  HZP A HB   8  
HETATM 1474 H HBA  . HZP A 1 4  ? 1.677   -3.073 3.329  1.00 1.37 ? 4  HZP A HBA  8  
HETATM 1475 H HG   . HZP A 1 4  ? 0.115   -1.371 3.422  1.00 1.64 ? 4  HZP A HG   8  
HETATM 1476 H HD   . HZP A 1 4  ? 2.030   -0.131 3.806  1.00 1.34 ? 4  HZP A HD   8  
HETATM 1477 H HDA  . HZP A 1 4  ? 1.525   0.660  2.300  1.00 1.41 ? 4  HZP A HDA  8  
HETATM 1478 H HOD1 . HZP A 1 4  ? 0.339   -0.213 1.007  1.00 1.63 ? 4  HZP A HOD1 8  
ATOM   1479 N N    . THR A 1 5  ? 3.875   -2.204 -0.480 1.00 0.94 ? 5  THR A N    8  
ATOM   1480 C CA   . THR A 1 5  ? 4.073   -2.485 -1.908 1.00 1.16 ? 5  THR A CA   8  
ATOM   1481 C C    . THR A 1 5  ? 3.248   -1.557 -2.797 1.00 1.27 ? 5  THR A C    8  
ATOM   1482 O O    . THR A 1 5  ? 2.670   -0.587 -2.305 1.00 2.15 ? 5  THR A O    8  
ATOM   1483 C CB   . THR A 1 5  ? 3.811   -3.971 -2.274 1.00 1.66 ? 5  THR A CB   8  
ATOM   1484 O OG1  . THR A 1 5  ? 2.428   -4.316 -2.119 1.00 1.97 ? 5  THR A OG1  8  
ATOM   1485 C CG2  . THR A 1 5  ? 4.657   -4.887 -1.401 1.00 1.90 ? 5  THR A CG2  8  
ATOM   1486 H H    . THR A 1 5  ? 4.618   -1.800 0.013  1.00 0.83 ? 5  THR A H    8  
ATOM   1487 H HA   . THR A 1 5  ? 5.114   -2.286 -2.114 1.00 1.13 ? 5  THR A HA   8  
ATOM   1488 H HB   . THR A 1 5  ? 4.095   -4.126 -3.302 1.00 1.80 ? 5  THR A HB   8  
ATOM   1489 H HG1  . THR A 1 5  ? 1.998   -3.659 -1.551 1.00 1.75 ? 5  THR A HG1  8  
ATOM   1490 H HG21 . THR A 1 5  ? 5.687   -4.564 -1.436 1.00 2.07 ? 5  THR A HG21 8  
ATOM   1491 H HG22 . THR A 1 5  ? 4.584   -5.901 -1.766 1.00 2.09 ? 5  THR A HG22 8  
ATOM   1492 H HG23 . THR A 1 5  ? 4.301   -4.843 -0.381 1.00 2.31 ? 5  THR A HG23 8  
ATOM   1493 N N    . THR A 1 6  ? 3.236   -1.852 -4.105 1.00 1.06 ? 6  THR A N    8  
ATOM   1494 C CA   . THR A 1 6  ? 2.540   -1.039 -5.106 1.00 1.26 ? 6  THR A CA   8  
ATOM   1495 C C    . THR A 1 6  ? 1.177   -0.547 -4.594 1.00 0.96 ? 6  THR A C    8  
ATOM   1496 O O    . THR A 1 6  ? 0.224   -1.315 -4.476 1.00 1.13 ? 6  THR A O    8  
ATOM   1497 C CB   . THR A 1 6  ? 2.373   -1.823 -6.431 1.00 1.84 ? 6  THR A CB   8  
ATOM   1498 O OG1  . THR A 1 6  ? 1.588   -1.067 -7.363 1.00 2.43 ? 6  THR A OG1  8  
ATOM   1499 C CG2  . THR A 1 6  ? 1.737   -3.188 -6.204 1.00 2.19 ? 6  THR A CG2  8  
ATOM   1500 H H    . THR A 1 6  ? 3.724   -2.645 -4.408 1.00 1.45 ? 6  THR A H    8  
ATOM   1501 H HA   . THR A 1 6  ? 3.160   -0.181 -5.310 1.00 1.48 ? 6  THR A HA   8  
ATOM   1502 H HB   . THR A 1 6  ? 3.355   -1.974 -6.857 1.00 2.30 ? 6  THR A HB   8  
ATOM   1503 H HG1  . THR A 1 6  ? 0.687   -1.411 -7.372 1.00 2.70 ? 6  THR A HG1  8  
ATOM   1504 H HG21 . THR A 1 6  ? 2.364   -3.771 -5.545 1.00 2.25 ? 6  THR A HG21 8  
ATOM   1505 H HG22 . THR A 1 6  ? 1.635   -3.701 -7.149 1.00 2.57 ? 6  THR A HG22 8  
ATOM   1506 H HG23 . THR A 1 6  ? 0.763   -3.061 -5.756 1.00 2.69 ? 6  THR A HG23 8  
ATOM   1507 N N    . PRO A 1 7  ? 1.084   0.751  -4.253 1.00 0.81 ? 7  PRO A N    8  
ATOM   1508 C CA   . PRO A 1 7  ? -0.080  1.317  -3.571 1.00 0.78 ? 7  PRO A CA   8  
ATOM   1509 C C    . PRO A 1 7  ? -1.329  1.423  -4.441 1.00 0.74 ? 7  PRO A C    8  
ATOM   1510 O O    . PRO A 1 7  ? -1.615  2.476  -5.021 1.00 1.23 ? 7  PRO A O    8  
ATOM   1511 C CB   . PRO A 1 7  ? 0.391   2.713  -3.130 1.00 1.12 ? 7  PRO A CB   8  
ATOM   1512 C CG   . PRO A 1 7  ? 1.866   2.708  -3.332 1.00 1.14 ? 7  PRO A CG   8  
ATOM   1513 C CD   . PRO A 1 7  ? 2.113   1.771  -4.471 1.00 1.10 ? 7  PRO A CD   8  
ATOM   1514 H HA   . PRO A 1 7  ? -0.322  0.738  -2.694 1.00 0.83 ? 7  PRO A HA   8  
ATOM   1515 H HB2  . PRO A 1 7  ? -0.089  3.467  -3.737 1.00 1.37 ? 7  PRO A HB2  8  
ATOM   1516 H HB3  . PRO A 1 7  ? 0.140   2.866  -2.090 1.00 1.35 ? 7  PRO A HB3  8  
ATOM   1517 H HG2  . PRO A 1 7  ? 2.211   3.702  -3.576 1.00 1.49 ? 7  PRO A HG2  8  
ATOM   1518 H HG3  . PRO A 1 7  ? 2.354   2.346  -2.439 1.00 1.13 ? 7  PRO A HG3  8  
ATOM   1519 H HD2  . PRO A 1 7  ? 1.973   2.274  -5.418 1.00 1.33 ? 7  PRO A HD2  8  
ATOM   1520 H HD3  . PRO A 1 7  ? 3.102   1.351  -4.402 1.00 1.28 ? 7  PRO A HD3  8  
ATOM   1521 N N    . GLY A 1 8  ? -2.066  0.324  -4.529 1.00 0.74 ? 8  GLY A N    8  
ATOM   1522 C CA   . GLY A 1 8  ? -3.391  0.364  -5.111 1.00 0.79 ? 8  GLY A CA   8  
ATOM   1523 C C    . GLY A 1 8  ? -4.428  0.700  -4.059 1.00 0.74 ? 8  GLY A C    8  
ATOM   1524 O O    . GLY A 1 8  ? -5.525  1.167  -4.373 1.00 1.17 ? 8  GLY A O    8  
ATOM   1525 H H    . GLY A 1 8  ? -1.693  -0.534 -4.221 1.00 1.12 ? 8  GLY A H    8  
ATOM   1526 H HA2  . GLY A 1 8  ? -3.415  1.112  -5.890 1.00 0.98 ? 8  GLY A HA2  8  
ATOM   1527 H HA3  . GLY A 1 8  ? -3.620  -0.601 -5.536 1.00 0.95 ? 8  GLY A HA3  8  
ATOM   1528 N N    . ASN A 1 9  ? -4.055  0.441  -2.804 1.00 1.05 ? 9  ASN A N    8  
ATOM   1529 C CA   . ASN A 1 9  ? -4.858  0.786  -1.628 1.00 1.38 ? 9  ASN A CA   8  
ATOM   1530 C C    . ASN A 1 9  ? -6.047  -0.145 -1.461 1.00 1.13 ? 9  ASN A C    8  
ATOM   1531 O O    . ASN A 1 9  ? -7.116  0.079  -2.031 1.00 1.89 ? 9  ASN A O    8  
ATOM   1532 C CB   . ASN A 1 9  ? -5.322  2.248  -1.669 1.00 2.39 ? 9  ASN A CB   8  
ATOM   1533 C CG   . ASN A 1 9  ? -4.197  3.224  -1.378 1.00 3.21 ? 9  ASN A CG   8  
ATOM   1534 O OD1  . ASN A 1 9  ? -3.473  3.641  -2.279 1.00 3.66 ? 9  ASN A OD1  8  
ATOM   1535 N ND2  . ASN A 1 9  ? -4.049  3.600  -0.118 1.00 3.96 ? 9  ASN A ND2  8  
ATOM   1536 H H    . ASN A 1 9  ? -3.205  -0.019 -2.666 1.00 1.43 ? 9  ASN A H    8  
ATOM   1537 H HA   . ASN A 1 9  ? -4.218  0.662  -0.767 1.00 1.60 ? 9  ASN A HA   8  
ATOM   1538 H HB2  . ASN A 1 9  ? -5.716  2.465  -2.651 1.00 2.76 ? 9  ASN A HB2  8  
ATOM   1539 H HB3  . ASN A 1 9  ? -6.098  2.392  -0.934 1.00 2.82 ? 9  ASN A HB3  8  
ATOM   1540 H HD21 . ASN A 1 9  ? -4.665  3.233  0.552  1.00 3.96 ? 9  ASN A HD21 8  
ATOM   1541 H HD22 . ASN A 1 9  ? -3.330  4.233  0.097  1.00 4.72 ? 9  ASN A HD22 8  
ATOM   1542 N N    . SER A 1 10 ? -5.851  -1.206 -0.692 1.00 0.88 ? 10 SER A N    8  
ATOM   1543 C CA   . SER A 1 10 ? -6.938  -2.115 -0.360 1.00 1.64 ? 10 SER A CA   8  
ATOM   1544 C C    . SER A 1 10 ? -6.829  -2.640 1.084  1.00 1.50 ? 10 SER A C    8  
ATOM   1545 O O    . SER A 1 10 ? -7.779  -2.499 1.853  1.00 2.03 ? 10 SER A O    8  
ATOM   1546 C CB   . SER A 1 10 ? -7.013  -3.259 -1.376 1.00 2.42 ? 10 SER A CB   8  
ATOM   1547 O OG   . SER A 1 10 ? -7.257  -2.753 -2.680 1.00 2.86 ? 10 SER A OG   8  
ATOM   1548 H H    . SER A 1 10 ? -4.948  -1.395 -0.355 1.00 0.93 ? 10 SER A H    8  
ATOM   1549 H HA   . SER A 1 10 ? -7.852  -1.542 -0.431 1.00 2.13 ? 10 SER A HA   8  
ATOM   1550 H HB2  . SER A 1 10 ? -6.080  -3.797 -1.384 1.00 2.46 ? 10 SER A HB2  8  
ATOM   1551 H HB3  . SER A 1 10 ? -7.815  -3.928 -1.107 1.00 2.98 ? 10 SER A HB3  8  
ATOM   1552 H HG   . SER A 1 10 ? -7.345  -1.790 -2.632 1.00 2.74 ? 10 SER A HG   8  
HETATM 1553 N N    . HZP A 1 11 ? -5.686  -3.242 1.502  1.00 1.06 ? 11 HZP A N    8  
HETATM 1554 C CA   . HZP A 1 11 ? -5.523  -3.709 2.882  1.00 1.03 ? 11 HZP A CA   8  
HETATM 1555 C C    . HZP A 1 11 ? -4.981  -2.616 3.798  1.00 1.12 ? 11 HZP A C    8  
HETATM 1556 O O    . HZP A 1 11 ? -4.783  -2.829 4.997  1.00 1.52 ? 11 HZP A O    8  
HETATM 1557 C CB   . HZP A 1 11 ? -4.501  -4.828 2.732  1.00 1.13 ? 11 HZP A CB   8  
HETATM 1558 C CG   . HZP A 1 11 ? -3.614  -4.373 1.613  1.00 1.27 ? 11 HZP A CG   8  
HETATM 1559 C CD   . HZP A 1 11 ? -4.482  -3.550 0.689  1.00 1.22 ? 11 HZP A CD   8  
HETATM 1560 O OD1  . HZP A 1 11 ? -2.532  -3.581 2.124  1.00 1.41 ? 11 HZP A OD1  8  
HETATM 1561 H HA   . HZP A 1 11 ? -6.444  -4.103 3.286  1.00 1.24 ? 11 HZP A HA   8  
HETATM 1562 H HB   . HZP A 1 11 ? -3.943  -4.944 3.655  1.00 1.12 ? 11 HZP A HB   8  
HETATM 1563 H HBA  . HZP A 1 11 ? -4.987  -5.750 2.465  1.00 1.48 ? 11 HZP A HBA  8  
HETATM 1564 H HG   . HZP A 1 11 ? -3.207  -5.230 1.090  1.00 1.63 ? 11 HZP A HG   8  
HETATM 1565 H HD   . HZP A 1 11 ? -4.740  -4.128 -0.183 1.00 1.59 ? 11 HZP A HD   8  
HETATM 1566 H HDA  . HZP A 1 11 ? -3.967  -2.644 0.406  1.00 1.50 ? 11 HZP A HDA  8  
HETATM 1567 H HOD1 . HZP A 1 11 ? -1.731  -3.774 1.617  1.00 1.38 ? 11 HZP A HOD1 8  
ATOM   1568 N N    . GLY A 1 12 ? -4.739  -1.451 3.219  1.00 1.50 ? 12 GLY A N    8  
ATOM   1569 C CA   . GLY A 1 12 ? -4.172  -0.346 3.960  1.00 1.81 ? 12 GLY A CA   8  
ATOM   1570 C C    . GLY A 1 12 ? -3.730  0.770  3.041  1.00 1.34 ? 12 GLY A C    8  
ATOM   1571 O O    . GLY A 1 12 ? -4.419  1.085  2.067  1.00 1.56 ? 12 GLY A O    8  
ATOM   1572 H H    . GLY A 1 12 ? -4.953  -1.338 2.271  1.00 1.92 ? 12 GLY A H    8  
ATOM   1573 H HA2  . GLY A 1 12 ? -4.913  0.034  4.648  1.00 2.34 ? 12 GLY A HA2  8  
ATOM   1574 H HA3  . GLY A 1 12 ? -3.320  -0.700 4.521  1.00 2.05 ? 12 GLY A HA3  8  
ATOM   1575 N N    . VAL A 1 13 ? -2.568  1.349  3.317  1.00 1.06 ? 13 VAL A N    8  
ATOM   1576 C CA   . VAL A 1 13 ? -2.066  2.469  2.528  1.00 0.94 ? 13 VAL A CA   8  
ATOM   1577 C C    . VAL A 1 13 ? -1.333  1.990  1.271  1.00 0.94 ? 13 VAL A C    8  
ATOM   1578 O O    . VAL A 1 13 ? -0.226  2.436  0.964  1.00 1.85 ? 13 VAL A O    8  
ATOM   1579 C CB   . VAL A 1 13 ? -1.145  3.391  3.360  1.00 1.42 ? 13 VAL A CB   8  
ATOM   1580 C CG1  . VAL A 1 13 ? -1.938  4.067  4.467  1.00 2.01 ? 13 VAL A CG1  8  
ATOM   1581 C CG2  . VAL A 1 13 ? 0.033   2.625  3.947  1.00 1.99 ? 13 VAL A CG2  8  
ATOM   1582 H H    . VAL A 1 13 ? -2.033  1.014  4.071  1.00 1.28 ? 13 VAL A H    8  
ATOM   1583 H HA   . VAL A 1 13 ? -2.923  3.051  2.217  1.00 1.07 ? 13 VAL A HA   8  
ATOM   1584 H HB   . VAL A 1 13 ? -0.758  4.160  2.708  1.00 2.09 ? 13 VAL A HB   8  
ATOM   1585 H HG11 . VAL A 1 13 ? -2.365  3.314  5.112  1.00 2.66 ? 13 VAL A HG11 8  
ATOM   1586 H HG12 . VAL A 1 13 ? -2.728  4.661  4.032  1.00 2.28 ? 13 VAL A HG12 8  
ATOM   1587 H HG13 . VAL A 1 13 ? -1.284  4.702  5.042  1.00 2.34 ? 13 VAL A HG13 8  
ATOM   1588 H HG21 . VAL A 1 13 ? 0.630   3.288  4.554  1.00 2.37 ? 13 VAL A HG21 8  
ATOM   1589 H HG22 . VAL A 1 13 ? 0.639   2.228  3.146  1.00 2.45 ? 13 VAL A HG22 8  
ATOM   1590 H HG23 . VAL A 1 13 ? -0.332  1.813  4.555  1.00 2.37 ? 13 VAL A HG23 8  
ATOM   1591 N N    . GLY A 1 14 ? -1.955  1.073  0.545  1.00 0.93 ? 14 GLY A N    8  
ATOM   1592 C CA   . GLY A 1 14 ? -1.377  0.600  -0.690 1.00 1.12 ? 14 GLY A CA   8  
ATOM   1593 C C    . GLY A 1 14 ? -1.794  -0.814 -1.026 1.00 1.65 ? 14 GLY A C    8  
ATOM   1594 O O    . GLY A 1 14 ? -2.807  -1.295 -0.522 1.00 2.10 ? 14 GLY A O    8  
ATOM   1595 H H    . GLY A 1 14 ? -2.814  0.711  0.855  1.00 1.56 ? 14 GLY A H    8  
ATOM   1596 H HA2  . GLY A 1 14 ? -1.689  1.253  -1.491 1.00 1.43 ? 14 GLY A HA2  8  
ATOM   1597 H HA3  . GLY A 1 14 ? -0.300  0.637  -0.609 1.00 1.19 ? 14 GLY A HA3  8  
ATOM   1598 N N    . HIS A 1 15 ? -1.007  -1.459 -1.887 1.00 1.91 ? 15 HIS A N    8  
ATOM   1599 C CA   . HIS A 1 15 ? -1.275  -2.819 -2.364 1.00 2.63 ? 15 HIS A CA   8  
ATOM   1600 C C    . HIS A 1 15 ? -2.608  -2.891 -3.103 1.00 2.88 ? 15 HIS A C    8  
ATOM   1601 O O    . HIS A 1 15 ? -2.629  -2.596 -4.313 1.00 3.11 ? 15 HIS A O    8  
ATOM   1602 C CB   . HIS A 1 15 ? -1.245  -3.832 -1.216 1.00 3.38 ? 15 HIS A CB   8  
ATOM   1603 C CG   . HIS A 1 15 ? -1.289  -5.258 -1.677 1.00 4.23 ? 15 HIS A CG   8  
ATOM   1604 N ND1  . HIS A 1 15 ? -2.449  -6.001 -1.725 1.00 4.85 ? 15 HIS A ND1  8  
ATOM   1605 C CD2  . HIS A 1 15 ? -0.304  -6.077 -2.111 1.00 4.97 ? 15 HIS A CD2  8  
ATOM   1606 C CE1  . HIS A 1 15 ? -2.173  -7.214 -2.166 1.00 5.75 ? 15 HIS A CE1  8  
ATOM   1607 N NE2  . HIS A 1 15 ? -0.880  -7.288 -2.408 1.00 5.86 ? 15 HIS A NE2  8  
ATOM   1608 O OXT  . HIS A 1 15 ? -3.625  -3.248 -2.480 1.00 3.39 ? 15 HIS A OXT  8  
ATOM   1609 H H    . HIS A 1 15 ? -0.205  -1.001 -2.221 1.00 1.77 ? 15 HIS A H    8  
ATOM   1610 H HA   . HIS A 1 15 ? -0.489  -3.071 -3.062 1.00 2.73 ? 15 HIS A HA   8  
ATOM   1611 H HB2  . HIS A 1 15 ? -0.339  -3.694 -0.647 1.00 3.51 ? 15 HIS A HB2  8  
ATOM   1612 H HB3  . HIS A 1 15 ? -2.098  -3.663 -0.575 1.00 3.63 ? 15 HIS A HB3  8  
ATOM   1613 H HD1  . HIS A 1 15 ? -3.346  -5.684 -1.479 1.00 4.89 ? 15 HIS A HD1  8  
ATOM   1614 H HD2  . HIS A 1 15 ? 0.743   -5.826 -2.210 1.00 5.12 ? 15 HIS A HD2  8  
ATOM   1615 H HE1  . HIS A 1 15 ? -2.888  -8.011 -2.305 1.00 6.48 ? 15 HIS A HE1  8  
ATOM   1616 H HE2  . HIS A 1 15 ? -0.388  -8.120 -2.585 1.00 6.63 ? 15 HIS A HE2  8  
ATOM   1617 N N    . ALA A 1 1  ? 8.657   -1.309 0.256  1.00 1.56 ? 1  ALA A N    9  
ATOM   1618 C CA   . ALA A 1 1  ? 9.304   -1.219 1.583  1.00 1.52 ? 1  ALA A CA   9  
ATOM   1619 C C    . ALA A 1 1  ? 8.712   -0.077 2.396  1.00 1.41 ? 1  ALA A C    9  
ATOM   1620 O O    . ALA A 1 1  ? 8.055   -0.304 3.414  1.00 1.82 ? 1  ALA A O    9  
ATOM   1621 C CB   . ALA A 1 1  ? 10.806  -1.042 1.429  1.00 1.85 ? 1  ALA A CB   9  
ATOM   1622 H H1   . ALA A 1 1  ? 9.080   -2.081 -0.297 1.00 2.02 ? 1  ALA A H1   9  
ATOM   1623 H H2   . ALA A 1 1  ? 8.778   -0.420 -0.265 1.00 2.14 ? 1  ALA A H2   9  
ATOM   1624 H H3   . ALA A 1 1  ? 7.641   -1.498 0.367  1.00 1.23 ? 1  ALA A H3   9  
ATOM   1625 H HA   . ALA A 1 1  ? 9.129   -2.146 2.108  1.00 1.79 ? 1  ALA A HA   9  
ATOM   1626 H HB1  . ALA A 1 1  ? 11.205  -1.850 0.836  1.00 2.23 ? 1  ALA A HB1  9  
ATOM   1627 H HB2  . ALA A 1 1  ? 11.271  -1.050 2.405  1.00 1.95 ? 1  ALA A HB2  9  
ATOM   1628 H HB3  . ALA A 1 1  ? 11.011  -0.101 0.940  1.00 2.42 ? 1  ALA A HB3  9  
ATOM   1629 N N    . PHE A 1 2  ? 8.931   1.152  1.937  1.00 1.39 ? 2  PHE A N    9  
ATOM   1630 C CA   . PHE A 1 2  ? 8.394   2.330  2.606  1.00 1.50 ? 2  PHE A CA   9  
ATOM   1631 C C    . PHE A 1 2  ? 6.871   2.300  2.574  1.00 1.32 ? 2  PHE A C    9  
ATOM   1632 O O    . PHE A 1 2  ? 6.211   2.442  3.603  1.00 1.65 ? 2  PHE A O    9  
ATOM   1633 C CB   . PHE A 1 2  ? 8.912   3.606  1.939  1.00 1.72 ? 2  PHE A CB   9  
ATOM   1634 C CG   . PHE A 1 2  ? 10.407  3.763  2.010  1.00 1.94 ? 2  PHE A CG   9  
ATOM   1635 C CD1  . PHE A 1 2  ? 11.001  4.388  3.094  1.00 2.24 ? 2  PHE A CD1  9  
ATOM   1636 C CD2  . PHE A 1 2  ? 11.219  3.281  0.992  1.00 2.29 ? 2  PHE A CD2  9  
ATOM   1637 C CE1  . PHE A 1 2  ? 12.373  4.533  3.163  1.00 2.82 ? 2  PHE A CE1  9  
ATOM   1638 C CE2  . PHE A 1 2  ? 12.592  3.425  1.057  1.00 2.71 ? 2  PHE A CE2  9  
ATOM   1639 C CZ   . PHE A 1 2  ? 13.170  4.049  2.144  1.00 2.97 ? 2  PHE A CZ   9  
ATOM   1640 H H    . PHE A 1 2  ? 9.465   1.270  1.123  1.00 1.68 ? 2  PHE A H    9  
ATOM   1641 H HA   . PHE A 1 2  ? 8.722   2.308  3.635  1.00 1.73 ? 2  PHE A HA   9  
ATOM   1642 H HB2  . PHE A 1 2  ? 8.630   3.598  0.898  1.00 2.04 ? 2  PHE A HB2  9  
ATOM   1643 H HB3  . PHE A 1 2  ? 8.464   4.463  2.420  1.00 1.80 ? 2  PHE A HB3  9  
ATOM   1644 H HD1  . PHE A 1 2  ? 10.381  4.765  3.892  1.00 2.25 ? 2  PHE A HD1  9  
ATOM   1645 H HD2  . PHE A 1 2  ? 10.769  2.792  0.142  1.00 2.46 ? 2  PHE A HD2  9  
ATOM   1646 H HE1  . PHE A 1 2  ? 12.823  5.021  4.015  1.00 3.31 ? 2  PHE A HE1  9  
ATOM   1647 H HE2  . PHE A 1 2  ? 13.212  3.048  0.257  1.00 3.04 ? 2  PHE A HE2  9  
ATOM   1648 H HZ   . PHE A 1 2  ? 14.243  4.162  2.197  1.00 3.47 ? 2  PHE A HZ   9  
ATOM   1649 N N    . GLN A 1 3  ? 6.324   2.100  1.384  1.00 1.01 ? 3  GLN A N    9  
ATOM   1650 C CA   . GLN A 1 3  ? 4.888   1.937  1.227  1.00 1.01 ? 3  GLN A CA   9  
ATOM   1651 C C    . GLN A 1 3  ? 4.488   0.519  1.626  1.00 0.79 ? 3  GLN A C    9  
ATOM   1652 O O    . GLN A 1 3  ? 5.179   -0.445 1.279  1.00 0.69 ? 3  GLN A O    9  
ATOM   1653 C CB   . GLN A 1 3  ? 4.469   2.249  -0.216 1.00 1.10 ? 3  GLN A CB   9  
ATOM   1654 C CG   . GLN A 1 3  ? 5.194   1.416  -1.260 1.00 1.04 ? 3  GLN A CG   9  
ATOM   1655 C CD   . GLN A 1 3  ? 5.141   2.034  -2.643 1.00 1.51 ? 3  GLN A CD   9  
ATOM   1656 O OE1  . GLN A 1 3  ? 5.066   3.251  -2.789 1.00 2.06 ? 3  GLN A OE1  9  
ATOM   1657 N NE2  . GLN A 1 3  ? 5.188   1.199  -3.668 1.00 2.12 ? 3  GLN A NE2  9  
ATOM   1658 H H    . GLN A 1 3  ? 6.899   2.064  0.594  1.00 0.99 ? 3  GLN A H    9  
ATOM   1659 H HA   . GLN A 1 3  ? 4.403   2.636  1.894  1.00 1.30 ? 3  GLN A HA   9  
ATOM   1660 H HB2  . GLN A 1 3  ? 3.410   2.067  -0.316 1.00 1.21 ? 3  GLN A HB2  9  
ATOM   1661 H HB3  . GLN A 1 3  ? 4.667   3.292  -0.418 1.00 1.37 ? 3  GLN A HB3  9  
ATOM   1662 H HG2  . GLN A 1 3  ? 6.219   1.316  -0.966 1.00 1.37 ? 3  GLN A HG2  9  
ATOM   1663 H HG3  . GLN A 1 3  ? 4.736   0.437  -1.301 1.00 1.25 ? 3  GLN A HG3  9  
ATOM   1664 H HE21 . GLN A 1 3  ? 5.251   0.238  -3.484 1.00 2.44 ? 3  GLN A HE21 9  
ATOM   1665 H HE22 . GLN A 1 3  ? 5.151   1.578  -4.573 1.00 2.57 ? 3  GLN A HE22 9  
HETATM 1666 N N    . HZP A 1 4  ? 3.395   0.383  2.392  1.00 0.94 ? 4  HZP A N    9  
HETATM 1667 C CA   . HZP A 1 4  ? 2.938   -0.911 2.928  1.00 0.99 ? 4  HZP A CA   9  
HETATM 1668 C C    . HZP A 1 4  ? 2.486   -1.910 1.863  1.00 1.07 ? 4  HZP A C    9  
HETATM 1669 O O    . HZP A 1 4  ? 1.293   -2.152 1.693  1.00 1.40 ? 4  HZP A O    9  
HETATM 1670 C CB   . HZP A 1 4  ? 1.758   -0.537 3.830  1.00 1.29 ? 4  HZP A CB   9  
HETATM 1671 C CG   . HZP A 1 4  ? 1.313   0.815  3.365  1.00 1.42 ? 4  HZP A CG   9  
HETATM 1672 C CD   . HZP A 1 4  ? 2.535   1.498  2.828  1.00 1.26 ? 4  HZP A CD   9  
HETATM 1673 O OD1  . HZP A 1 4  ? 0.323   0.695  2.340  1.00 1.59 ? 4  HZP A OD1  9  
HETATM 1674 H HA   . HZP A 1 4  ? 3.705   -1.370 3.530  1.00 0.96 ? 4  HZP A HA   9  
HETATM 1675 H HB   . HZP A 1 4  ? 0.966   -1.266 3.718  1.00 1.44 ? 4  HZP A HB   9  
HETATM 1676 H HBA  . HZP A 1 4  ? 2.078   -0.483 4.857  1.00 1.37 ? 4  HZP A HBA  9  
HETATM 1677 H HG   . HZP A 1 4  ? 0.895   1.374  4.191  1.00 1.64 ? 4  HZP A HG   9  
HETATM 1678 H HD   . HZP A 1 4  ? 3.012   2.073  3.607  1.00 1.34 ? 4  HZP A HD   9  
HETATM 1679 H HDA  . HZP A 1 4  ? 2.270   2.129  1.993  1.00 1.41 ? 4  HZP A HDA  9  
HETATM 1680 H HOD1 . HZP A 1 4  ? -0.335  1.389  2.465  1.00 1.63 ? 4  HZP A HOD1 9  
ATOM   1681 N N    . THR A 1 5  ? 3.461   -2.476 1.155  1.00 0.94 ? 5  THR A N    9  
ATOM   1682 C CA   . THR A 1 5  ? 3.270   -3.599 0.228  1.00 1.16 ? 5  THR A CA   9  
ATOM   1683 C C    . THR A 1 5  ? 2.179   -3.352 -0.814 1.00 1.27 ? 5  THR A C    9  
ATOM   1684 O O    . THR A 1 5  ? 0.992   -3.543 -0.544 1.00 2.15 ? 5  THR A O    9  
ATOM   1685 C CB   . THR A 1 5  ? 2.986   -4.916 0.986  1.00 1.66 ? 5  THR A CB   9  
ATOM   1686 O OG1  . THR A 1 5  ? 1.903   -4.743 1.912  1.00 1.97 ? 5  THR A OG1  9  
ATOM   1687 C CG2  . THR A 1 5  ? 4.227   -5.375 1.736  1.00 1.90 ? 5  THR A CG2  9  
ATOM   1688 H H    . THR A 1 5  ? 4.360   -2.107 1.249  1.00 0.83 ? 5  THR A H    9  
ATOM   1689 H HA   . THR A 1 5  ? 4.203   -3.730 -0.298 1.00 1.13 ? 5  THR A HA   9  
ATOM   1690 H HB   . THR A 1 5  ? 2.717   -5.675 0.267  1.00 1.80 ? 5  THR A HB   9  
ATOM   1691 H HG1  . THR A 1 5  ? 1.411   -3.940 1.679  1.00 1.75 ? 5  THR A HG1  9  
ATOM   1692 H HG21 . THR A 1 5  ? 5.076   -5.340 1.072  1.00 2.07 ? 5  THR A HG21 9  
ATOM   1693 H HG22 . THR A 1 5  ? 4.083   -6.386 2.088  1.00 2.09 ? 5  THR A HG22 9  
ATOM   1694 H HG23 . THR A 1 5  ? 4.400   -4.722 2.580  1.00 2.31 ? 5  THR A HG23 9  
ATOM   1695 N N    . THR A 1 6  ? 2.606   -2.975 -2.019 1.00 1.06 ? 6  THR A N    9  
ATOM   1696 C CA   . THR A 1 6  ? 1.704   -2.679 -3.133 1.00 1.26 ? 6  THR A CA   9  
ATOM   1697 C C    . THR A 1 6  ? 0.554   -1.762 -2.714 1.00 0.96 ? 6  THR A C    9  
ATOM   1698 O O    . THR A 1 6  ? -0.549  -2.218 -2.424 1.00 1.13 ? 6  THR A O    9  
ATOM   1699 C CB   . THR A 1 6  ? 1.155   -3.972 -3.787 1.00 1.84 ? 6  THR A CB   9  
ATOM   1700 O OG1  . THR A 1 6  ? 0.540   -4.821 -2.805 1.00 2.43 ? 6  THR A OG1  9  
ATOM   1701 C CG2  . THR A 1 6  ? 2.276   -4.732 -4.475 1.00 2.19 ? 6  THR A CG2  9  
ATOM   1702 H H    . THR A 1 6  ? 3.572   -2.906 -2.174 1.00 1.45 ? 6  THR A H    9  
ATOM   1703 H HA   . THR A 1 6  ? 2.287   -2.157 -3.881 1.00 1.48 ? 6  THR A HA   9  
ATOM   1704 H HB   . THR A 1 6  ? 0.418   -3.699 -4.528 1.00 2.30 ? 6  THR A HB   9  
ATOM   1705 H HG1  . THR A 1 6  ? 0.459   -4.332 -1.970 1.00 2.70 ? 6  THR A HG1  9  
ATOM   1706 H HG21 . THR A 1 6  ? 2.912   -4.035 -4.999 1.00 2.25 ? 6  THR A HG21 9  
ATOM   1707 H HG22 . THR A 1 6  ? 1.854   -5.434 -5.181 1.00 2.57 ? 6  THR A HG22 9  
ATOM   1708 H HG23 . THR A 1 6  ? 2.857   -5.266 -3.739 1.00 2.69 ? 6  THR A HG23 9  
ATOM   1709 N N    . PRO A 1 7  ? 0.804   -0.446 -2.681 1.00 0.81 ? 7  PRO A N    9  
ATOM   1710 C CA   . PRO A 1 7  ? -0.193  0.538  -2.276 1.00 0.78 ? 7  PRO A CA   9  
ATOM   1711 C C    . PRO A 1 7  ? -1.179  0.843  -3.405 1.00 0.74 ? 7  PRO A C    9  
ATOM   1712 O O    . PRO A 1 7  ? -1.335  0.045  -4.332 1.00 1.23 ? 7  PRO A O    9  
ATOM   1713 C CB   . PRO A 1 7  ? 0.665   1.755  -1.940 1.00 1.12 ? 7  PRO A CB   9  
ATOM   1714 C CG   . PRO A 1 7  ? 1.798   1.664  -2.888 1.00 1.14 ? 7  PRO A CG   9  
ATOM   1715 C CD   . PRO A 1 7  ? 2.082   0.193  -3.051 1.00 1.10 ? 7  PRO A CD   9  
ATOM   1716 H HA   . PRO A 1 7  ? -0.734  0.217  -1.400 1.00 0.83 ? 7  PRO A HA   9  
ATOM   1717 H HB2  . PRO A 1 7  ? 0.096   2.661  -2.086 1.00 1.37 ? 7  PRO A HB2  9  
ATOM   1718 H HB3  . PRO A 1 7  ? 1.011   1.693  -0.915 1.00 1.35 ? 7  PRO A HB3  9  
ATOM   1719 H HG2  . PRO A 1 7  ? 1.523   2.103  -3.835 1.00 1.49 ? 7  PRO A HG2  9  
ATOM   1720 H HG3  . PRO A 1 7  ? 2.657   2.169  -2.471 1.00 1.13 ? 7  PRO A HG3  9  
ATOM   1721 H HD2  . PRO A 1 7  ? 2.341   -0.029 -4.075 1.00 1.33 ? 7  PRO A HD2  9  
ATOM   1722 H HD3  . PRO A 1 7  ? 2.873   -0.116 -2.384 1.00 1.28 ? 7  PRO A HD3  9  
ATOM   1723 N N    . GLY A 1 8  ? -1.834  1.991  -3.334 1.00 0.74 ? 8  GLY A N    9  
ATOM   1724 C CA   . GLY A 1 8  ? -2.834  2.324  -4.325 1.00 0.79 ? 8  GLY A CA   9  
ATOM   1725 C C    . GLY A 1 8  ? -4.096  1.506  -4.152 1.00 0.74 ? 8  GLY A C    9  
ATOM   1726 O O    . GLY A 1 8  ? -4.517  0.801  -5.069 1.00 1.17 ? 8  GLY A O    9  
ATOM   1727 H H    . GLY A 1 8  ? -1.630  2.624  -2.615 1.00 1.12 ? 8  GLY A H    9  
ATOM   1728 H HA2  . GLY A 1 8  ? -3.079  3.373  -4.240 1.00 0.98 ? 8  GLY A HA2  9  
ATOM   1729 H HA3  . GLY A 1 8  ? -2.429  2.136  -5.307 1.00 0.95 ? 8  GLY A HA3  9  
ATOM   1730 N N    . ASN A 1 9  ? -4.679  1.594  -2.959 1.00 1.05 ? 9  ASN A N    9  
ATOM   1731 C CA   . ASN A 1 9  ? -5.901  0.866  -2.618 1.00 1.38 ? 9  ASN A CA   9  
ATOM   1732 C C    . ASN A 1 9  ? -5.775  -0.619 -2.953 1.00 1.13 ? 9  ASN A C    9  
ATOM   1733 O O    . ASN A 1 9  ? -6.467  -1.137 -3.832 1.00 1.89 ? 9  ASN A O    9  
ATOM   1734 C CB   . ASN A 1 9  ? -7.113  1.480  -3.336 1.00 2.39 ? 9  ASN A CB   9  
ATOM   1735 C CG   . ASN A 1 9  ? -8.427  0.838  -2.927 1.00 3.21 ? 9  ASN A CG   9  
ATOM   1736 O OD1  . ASN A 1 9  ? -8.582  0.356  -1.802 1.00 3.66 ? 9  ASN A OD1  9  
ATOM   1737 N ND2  . ASN A 1 9  ? -9.388  0.830  -3.840 1.00 3.96 ? 9  ASN A ND2  9  
ATOM   1738 H H    . ASN A 1 9  ? -4.280  2.186  -2.282 1.00 1.43 ? 9  ASN A H    9  
ATOM   1739 H HA   . ASN A 1 9  ? -6.048  0.965  -1.553 1.00 1.60 ? 9  ASN A HA   9  
ATOM   1740 H HB2  . ASN A 1 9  ? -7.164  2.533  -3.105 1.00 2.76 ? 9  ASN A HB2  9  
ATOM   1741 H HB3  . ASN A 1 9  ? -6.988  1.355  -4.401 1.00 2.82 ? 9  ASN A HB3  9  
ATOM   1742 H HD21 . ASN A 1 9  ? -9.198  1.234  -4.715 1.00 3.96 ? 9  ASN A HD21 9  
ATOM   1743 H HD22 . ASN A 1 9  ? -10.248 0.422  -3.606 1.00 4.72 ? 9  ASN A HD22 9  
ATOM   1744 N N    . SER A 1 10 ? -4.873  -1.300 -2.266 1.00 0.88 ? 10 SER A N    9  
ATOM   1745 C CA   . SER A 1 10 ? -4.732  -2.736 -2.433 1.00 1.64 ? 10 SER A CA   9  
ATOM   1746 C C    . SER A 1 10 ? -4.714  -3.452 -1.072 1.00 1.50 ? 10 SER A C    9  
ATOM   1747 O O    . SER A 1 10 ? -5.508  -4.364 -0.860 1.00 2.03 ? 10 SER A O    9  
ATOM   1748 C CB   . SER A 1 10 ? -3.496  -3.082 -3.278 1.00 2.42 ? 10 SER A CB   9  
ATOM   1749 O OG   . SER A 1 10 ? -3.563  -2.459 -4.555 1.00 2.86 ? 10 SER A OG   9  
ATOM   1750 H H    . SER A 1 10 ? -4.297  -0.832 -1.630 1.00 0.93 ? 10 SER A H    9  
ATOM   1751 H HA   . SER A 1 10 ? -5.608  -3.074 -2.965 1.00 2.13 ? 10 SER A HA   9  
ATOM   1752 H HB2  . SER A 1 10 ? -2.605  -2.747 -2.777 1.00 2.46 ? 10 SER A HB2  9  
ATOM   1753 H HB3  . SER A 1 10 ? -3.449  -4.152 -3.418 1.00 2.98 ? 10 SER A HB3  9  
ATOM   1754 H HG   . SER A 1 10 ? -3.707  -1.512 -4.441 1.00 2.74 ? 10 SER A HG   9  
HETATM 1755 N N    . HZP A 1 11 ? -3.844  -3.055 -0.109 1.00 1.06 ? 11 HZP A N    9  
HETATM 1756 C CA   . HZP A 1 11 ? -3.835  -3.645 1.218  1.00 1.03 ? 11 HZP A CA   9  
HETATM 1757 C C    . HZP A 1 11 ? -4.539  -2.756 2.239  1.00 1.12 ? 11 HZP A C    9  
HETATM 1758 O O    . HZP A 1 11 ? -4.127  -2.663 3.397  1.00 1.52 ? 11 HZP A O    9  
HETATM 1759 C CB   . HZP A 1 11 ? -2.341  -3.725 1.512  1.00 1.13 ? 11 HZP A CB   9  
HETATM 1760 C CG   . HZP A 1 11 ? -1.711  -2.593 0.742  1.00 1.27 ? 11 HZP A CG   9  
HETATM 1761 C CD   . HZP A 1 11 ? -2.772  -2.050 -0.203 1.00 1.22 ? 11 HZP A CD   9  
HETATM 1762 O OD1  . HZP A 1 11 ? -1.283  -1.559 1.626  1.00 1.41 ? 11 HZP A OD1  9  
HETATM 1763 H HA   . HZP A 1 11 ? -4.268  -4.633 1.227  1.00 1.24 ? 11 HZP A HA   9  
HETATM 1764 H HB   . HZP A 1 11 ? -2.173  -3.610 2.577  1.00 1.12 ? 11 HZP A HB   9  
HETATM 1765 H HBA  . HZP A 1 11 ? -1.944  -4.665 1.170  1.00 1.48 ? 11 HZP A HBA  9  
HETATM 1766 H HG   . HZP A 1 11 ? -0.844  -2.968 0.200  1.00 1.63 ? 11 HZP A HG   9  
HETATM 1767 H HD   . HZP A 1 11 ? -2.381  -1.984 -1.202 1.00 1.59 ? 11 HZP A HD   9  
HETATM 1768 H HDA  . HZP A 1 11 ? -3.115  -1.085 0.138  1.00 1.50 ? 11 HZP A HDA  9  
HETATM 1769 H HOD1 . HZP A 1 11 ? -0.360  -1.333 1.425  1.00 1.38 ? 11 HZP A HOD1 9  
ATOM   1770 N N    . GLY A 1 12 ? -5.596  -2.089 1.794  1.00 1.50 ? 12 GLY A N    9  
ATOM   1771 C CA   . GLY A 1 12 ? -6.326  -1.188 2.660  1.00 1.81 ? 12 GLY A CA   9  
ATOM   1772 C C    . GLY A 1 12 ? -5.674  0.177  2.737  1.00 1.34 ? 12 GLY A C    9  
ATOM   1773 O O    . GLY A 1 12 ? -6.011  1.080  1.972  1.00 1.56 ? 12 GLY A O    9  
ATOM   1774 H H    . GLY A 1 12 ? -5.883  -2.210 0.864  1.00 1.92 ? 12 GLY A H    9  
ATOM   1775 H HA2  . GLY A 1 12 ? -7.333  -1.077 2.282  1.00 2.34 ? 12 GLY A HA2  9  
ATOM   1776 H HA3  . GLY A 1 12 ? -6.368  -1.613 3.652  1.00 2.05 ? 12 GLY A HA3  9  
ATOM   1777 N N    . VAL A 1 13 ? -4.704  0.313  3.631  1.00 1.06 ? 13 VAL A N    9  
ATOM   1778 C CA   . VAL A 1 13 ? -4.030  1.588  3.855  1.00 0.94 ? 13 VAL A CA   9  
ATOM   1779 C C    . VAL A 1 13 ? -2.904  1.819  2.844  1.00 0.94 ? 13 VAL A C    9  
ATOM   1780 O O    . VAL A 1 13 ? -1.791  2.214  3.201  1.00 1.85 ? 13 VAL A O    9  
ATOM   1781 C CB   . VAL A 1 13 ? -3.462  1.675  5.289  1.00 1.42 ? 13 VAL A CB   9  
ATOM   1782 C CG1  . VAL A 1 13 ? -4.591  1.752  6.303  1.00 2.01 ? 13 VAL A CG1  9  
ATOM   1783 C CG2  . VAL A 1 13 ? -2.560  0.483  5.589  1.00 1.99 ? 13 VAL A CG2  9  
ATOM   1784 H H    . VAL A 1 13 ? -4.429  -0.471 4.153  1.00 1.28 ? 13 VAL A H    9  
ATOM   1785 H HA   . VAL A 1 13 ? -4.763  2.371  3.739  1.00 1.07 ? 13 VAL A HA   9  
ATOM   1786 H HB   . VAL A 1 13 ? -2.873  2.576  5.371  1.00 2.09 ? 13 VAL A HB   9  
ATOM   1787 H HG11 . VAL A 1 13 ? -5.194  0.858  6.237  1.00 2.66 ? 13 VAL A HG11 9  
ATOM   1788 H HG12 . VAL A 1 13 ? -5.206  2.615  6.092  1.00 2.28 ? 13 VAL A HG12 9  
ATOM   1789 H HG13 . VAL A 1 13 ? -4.180  1.836  7.297  1.00 2.34 ? 13 VAL A HG13 9  
ATOM   1790 H HG21 . VAL A 1 13 ? -1.728  0.478  4.900  1.00 2.37 ? 13 VAL A HG21 9  
ATOM   1791 H HG22 . VAL A 1 13 ? -3.124  -0.429 5.480  1.00 2.45 ? 13 VAL A HG22 9  
ATOM   1792 H HG23 . VAL A 1 13 ? -2.188  0.558  6.600  1.00 2.37 ? 13 VAL A HG23 9  
ATOM   1793 N N    . GLY A 1 14 ? -3.204  1.586  1.579  1.00 0.93 ? 14 GLY A N    9  
ATOM   1794 C CA   . GLY A 1 14 ? -2.216  1.764  0.539  1.00 1.12 ? 14 GLY A CA   9  
ATOM   1795 C C    . GLY A 1 14 ? -2.534  2.949  -0.347 1.00 1.65 ? 14 GLY A C    9  
ATOM   1796 O O    . GLY A 1 14 ? -3.656  3.077  -0.830 1.00 2.10 ? 14 GLY A O    9  
ATOM   1797 H H    . GLY A 1 14 ? -4.117  1.302  1.347  1.00 1.56 ? 14 GLY A H    9  
ATOM   1798 H HA2  . GLY A 1 14 ? -1.249  1.916  0.993  1.00 1.43 ? 14 GLY A HA2  9  
ATOM   1799 H HA3  . GLY A 1 14 ? -2.180  0.873  -0.069 1.00 1.19 ? 14 GLY A HA3  9  
ATOM   1800 N N    . HIS A 1 15 ? -1.549  3.806  -0.569 1.00 1.91 ? 15 HIS A N    9  
ATOM   1801 C CA   . HIS A 1 15 ? -1.732  5.006  -1.378 1.00 2.63 ? 15 HIS A CA   9  
ATOM   1802 C C    . HIS A 1 15 ? -0.482  5.264  -2.206 1.00 2.88 ? 15 HIS A C    9  
ATOM   1803 O O    . HIS A 1 15 ? -0.401  4.760  -3.344 1.00 3.11 ? 15 HIS A O    9  
ATOM   1804 C CB   . HIS A 1 15 ? -2.027  6.232  -0.497 1.00 3.38 ? 15 HIS A CB   9  
ATOM   1805 C CG   . HIS A 1 15 ? -3.384  6.228  0.144  1.00 4.23 ? 15 HIS A CG   9  
ATOM   1806 N ND1  . HIS A 1 15 ? -4.488  6.813  -0.433 1.00 4.85 ? 15 HIS A ND1  9  
ATOM   1807 C CD2  . HIS A 1 15 ? -3.807  5.720  1.327  1.00 4.97 ? 15 HIS A CD2  9  
ATOM   1808 C CE1  . HIS A 1 15 ? -5.530  6.664  0.362  1.00 5.75 ? 15 HIS A CE1  9  
ATOM   1809 N NE2  . HIS A 1 15 ? -5.145  6.006  1.438  1.00 5.86 ? 15 HIS A NE2  9  
ATOM   1810 O OXT  . HIS A 1 15 ? 0.430   5.949  -1.705 1.00 3.39 ? 15 HIS A OXT  9  
ATOM   1811 H H    . HIS A 1 15 ? -0.656  3.622  -0.192 1.00 1.77 ? 15 HIS A H    9  
ATOM   1812 H HA   . HIS A 1 15 ? -2.566  4.837  -2.044 1.00 2.73 ? 15 HIS A HA   9  
ATOM   1813 H HB2  . HIS A 1 15 ? -1.295  6.278  0.292  1.00 3.51 ? 15 HIS A HB2  9  
ATOM   1814 H HB3  . HIS A 1 15 ? -1.949  7.123  -1.103 1.00 3.63 ? 15 HIS A HB3  9  
ATOM   1815 H HD1  . HIS A 1 15 ? -4.503  7.285  -1.298 1.00 4.89 ? 15 HIS A HD1  9  
ATOM   1816 H HD2  . HIS A 1 15 ? -3.204  5.189  2.050  1.00 5.12 ? 15 HIS A HD2  9  
ATOM   1817 H HE1  . HIS A 1 15 ? -6.529  7.022  0.166  1.00 6.48 ? 15 HIS A HE1  9  
ATOM   1818 H HE2  . HIS A 1 15 ? -5.686  5.884  2.249  1.00 6.63 ? 15 HIS A HE2  9  
ATOM   1819 N N    . ALA A 1 1  ? 6.309   -1.113 2.565  1.00 1.56 ? 1  ALA A N    10 
ATOM   1820 C CA   . ALA A 1 1  ? 6.360   -0.378 3.851  1.00 1.52 ? 1  ALA A CA   10 
ATOM   1821 C C    . ALA A 1 1  ? 5.107   0.476  4.011  1.00 1.41 ? 1  ALA A C    10 
ATOM   1822 O O    . ALA A 1 1  ? 4.086   0.001  4.506  1.00 1.82 ? 1  ALA A O    10 
ATOM   1823 C CB   . ALA A 1 1  ? 7.621   0.469  3.942  1.00 1.85 ? 1  ALA A CB   10 
ATOM   1824 H H1   . ALA A 1 1  ? 6.157   -0.453 1.779  1.00 2.02 ? 1  ALA A H1   10 
ATOM   1825 H H2   . ALA A 1 1  ? 5.531   -1.801 2.578  1.00 2.14 ? 1  ALA A H2   10 
ATOM   1826 H H3   . ALA A 1 1  ? 7.198   -1.624 2.401  1.00 1.23 ? 1  ALA A H3   10 
ATOM   1827 H HA   . ALA A 1 1  ? 6.387   -1.104 4.652  1.00 1.79 ? 1  ALA A HA   10 
ATOM   1828 H HB1  . ALA A 1 1  ? 7.604   1.224  3.171  1.00 2.23 ? 1  ALA A HB1  10 
ATOM   1829 H HB2  . ALA A 1 1  ? 8.487   -0.160 3.812  1.00 1.95 ? 1  ALA A HB2  10 
ATOM   1830 H HB3  . ALA A 1 1  ? 7.664   0.944  4.910  1.00 2.42 ? 1  ALA A HB3  10 
ATOM   1831 N N    . PHE A 1 2  ? 5.169   1.730  3.568  1.00 1.39 ? 2  PHE A N    10 
ATOM   1832 C CA   . PHE A 1 2  ? 3.977   2.572  3.517  1.00 1.50 ? 2  PHE A CA   10 
ATOM   1833 C C    . PHE A 1 2  ? 3.066   2.058  2.413  1.00 1.32 ? 2  PHE A C    10 
ATOM   1834 O O    . PHE A 1 2  ? 1.839   2.142  2.493  1.00 1.65 ? 2  PHE A O    10 
ATOM   1835 C CB   . PHE A 1 2  ? 4.347   4.048  3.295  1.00 1.72 ? 2  PHE A CB   10 
ATOM   1836 C CG   . PHE A 1 2  ? 5.206   4.304  2.086  1.00 1.94 ? 2  PHE A CG   10 
ATOM   1837 C CD1  . PHE A 1 2  ? 6.584   4.170  2.156  1.00 2.24 ? 2  PHE A CD1  10 
ATOM   1838 C CD2  . PHE A 1 2  ? 4.637   4.684  0.881  1.00 2.29 ? 2  PHE A CD2  10 
ATOM   1839 C CE1  . PHE A 1 2  ? 7.376   4.407  1.051  1.00 2.82 ? 2  PHE A CE1  10 
ATOM   1840 C CE2  . PHE A 1 2  ? 5.426   4.922  -0.227 1.00 2.71 ? 2  PHE A CE2  10 
ATOM   1841 C CZ   . PHE A 1 2  ? 6.795   4.782  -0.142 1.00 2.97 ? 2  PHE A CZ   10 
ATOM   1842 H H    . PHE A 1 2  ? 6.030   2.097  3.276  1.00 1.68 ? 2  PHE A H    10 
ATOM   1843 H HA   . PHE A 1 2  ? 3.463   2.472  4.463  1.00 1.73 ? 2  PHE A HA   10 
ATOM   1844 H HB2  . PHE A 1 2  ? 3.440   4.621  3.178  1.00 2.04 ? 2  PHE A HB2  10 
ATOM   1845 H HB3  . PHE A 1 2  ? 4.881   4.408  4.163  1.00 1.80 ? 2  PHE A HB3  10 
ATOM   1846 H HD1  . PHE A 1 2  ? 7.040   3.873  3.088  1.00 2.25 ? 2  PHE A HD1  10 
ATOM   1847 H HD2  . PHE A 1 2  ? 3.565   4.793  0.812  1.00 2.46 ? 2  PHE A HD2  10 
ATOM   1848 H HE1  . PHE A 1 2  ? 8.447   4.300  1.120  1.00 3.31 ? 2  PHE A HE1  10 
ATOM   1849 H HE2  . PHE A 1 2  ? 4.970   5.214  -1.161 1.00 3.04 ? 2  PHE A HE2  10 
ATOM   1850 H HZ   . PHE A 1 2  ? 7.411   4.967  -1.009 1.00 3.47 ? 2  PHE A HZ   10 
ATOM   1851 N N    . GLN A 1 3  ? 3.695   1.515  1.386  1.00 1.01 ? 3  GLN A N    10 
ATOM   1852 C CA   . GLN A 1 3  ? 3.002   0.768  0.361  1.00 1.01 ? 3  GLN A CA   10 
ATOM   1853 C C    . GLN A 1 3  ? 3.533   -0.667 0.383  1.00 0.79 ? 3  GLN A C    10 
ATOM   1854 O O    . GLN A 1 3  ? 4.704   -0.902 0.099  1.00 0.69 ? 3  GLN A O    10 
ATOM   1855 C CB   . GLN A 1 3  ? 3.183   1.434  -1.013 1.00 1.10 ? 3  GLN A CB   10 
ATOM   1856 C CG   . GLN A 1 3  ? 4.637   1.605  -1.436 1.00 1.04 ? 3  GLN A CG   10 
ATOM   1857 C CD   . GLN A 1 3  ? 4.816   2.479  -2.664 1.00 1.51 ? 3  GLN A CD   10 
ATOM   1858 O OE1  . GLN A 1 3  ? 5.734   2.269  -3.454 1.00 2.06 ? 3  GLN A OE1  10 
ATOM   1859 N NE2  . GLN A 1 3  ? 3.973   3.486  -2.819 1.00 2.12 ? 3  GLN A NE2  10 
ATOM   1860 H H    . GLN A 1 3  ? 4.666   1.620  1.316  1.00 0.99 ? 3  GLN A H    10 
ATOM   1861 H HA   . GLN A 1 3  ? 1.952   0.755  0.617  1.00 1.30 ? 3  GLN A HA   10 
ATOM   1862 H HB2  . GLN A 1 3  ? 2.685   0.830  -1.759 1.00 1.21 ? 3  GLN A HB2  10 
ATOM   1863 H HB3  . GLN A 1 3  ? 2.721   2.409  -0.988 1.00 1.37 ? 3  GLN A HB3  10 
ATOM   1864 H HG2  . GLN A 1 3  ? 5.182   2.052  -0.623 1.00 1.37 ? 3  GLN A HG2  10 
ATOM   1865 H HG3  . GLN A 1 3  ? 5.047   0.630  -1.650 1.00 1.25 ? 3  GLN A HG3  10 
ATOM   1866 H HE21 . GLN A 1 3  ? 3.278   3.627  -2.140 1.00 2.44 ? 3  GLN A HE21 10 
ATOM   1867 H HE22 . GLN A 1 3  ? 4.073   4.053  -3.612 1.00 2.57 ? 3  GLN A HE22 10 
HETATM 1868 N N    . HZP A 1 4  ? 2.696   -1.631 0.793  1.00 0.94 ? 4  HZP A N    10 
HETATM 1869 C CA   . HZP A 1 4  ? 3.108   -3.038 0.978  1.00 0.99 ? 4  HZP A CA   10 
HETATM 1870 C C    . HZP A 1 4  ? 3.424   -3.750 -0.338 1.00 1.07 ? 4  HZP A C    10 
HETATM 1871 O O    . HZP A 1 4  ? 2.738   -4.694 -0.731 1.00 1.40 ? 4  HZP A O    10 
HETATM 1872 C CB   . HZP A 1 4  ? 1.895   -3.673 1.666  1.00 1.29 ? 4  HZP A CB   10 
HETATM 1873 C CG   . HZP A 1 4  ? 0.737   -2.816 1.279  1.00 1.42 ? 4  HZP A CG   10 
HETATM 1874 C CD   . HZP A 1 4  ? 1.280   -1.422 1.132  1.00 1.26 ? 4  HZP A CD   10 
HETATM 1875 O OD1  . HZP A 1 4  ? 0.179   -3.265 0.044  1.00 1.59 ? 4  HZP A OD1  10 
HETATM 1876 H HA   . HZP A 1 4  ? 3.967   -3.108 1.629  1.00 0.96 ? 4  HZP A HA   10 
HETATM 1877 H HB   . HZP A 1 4  ? 1.756   -4.690 1.316  1.00 1.44 ? 4  HZP A HB   10 
HETATM 1878 H HBA  . HZP A 1 4  ? 2.022   -3.657 2.737  1.00 1.37 ? 4  HZP A HBA  10 
HETATM 1879 H HG   . HZP A 1 4  ? -0.032  -2.858 2.040  1.00 1.64 ? 4  HZP A HG   10 
HETATM 1880 H HD   . HZP A 1 4  ? 1.182   -0.884 2.065  1.00 1.34 ? 4  HZP A HD   10 
HETATM 1881 H HDA  . HZP A 1 4  ? 0.764   -0.903 0.338  1.00 1.41 ? 4  HZP A HDA  10 
HETATM 1882 H HOD1 . HZP A 1 4  ? 0.315   -2.586 -0.631 1.00 1.63 ? 4  HZP A HOD1 10 
ATOM   1883 N N    . THR A 1 5  ? 4.479   -3.281 -1.001 1.00 0.94 ? 5  THR A N    10 
ATOM   1884 C CA   . THR A 1 5  ? 4.934   -3.792 -2.299 1.00 1.16 ? 5  THR A CA   10 
ATOM   1885 C C    . THR A 1 5  ? 3.805   -3.835 -3.323 1.00 1.27 ? 5  THR A C    10 
ATOM   1886 O O    . THR A 1 5  ? 3.758   -4.699 -4.197 1.00 2.15 ? 5  THR A O    10 
ATOM   1887 C CB   . THR A 1 5  ? 5.631   -5.173 -2.200 1.00 1.66 ? 5  THR A CB   10 
ATOM   1888 O OG1  . THR A 1 5  ? 4.871   -6.079 -1.391 1.00 1.97 ? 5  THR A OG1  10 
ATOM   1889 C CG2  . THR A 1 5  ? 7.032   -5.030 -1.630 1.00 1.90 ? 5  THR A CG2  10 
ATOM   1890 H H    . THR A 1 5  ? 4.976   -2.537 -0.598 1.00 0.83 ? 5  THR A H    10 
ATOM   1891 H HA   . THR A 1 5  ? 5.667   -3.085 -2.654 1.00 1.13 ? 5  THR A HA   10 
ATOM   1892 H HB   . THR A 1 5  ? 5.710   -5.582 -3.196 1.00 1.80 ? 5  THR A HB   10 
ATOM   1893 H HG1  . THR A 1 5  ? 4.152   -5.598 -0.963 1.00 1.75 ? 5  THR A HG1  10 
ATOM   1894 H HG21 . THR A 1 5  ? 6.981   -4.558 -0.660 1.00 2.07 ? 5  THR A HG21 10 
ATOM   1895 H HG22 . THR A 1 5  ? 7.632   -4.424 -2.295 1.00 2.09 ? 5  THR A HG22 10 
ATOM   1896 H HG23 . THR A 1 5  ? 7.481   -6.008 -1.531 1.00 2.31 ? 5  THR A HG23 10 
ATOM   1897 N N    . THR A 1 6  ? 2.901   -2.880 -3.181 1.00 1.06 ? 6  THR A N    10 
ATOM   1898 C CA   . THR A 1 6  ? 1.785   -2.676 -4.089 1.00 1.26 ? 6  THR A CA   10 
ATOM   1899 C C    . THR A 1 6  ? 0.911   -1.549 -3.540 1.00 0.96 ? 6  THR A C    10 
ATOM   1900 O O    . THR A 1 6  ? 0.251   -1.716 -2.517 1.00 1.13 ? 6  THR A O    10 
ATOM   1901 C CB   . THR A 1 6  ? 0.935   -3.962 -4.296 1.00 1.84 ? 6  THR A CB   10 
ATOM   1902 O OG1  . THR A 1 6  ? -0.232  -3.669 -5.075 1.00 2.43 ? 6  THR A OG1  10 
ATOM   1903 C CG2  . THR A 1 6  ? 0.525   -4.584 -2.971 1.00 2.19 ? 6  THR A CG2  10 
ATOM   1904 H H    . THR A 1 6  ? 2.987   -2.279 -2.415 1.00 1.45 ? 6  THR A H    10 
ATOM   1905 H HA   . THR A 1 6  ? 2.187   -2.377 -5.046 1.00 1.48 ? 6  THR A HA   10 
ATOM   1906 H HB   . THR A 1 6  ? 1.538   -4.679 -4.835 1.00 2.30 ? 6  THR A HB   10 
ATOM   1907 H HG1  . THR A 1 6  ? -0.544  -4.482 -5.496 1.00 2.70 ? 6  THR A HG1  10 
ATOM   1908 H HG21 . THR A 1 6  ? 0.250   -3.801 -2.279 1.00 2.25 ? 6  THR A HG21 10 
ATOM   1909 H HG22 . THR A 1 6  ? 1.353   -5.147 -2.566 1.00 2.57 ? 6  THR A HG22 10 
ATOM   1910 H HG23 . THR A 1 6  ? -0.317  -5.240 -3.126 1.00 2.69 ? 6  THR A HG23 10 
ATOM   1911 N N    . PRO A 1 7  ? 0.981   -0.352 -4.143 1.00 0.81 ? 7  PRO A N    10 
ATOM   1912 C CA   . PRO A 1 7  ? 0.180   0.804  -3.747 1.00 0.78 ? 7  PRO A CA   10 
ATOM   1913 C C    . PRO A 1 7  ? -1.078  1.004  -4.599 1.00 0.74 ? 7  PRO A C    10 
ATOM   1914 O O    . PRO A 1 7  ? -1.277  0.330  -5.612 1.00 1.23 ? 7  PRO A O    10 
ATOM   1915 C CB   . PRO A 1 7  ? 1.152   1.971  -3.977 1.00 1.12 ? 7  PRO A CB   10 
ATOM   1916 C CG   . PRO A 1 7  ? 2.323   1.399  -4.728 1.00 1.14 ? 7  PRO A CG   10 
ATOM   1917 C CD   . PRO A 1 7  ? 1.912   0.031  -5.196 1.00 1.10 ? 7  PRO A CD   10 
ATOM   1918 H HA   . PRO A 1 7  ? -0.094  0.761  -2.705 1.00 0.83 ? 7  PRO A HA   10 
ATOM   1919 H HB2  . PRO A 1 7  ? 0.659   2.741  -4.548 1.00 1.37 ? 7  PRO A HB2  10 
ATOM   1920 H HB3  . PRO A 1 7  ? 1.459   2.372  -3.021 1.00 1.35 ? 7  PRO A HB3  10 
ATOM   1921 H HG2  . PRO A 1 7  ? 2.559   2.028  -5.571 1.00 1.49 ? 7  PRO A HG2  10 
ATOM   1922 H HG3  . PRO A 1 7  ? 3.177   1.325  -4.065 1.00 1.13 ? 7  PRO A HG3  10 
ATOM   1923 H HD2  . PRO A 1 7  ? 1.421   0.085  -6.157 1.00 1.33 ? 7  PRO A HD2  10 
ATOM   1924 H HD3  . PRO A 1 7  ? 2.762   -0.632 -5.230 1.00 1.28 ? 7  PRO A HD3  10 
ATOM   1925 N N    . GLY A 1 8  ? -1.929  1.939  -4.173 1.00 0.74 ? 8  GLY A N    10 
ATOM   1926 C CA   . GLY A 1 8  ? -3.077  2.332  -4.971 1.00 0.79 ? 8  GLY A CA   10 
ATOM   1927 C C    . GLY A 1 8  ? -4.352  1.591  -4.611 1.00 0.74 ? 8  GLY A C    10 
ATOM   1928 O O    . GLY A 1 8  ? -5.394  1.814  -5.228 1.00 1.17 ? 8  GLY A O    10 
ATOM   1929 H H    . GLY A 1 8  ? -1.775  2.366  -3.303 1.00 1.12 ? 8  GLY A H    10 
ATOM   1930 H HA2  . GLY A 1 8  ? -3.245  3.389  -4.838 1.00 0.98 ? 8  GLY A HA2  10 
ATOM   1931 H HA3  . GLY A 1 8  ? -2.851  2.147  -6.013 1.00 0.95 ? 8  GLY A HA3  10 
ATOM   1932 N N    . ASN A 1 9  ? -4.269  0.722  -3.609 1.00 1.05 ? 9  ASN A N    10 
ATOM   1933 C CA   . ASN A 1 9  ? -5.394  -0.132 -3.199 1.00 1.38 ? 9  ASN A CA   10 
ATOM   1934 C C    . ASN A 1 9  ? -4.900  -1.117 -2.157 1.00 1.13 ? 9  ASN A C    10 
ATOM   1935 O O    . ASN A 1 9  ? -5.292  -2.285 -2.130 1.00 1.89 ? 9  ASN A O    10 
ATOM   1936 C CB   . ASN A 1 9  ? -6.000  -0.900 -4.391 1.00 2.39 ? 9  ASN A CB   10 
ATOM   1937 C CG   . ASN A 1 9  ? -4.978  -1.724 -5.161 1.00 3.21 ? 9  ASN A CG   10 
ATOM   1938 O OD1  . ASN A 1 9  ? -4.698  -2.874 -4.821 1.00 3.66 ? 9  ASN A OD1  10 
ATOM   1939 N ND2  . ASN A 1 9  ? -4.431  -1.148 -6.222 1.00 3.96 ? 9  ASN A ND2  10 
ATOM   1940 H H    . ASN A 1 9  ? -3.423  0.660  -3.106 1.00 1.43 ? 9  ASN A H    10 
ATOM   1941 H HA   . ASN A 1 9  ? -6.150  0.499  -2.757 1.00 1.60 ? 9  ASN A HA   10 
ATOM   1942 H HB2  . ASN A 1 9  ? -6.763  -1.568 -4.026 1.00 2.76 ? 9  ASN A HB2  10 
ATOM   1943 H HB3  . ASN A 1 9  ? -6.449  -0.192 -5.072 1.00 2.82 ? 9  ASN A HB3  10 
ATOM   1944 H HD21 . ASN A 1 9  ? -4.713  -0.236 -6.451 1.00 3.96 ? 9  ASN A HD21 10 
ATOM   1945 H HD22 . ASN A 1 9  ? -3.767  -1.655 -6.735 1.00 4.72 ? 9  ASN A HD22 10 
ATOM   1946 N N    . SER A 1 10 ? -4.051  -0.621 -1.289 1.00 0.88 ? 10 SER A N    10 
ATOM   1947 C CA   . SER A 1 10 ? -3.245  -1.468 -0.442 1.00 1.64 ? 10 SER A CA   10 
ATOM   1948 C C    . SER A 1 10 ? -3.851  -1.652 0.940  1.00 1.50 ? 10 SER A C    10 
ATOM   1949 O O    . SER A 1 10 ? -4.451  -0.732 1.496  1.00 2.03 ? 10 SER A O    10 
ATOM   1950 C CB   . SER A 1 10 ? -1.880  -0.828 -0.312 1.00 2.42 ? 10 SER A CB   10 
ATOM   1951 O OG   . SER A 1 10 ? -1.531  -0.174 -1.518 1.00 2.86 ? 10 SER A OG   10 
ATOM   1952 H H    . SER A 1 10 ? -3.964  0.352  -1.208 1.00 0.93 ? 10 SER A H    10 
ATOM   1953 H HA   . SER A 1 10 ? -3.141  -2.427 -0.921 1.00 2.13 ? 10 SER A HA   10 
ATOM   1954 H HB2  . SER A 1 10 ? -1.894  -0.107 0.490  1.00 2.46 ? 10 SER A HB2  10 
ATOM   1955 H HB3  . SER A 1 10 ? -1.145  -1.590 -0.103 1.00 2.98 ? 10 SER A HB3  10 
ATOM   1956 H HG   . SER A 1 10 ? -1.423  -0.840 -2.216 1.00 2.74 ? 10 SER A HG   10 
HETATM 1957 N N    . HZP A 1 11 ? -3.708  -2.864 1.496  1.00 1.06 ? 11 HZP A N    10 
HETATM 1958 C CA   . HZP A 1 11 ? -4.043  -3.134 2.895  1.00 1.03 ? 11 HZP A CA   10 
HETATM 1959 C C    . HZP A 1 11 ? -3.258  -2.226 3.835  1.00 1.12 ? 11 HZP A C    10 
HETATM 1960 O O    . HZP A 1 11 ? -2.045  -2.059 3.681  1.00 1.52 ? 11 HZP A O    10 
HETATM 1961 C CB   . HZP A 1 11 ? -3.631  -4.596 3.107  1.00 1.13 ? 11 HZP A CB   10 
HETATM 1962 C CG   . HZP A 1 11 ? -2.831  -4.987 1.893  1.00 1.27 ? 11 HZP A CG   10 
HETATM 1963 C CD   . HZP A 1 11 ? -3.239  -4.067 0.788  1.00 1.22 ? 11 HZP A CD   10 
HETATM 1964 O OD1  . HZP A 1 11 ? -1.424  -4.867 2.168  1.00 1.41 ? 11 HZP A OD1  10 
HETATM 1965 H HA   . HZP A 1 11 ? -5.101  -3.018 3.079  1.00 1.24 ? 11 HZP A HA   10 
HETATM 1966 H HB   . HZP A 1 11 ? -3.033  -4.679 4.007  1.00 1.12 ? 11 HZP A HB   10 
HETATM 1967 H HBA  . HZP A 1 11 ? -4.506  -5.220 3.182  1.00 1.48 ? 11 HZP A HBA  10 
HETATM 1968 H HG   . HZP A 1 11 ? -3.052  -6.003 1.611  1.00 1.63 ? 11 HZP A HG   10 
HETATM 1969 H HD   . HZP A 1 11 ? -4.034  -4.512 0.209  1.00 1.59 ? 11 HZP A HD   10 
HETATM 1970 H HDA  . HZP A 1 11 ? -2.390  -3.844 0.161  1.00 1.50 ? 11 HZP A HDA  10 
HETATM 1971 H HOD1 . HZP A 1 11 ? -0.968  -4.519 1.390  1.00 1.38 ? 11 HZP A HOD1 10 
ATOM   1972 N N    . GLY A 1 12 ? -3.948  -1.630 4.791  1.00 1.50 ? 12 GLY A N    10 
ATOM   1973 C CA   . GLY A 1 12 ? -3.297  -0.731 5.722  1.00 1.81 ? 12 GLY A CA   10 
ATOM   1974 C C    . GLY A 1 12 ? -3.273  0.698  5.216  1.00 1.34 ? 12 GLY A C    10 
ATOM   1975 O O    . GLY A 1 12 ? -4.167  1.487  5.523  1.00 1.56 ? 12 GLY A O    10 
ATOM   1976 H H    . GLY A 1 12 ? -4.911  -1.801 4.872  1.00 1.92 ? 12 GLY A H    10 
ATOM   1977 H HA2  . GLY A 1 12 ? -3.824  -0.762 6.664  1.00 2.34 ? 12 GLY A HA2  10 
ATOM   1978 H HA3  . GLY A 1 12 ? -2.282  -1.063 5.877  1.00 2.05 ? 12 GLY A HA3  10 
ATOM   1979 N N    . VAL A 1 13 ? -2.259  1.032  4.432  1.00 1.06 ? 13 VAL A N    10 
ATOM   1980 C CA   . VAL A 1 13 ? -2.108  2.389  3.922  1.00 0.94 ? 13 VAL A CA   10 
ATOM   1981 C C    . VAL A 1 13 ? -2.118  2.403  2.393  1.00 0.94 ? 13 VAL A C    10 
ATOM   1982 O O    . VAL A 1 13 ? -3.165  2.607  1.772  1.00 1.85 ? 13 VAL A O    10 
ATOM   1983 C CB   . VAL A 1 13 ? -0.802  3.046  4.432  1.00 1.42 ? 13 VAL A CB   10 
ATOM   1984 C CG1  . VAL A 1 13 ? -0.755  4.517  4.049  1.00 2.01 ? 13 VAL A CG1  10 
ATOM   1985 C CG2  . VAL A 1 13 ? -0.665  2.881  5.939  1.00 1.99 ? 13 VAL A CG2  10 
ATOM   1986 H H    . VAL A 1 13 ? -1.599  0.351  4.186  1.00 1.28 ? 13 VAL A H    10 
ATOM   1987 H HA   . VAL A 1 13 ? -2.943  2.973  4.282  1.00 1.07 ? 13 VAL A HA   10 
ATOM   1988 H HB   . VAL A 1 13 ? 0.033   2.550  3.961  1.00 2.09 ? 13 VAL A HB   10 
ATOM   1989 H HG11 . VAL A 1 13 ? -1.588  5.036  4.501  1.00 2.66 ? 13 VAL A HG11 10 
ATOM   1990 H HG12 . VAL A 1 13 ? -0.813  4.612  2.974  1.00 2.28 ? 13 VAL A HG12 10 
ATOM   1991 H HG13 . VAL A 1 13 ? 0.170   4.952  4.398  1.00 2.34 ? 13 VAL A HG13 10 
ATOM   1992 H HG21 . VAL A 1 13 ? 0.274   3.302  6.263  1.00 2.37 ? 13 VAL A HG21 10 
ATOM   1993 H HG22 . VAL A 1 13 ? -0.696  1.831  6.189  1.00 2.45 ? 13 VAL A HG22 10 
ATOM   1994 H HG23 . VAL A 1 13 ? -1.478  3.391  6.432  1.00 2.37 ? 13 VAL A HG23 10 
ATOM   1995 N N    . GLY A 1 14 ? -0.957  2.175  1.792  1.00 0.93 ? 14 GLY A N    10 
ATOM   1996 C CA   . GLY A 1 14 ? -0.849  2.195  0.349  1.00 1.12 ? 14 GLY A CA   10 
ATOM   1997 C C    . GLY A 1 14 ? -0.682  3.595  -0.199 1.00 1.65 ? 14 GLY A C    10 
ATOM   1998 O O    . GLY A 1 14 ? -0.905  4.577  0.512  1.00 2.10 ? 14 GLY A O    10 
ATOM   1999 H H    . GLY A 1 14 ? -0.158  2.003  2.337  1.00 1.56 ? 14 GLY A H    10 
ATOM   2000 H HA2  . GLY A 1 14 ? 0.006   1.603  0.057  1.00 1.43 ? 14 GLY A HA2  10 
ATOM   2001 H HA3  . GLY A 1 14 ? -1.741  1.755  -0.084 1.00 1.19 ? 14 GLY A HA3  10 
ATOM   2002 N N    . HIS A 1 15 ? -0.281  3.670  -1.465 1.00 1.91 ? 15 HIS A N    10 
ATOM   2003 C CA   . HIS A 1 15 ? -0.084  4.937  -2.166 1.00 2.63 ? 15 HIS A CA   10 
ATOM   2004 C C    . HIS A 1 15 ? 1.046   5.732  -1.518 1.00 2.88 ? 15 HIS A C    10 
ATOM   2005 O O    . HIS A 1 15 ? 2.217   5.463  -1.848 1.00 3.11 ? 15 HIS A O    10 
ATOM   2006 C CB   . HIS A 1 15 ? -1.378  5.760  -2.193 1.00 3.38 ? 15 HIS A CB   10 
ATOM   2007 C CG   . HIS A 1 15 ? -1.344  6.911  -3.154 1.00 4.23 ? 15 HIS A CG   10 
ATOM   2008 N ND1  . HIS A 1 15 ? -0.560  8.029  -2.972 1.00 4.85 ? 15 HIS A ND1  10 
ATOM   2009 C CD2  . HIS A 1 15 ? -2.011  7.109  -4.315 1.00 4.97 ? 15 HIS A CD2  10 
ATOM   2010 C CE1  . HIS A 1 15 ? -0.749  8.865  -3.975 1.00 5.75 ? 15 HIS A CE1  10 
ATOM   2011 N NE2  . HIS A 1 15 ? -1.624  8.330  -4.804 1.00 5.86 ? 15 HIS A NE2  10 
ATOM   2012 O OXT  . HIS A 1 15 ? 0.763   6.620  -0.688 1.00 3.39 ? 15 HIS A OXT  10 
ATOM   2013 H H    . HIS A 1 15 ? -0.091  2.839  -1.941 1.00 1.77 ? 15 HIS A H    10 
ATOM   2014 H HA   . HIS A 1 15 ? 0.201   4.701  -3.182 1.00 2.73 ? 15 HIS A HA   10 
ATOM   2015 H HB2  . HIS A 1 15 ? -2.199  5.119  -2.475 1.00 3.51 ? 15 HIS A HB2  10 
ATOM   2016 H HB3  . HIS A 1 15 ? -1.563  6.158  -1.205 1.00 3.63 ? 15 HIS A HB3  10 
ATOM   2017 H HD1  . HIS A 1 15 ? 0.055   8.185  -2.218 1.00 4.89 ? 15 HIS A HD1  10 
ATOM   2018 H HD2  . HIS A 1 15 ? -2.718  6.431  -4.771 1.00 5.12 ? 15 HIS A HD2  10 
ATOM   2019 H HE1  . HIS A 1 15 ? -0.267  9.823  -4.097 1.00 6.48 ? 15 HIS A HE1  10 
ATOM   2020 H HE2  . HIS A 1 15 ? -1.843  8.682  -5.696 1.00 6.63 ? 15 HIS A HE2  10 
# 
loop_
_pdbx_poly_seq_scheme.asym_id 
_pdbx_poly_seq_scheme.entity_id 
_pdbx_poly_seq_scheme.seq_id 
_pdbx_poly_seq_scheme.mon_id 
_pdbx_poly_seq_scheme.ndb_seq_num 
_pdbx_poly_seq_scheme.pdb_seq_num 
_pdbx_poly_seq_scheme.auth_seq_num 
_pdbx_poly_seq_scheme.pdb_mon_id 
_pdbx_poly_seq_scheme.auth_mon_id 
_pdbx_poly_seq_scheme.pdb_strand_id 
_pdbx_poly_seq_scheme.pdb_ins_code 
_pdbx_poly_seq_scheme.hetero 
A 1 1  ALA 1  1  1  ALA ALA A . n 
A 1 2  PHE 2  2  2  PHE PHE A . n 
A 1 3  GLN 3  3  3  GLN GLN A . n 
A 1 4  HZP 4  4  4  HZP HZP A . n 
A 1 5  THR 5  5  5  THR THR A . n 
A 1 6  THR 6  6  6  THR THR A . n 
A 1 7  PRO 7  7  7  PRO PRO A . n 
A 1 8  GLY 8  8  8  GLY GLY A . n 
A 1 9  ASN 9  9  9  ASN ASN A . n 
A 1 10 SER 10 10 10 SER SER A . n 
A 1 11 HZP 11 11 11 HZP HZP A . n 
A 1 12 GLY 12 12 12 GLY GLY A . n 
A 1 13 VAL 13 13 13 VAL VAL A . n 
A 1 14 GLY 14 14 14 GLY GLY A . n 
A 1 15 HIS 15 15 15 HIS HIS A . n 
# 
loop_
_pdbx_struct_mod_residue.id 
_pdbx_struct_mod_residue.label_asym_id 
_pdbx_struct_mod_residue.label_comp_id 
_pdbx_struct_mod_residue.label_seq_id 
_pdbx_struct_mod_residue.auth_asym_id 
_pdbx_struct_mod_residue.auth_comp_id 
_pdbx_struct_mod_residue.auth_seq_id 
_pdbx_struct_mod_residue.PDB_ins_code 
_pdbx_struct_mod_residue.parent_comp_id 
_pdbx_struct_mod_residue.details 
1 A HZP 4  A HZP 4  ? PRO '(4S)-4-HYDROXY-L-PROLINE' 
2 A HZP 11 A HZP 11 ? PRO '(4S)-4-HYDROXY-L-PROLINE' 
# 
_pdbx_struct_assembly.id                   1 
_pdbx_struct_assembly.details              author_defined_assembly 
_pdbx_struct_assembly.method_details       ? 
_pdbx_struct_assembly.oligomeric_details   monomeric 
_pdbx_struct_assembly.oligomeric_count     1 
# 
_pdbx_struct_assembly_gen.assembly_id       1 
_pdbx_struct_assembly_gen.oper_expression   1 
_pdbx_struct_assembly_gen.asym_id_list      A 
# 
_pdbx_struct_oper_list.id                   1 
_pdbx_struct_oper_list.type                 'identity operation' 
_pdbx_struct_oper_list.name                 1_555 
_pdbx_struct_oper_list.symmetry_operation   x,y,z 
_pdbx_struct_oper_list.matrix[1][1]         1.0000000000 
_pdbx_struct_oper_list.matrix[1][2]         0.0000000000 
_pdbx_struct_oper_list.matrix[1][3]         0.0000000000 
_pdbx_struct_oper_list.vector[1]            0.0000000000 
_pdbx_struct_oper_list.matrix[2][1]         0.0000000000 
_pdbx_struct_oper_list.matrix[2][2]         1.0000000000 
_pdbx_struct_oper_list.matrix[2][3]         0.0000000000 
_pdbx_struct_oper_list.vector[2]            0.0000000000 
_pdbx_struct_oper_list.matrix[3][1]         0.0000000000 
_pdbx_struct_oper_list.matrix[3][2]         0.0000000000 
_pdbx_struct_oper_list.matrix[3][3]         1.0000000000 
_pdbx_struct_oper_list.vector[3]            0.0000000000 
# 
loop_
_pdbx_audit_revision_history.ordinal 
_pdbx_audit_revision_history.data_content_type 
_pdbx_audit_revision_history.major_revision 
_pdbx_audit_revision_history.minor_revision 
_pdbx_audit_revision_history.revision_date 
1 'Structure model' 1 0 2013-12-11 
2 'Structure model' 1 1 2013-12-25 
3 'Structure model' 1 2 2023-06-14 
# 
_pdbx_audit_revision_details.ordinal             1 
_pdbx_audit_revision_details.revision_ordinal    1 
_pdbx_audit_revision_details.data_content_type   'Structure model' 
_pdbx_audit_revision_details.provider            repository 
_pdbx_audit_revision_details.type                'Initial release' 
_pdbx_audit_revision_details.description         ? 
_pdbx_audit_revision_details.details             ? 
# 
loop_
_pdbx_audit_revision_group.ordinal 
_pdbx_audit_revision_group.revision_ordinal 
_pdbx_audit_revision_group.data_content_type 
_pdbx_audit_revision_group.group 
1 2 'Structure model' 'Database references'  
2 3 'Structure model' 'Data collection'      
3 3 'Structure model' 'Database references'  
4 3 'Structure model' 'Derived calculations' 
5 3 'Structure model' Other                  
# 
loop_
_pdbx_audit_revision_category.ordinal 
_pdbx_audit_revision_category.revision_ordinal 
_pdbx_audit_revision_category.data_content_type 
_pdbx_audit_revision_category.category 
1 3 'Structure model' database_2            
2 3 'Structure model' pdbx_database_status  
3 3 'Structure model' pdbx_nmr_spectrometer 
4 3 'Structure model' struct_conn           
# 
loop_
_pdbx_audit_revision_item.ordinal 
_pdbx_audit_revision_item.revision_ordinal 
_pdbx_audit_revision_item.data_content_type 
_pdbx_audit_revision_item.item 
1 3 'Structure model' '_database_2.pdbx_DOI'                       
2 3 'Structure model' '_database_2.pdbx_database_accession'        
3 3 'Structure model' '_pdbx_database_status.status_code_nmr_data' 
4 3 'Structure model' '_pdbx_nmr_spectrometer.model'               
5 3 'Structure model' '_struct_conn.pdbx_leaving_atom_flag'        
# 
loop_
_pdbx_nmr_exptl_sample.component 
_pdbx_nmr_exptl_sample.concentration 
_pdbx_nmr_exptl_sample.concentration_range 
_pdbx_nmr_exptl_sample.concentration_units 
_pdbx_nmr_exptl_sample.isotopic_labeling 
_pdbx_nmr_exptl_sample.solution_id 
entity-1 4  ? mg/mL ? 1 
DSS-2    10 ? uM    ? 1 
# 
loop_
_pdbx_validate_close_contact.id 
_pdbx_validate_close_contact.PDB_model_num 
_pdbx_validate_close_contact.auth_atom_id_1 
_pdbx_validate_close_contact.auth_asym_id_1 
_pdbx_validate_close_contact.auth_comp_id_1 
_pdbx_validate_close_contact.auth_seq_id_1 
_pdbx_validate_close_contact.PDB_ins_code_1 
_pdbx_validate_close_contact.label_alt_id_1 
_pdbx_validate_close_contact.auth_atom_id_2 
_pdbx_validate_close_contact.auth_asym_id_2 
_pdbx_validate_close_contact.auth_comp_id_2 
_pdbx_validate_close_contact.auth_seq_id_2 
_pdbx_validate_close_contact.PDB_ins_code_2 
_pdbx_validate_close_contact.label_alt_id_2 
_pdbx_validate_close_contact.dist 
1 2 O A HZP 4 ? ? HG1 A THR 5 ? ? 1.59 
2 3 O A HZP 4 ? ? HG1 A THR 5 ? ? 1.57 
3 5 O A HZP 4 ? ? HG1 A THR 5 ? ? 1.58 
4 7 O A HZP 4 ? ? HG1 A THR 5 ? ? 1.56 
5 8 O A HZP 4 ? ? HG1 A THR 5 ? ? 1.57 
# 
loop_
_pdbx_validate_torsion.id 
_pdbx_validate_torsion.PDB_model_num 
_pdbx_validate_torsion.auth_comp_id 
_pdbx_validate_torsion.auth_asym_id 
_pdbx_validate_torsion.auth_seq_id 
_pdbx_validate_torsion.PDB_ins_code 
_pdbx_validate_torsion.label_alt_id 
_pdbx_validate_torsion.phi 
_pdbx_validate_torsion.psi 
1  1  HZP A 4  ? ? -67.58  43.86   
2  1  THR A 5  ? ? 53.13   17.15   
3  2  THR A 5  ? ? 60.56   163.92  
4  2  ASN A 9  ? ? -171.17 107.57  
5  2  VAL A 13 ? ? -166.78 -65.92  
6  3  HZP A 4  ? ? -64.22  81.29   
7  3  THR A 5  ? ? 60.66   -173.18 
8  3  VAL A 13 ? ? -97.32  -68.40  
9  4  THR A 6  ? ? 176.05  103.56  
10 4  ASN A 9  ? ? 60.66   71.76   
11 5  PHE A 2  ? ? -113.58 -72.40  
12 5  HZP A 4  ? ? -61.07  87.55   
13 5  THR A 5  ? ? 70.06   -171.04 
14 5  HZP A 11 ? ? -58.35  92.81   
15 6  PHE A 2  ? ? 67.67   -75.82  
16 6  THR A 5  ? ? 57.78   -175.22 
17 6  THR A 6  ? ? 36.85   65.37   
18 6  ASN A 9  ? ? -164.67 105.80  
19 6  VAL A 13 ? ? -135.69 -86.62  
20 7  HZP A 4  ? ? -68.64  78.99   
21 7  THR A 5  ? ? 55.34   -161.83 
22 7  THR A 6  ? ? -41.30  109.95  
23 7  PRO A 7  ? ? -75.98  -166.96 
24 8  THR A 5  ? ? 67.56   -171.80 
25 8  THR A 6  ? ? -40.42  105.85  
26 8  ASN A 9  ? ? 74.68   92.20   
27 8  SER A 10 ? ? -143.05 -54.37  
28 8  VAL A 13 ? ? -84.18  47.94   
29 9  HZP A 4  ? ? -65.35  74.04   
30 9  THR A 5  ? ? 53.01   99.71   
31 9  THR A 6  ? ? 47.40   82.53   
32 9  PRO A 7  ? ? -79.33  -158.53 
33 9  SER A 10 ? ? -130.72 -52.87  
34 9  VAL A 13 ? ? -83.59  47.10   
35 10 HZP A 4  ? ? -69.25  65.51   
36 10 THR A 6  ? ? 175.96  104.98  
37 10 ASN A 9  ? ? 172.71  39.38   
38 10 VAL A 13 ? ? -120.35 -85.13  
# 
